data_2ET1
# 
_entry.id   2ET1 
# 
_audit_conform.dict_name       mmcif_pdbx.dic 
_audit_conform.dict_version    5.398 
_audit_conform.dict_location   http://mmcif.pdb.org/dictionaries/ascii/mmcif_pdbx.dic 
# 
loop_
_database_2.database_id 
_database_2.database_code 
_database_2.pdbx_database_accession 
_database_2.pdbx_DOI 
PDB   2ET1         pdb_00002et1 10.2210/pdb2et1/pdb 
RCSB  RCSB035056   ?            ?                   
WWPDB D_1000035056 ?            ?                   
# 
loop_
_pdbx_audit_revision_history.ordinal 
_pdbx_audit_revision_history.data_content_type 
_pdbx_audit_revision_history.major_revision 
_pdbx_audit_revision_history.minor_revision 
_pdbx_audit_revision_history.revision_date 
1 'Structure model' 1 0 2005-11-22 
2 'Structure model' 1 1 2008-05-01 
3 'Structure model' 1 2 2011-07-13 
4 'Structure model' 1 3 2017-10-18 
5 'Structure model' 1 4 2023-08-23 
6 'Structure model' 1 5 2024-10-30 
# 
_pdbx_audit_revision_details.ordinal             1 
_pdbx_audit_revision_details.revision_ordinal    1 
_pdbx_audit_revision_details.data_content_type   'Structure model' 
_pdbx_audit_revision_details.provider            repository 
_pdbx_audit_revision_details.type                'Initial release' 
_pdbx_audit_revision_details.description         ? 
_pdbx_audit_revision_details.details             ? 
# 
loop_
_pdbx_audit_revision_group.ordinal 
_pdbx_audit_revision_group.revision_ordinal 
_pdbx_audit_revision_group.data_content_type 
_pdbx_audit_revision_group.group 
1  2 'Structure model' 'Version format compliance' 
2  3 'Structure model' 'Derived calculations'      
3  3 'Structure model' 'Version format compliance' 
4  4 'Structure model' 'Refinement description'    
5  5 'Structure model' 'Data collection'           
6  5 'Structure model' 'Database references'       
7  5 'Structure model' 'Derived calculations'      
8  5 'Structure model' 'Refinement description'    
9  5 'Structure model' 'Structure summary'         
10 6 'Structure model' 'Structure summary'         
# 
loop_
_pdbx_audit_revision_category.ordinal 
_pdbx_audit_revision_category.revision_ordinal 
_pdbx_audit_revision_category.data_content_type 
_pdbx_audit_revision_category.category 
1  4 'Structure model' software                      
2  5 'Structure model' chem_comp                     
3  5 'Structure model' chem_comp_atom                
4  5 'Structure model' chem_comp_bond                
5  5 'Structure model' database_2                    
6  5 'Structure model' pdbx_initial_refinement_model 
7  5 'Structure model' struct_conn                   
8  5 'Structure model' struct_site                   
9  6 'Structure model' pdbx_entry_details            
10 6 'Structure model' pdbx_modification_feature     
# 
loop_
_pdbx_audit_revision_item.ordinal 
_pdbx_audit_revision_item.revision_ordinal 
_pdbx_audit_revision_item.data_content_type 
_pdbx_audit_revision_item.item 
1  5 'Structure model' '_chem_comp.pdbx_synonyms'            
2  5 'Structure model' '_database_2.pdbx_DOI'                
3  5 'Structure model' '_database_2.pdbx_database_accession' 
4  5 'Structure model' '_struct_conn.ptnr1_auth_comp_id'     
5  5 'Structure model' '_struct_conn.ptnr1_auth_seq_id'      
6  5 'Structure model' '_struct_conn.ptnr1_label_asym_id'    
7  5 'Structure model' '_struct_conn.ptnr1_label_atom_id'    
8  5 'Structure model' '_struct_conn.ptnr1_label_comp_id'    
9  5 'Structure model' '_struct_conn.ptnr1_label_seq_id'     
10 5 'Structure model' '_struct_conn.ptnr2_auth_comp_id'     
11 5 'Structure model' '_struct_conn.ptnr2_auth_seq_id'      
12 5 'Structure model' '_struct_conn.ptnr2_label_asym_id'    
13 5 'Structure model' '_struct_conn.ptnr2_label_atom_id'    
14 5 'Structure model' '_struct_conn.ptnr2_label_comp_id'    
15 5 'Structure model' '_struct_conn.ptnr2_label_seq_id'     
16 5 'Structure model' '_struct_site.pdbx_auth_asym_id'      
17 5 'Structure model' '_struct_site.pdbx_auth_comp_id'      
18 5 'Structure model' '_struct_site.pdbx_auth_seq_id'       
# 
_pdbx_database_status.status_code                     REL 
_pdbx_database_status.entry_id                        2ET1 
_pdbx_database_status.recvd_initial_deposition_date   2005-10-27 
_pdbx_database_status.deposit_site                    RCSB 
_pdbx_database_status.process_site                    RCSB 
_pdbx_database_status.status_code_sf                  REL 
_pdbx_database_status.status_code_mr                  ? 
_pdbx_database_status.SG_entry                        ? 
_pdbx_database_status.pdb_format_compatible           Y 
_pdbx_database_status.status_code_cs                  ? 
_pdbx_database_status.methods_development_category    ? 
_pdbx_database_status.status_code_nmr_data            ? 
# 
loop_
_pdbx_database_related.db_name 
_pdbx_database_related.db_id 
_pdbx_database_related.details 
_pdbx_database_related.content_type 
PDB 1fi2 'Oxalate oxidase' unspecified 
PDB 2ET7 .                 unspecified 
PDB 2ETE .                 unspecified 
# 
loop_
_audit_author.name 
_audit_author.pdbx_ordinal 
'Rose, R.-S.'       1 
'Opaleye, O.'       2 
'Woo, E.-J.'        3 
'Pickersgill, R.W.' 4 
# 
_citation.id                        primary 
_citation.title                     'Structural and spectroscopic studies shed light on the mechanism of oxalate oxidase' 
_citation.journal_abbrev            J.Biol.Chem. 
_citation.journal_volume            281 
_citation.page_first                6428 
_citation.page_last                 6433 
_citation.year                      2006 
_citation.journal_id_ASTM           JBCHA3 
_citation.country                   US 
_citation.journal_id_ISSN           0021-9258 
_citation.journal_id_CSD            0071 
_citation.book_publisher            ? 
_citation.pdbx_database_id_PubMed   16291738 
_citation.pdbx_database_id_DOI      10.1074/jbc.M510256200 
# 
loop_
_citation_author.citation_id 
_citation_author.name 
_citation_author.ordinal 
_citation_author.identifier_ORCID 
primary 'Opaleye, O.'       1 ? 
primary 'Rose, R.-S.'       2 ? 
primary 'Whittaker, M.M.'   3 ? 
primary 'Woo, E.-J.'        4 ? 
primary 'Whittaker, J.W.'   5 ? 
primary 'Pickersgill, R.W.' 6 ? 
# 
loop_
_entity.id 
_entity.type 
_entity.src_method 
_entity.pdbx_description 
_entity.formula_weight 
_entity.pdbx_number_of_molecules 
_entity.pdbx_ec 
_entity.pdbx_mutation 
_entity.pdbx_fragment 
_entity.details 
1 polymer     nat 'Oxalate oxidase 1'  21237.170 1   1.2.3.4 ? ? ? 
2 non-polymer syn 'MANGANESE (II) ION' 54.938    1   ?       ? ? ? 
3 non-polymer syn 'GLYOXYLIC ACID'     74.035    1   ?       ? ? ? 
4 water       nat water                18.015    163 ?       ? ? ? 
# 
_entity_name_com.entity_id   1 
_entity_name_com.name        Germin 
# 
_entity_poly.entity_id                      1 
_entity_poly.type                           'polypeptide(L)' 
_entity_poly.nstd_linkage                   no 
_entity_poly.nstd_monomer                   no 
_entity_poly.pdbx_seq_one_letter_code       
;TDPDPLQDFCVADLDGKAVSVNGHTCKPMSEAGDDFLFSSKLTKAGNTSTPNGSAVTELDVAEWPGTNTLGVSMNRVDFA
PGGTNPPHIHPRATEIGMVMKGELLVGILGSLDSGNKLYSRVVRAGETFVIPRGLMHFQFNVGKTEAYMVVSFNSQNPGI
VFVPLTLFGSDPPIPTPVLTKALRVEAGVVELLKSKFAGGS
;
_entity_poly.pdbx_seq_one_letter_code_can   
;TDPDPLQDFCVADLDGKAVSVNGHTCKPMSEAGDDFLFSSKLTKAGNTSTPNGSAVTELDVAEWPGTNTLGVSMNRVDFA
PGGTNPPHIHPRATEIGMVMKGELLVGILGSLDSGNKLYSRVVRAGETFVIPRGLMHFQFNVGKTEAYMVVSFNSQNPGI
VFVPLTLFGSDPPIPTPVLTKALRVEAGVVELLKSKFAGGS
;
_entity_poly.pdbx_strand_id                 A 
_entity_poly.pdbx_target_identifier         ? 
# 
loop_
_pdbx_entity_nonpoly.entity_id 
_pdbx_entity_nonpoly.name 
_pdbx_entity_nonpoly.comp_id 
2 'MANGANESE (II) ION' MN  
3 'GLYOXYLIC ACID'     GLV 
4 water                HOH 
# 
loop_
_entity_poly_seq.entity_id 
_entity_poly_seq.num 
_entity_poly_seq.mon_id 
_entity_poly_seq.hetero 
1 1   THR n 
1 2   ASP n 
1 3   PRO n 
1 4   ASP n 
1 5   PRO n 
1 6   LEU n 
1 7   GLN n 
1 8   ASP n 
1 9   PHE n 
1 10  CYS n 
1 11  VAL n 
1 12  ALA n 
1 13  ASP n 
1 14  LEU n 
1 15  ASP n 
1 16  GLY n 
1 17  LYS n 
1 18  ALA n 
1 19  VAL n 
1 20  SER n 
1 21  VAL n 
1 22  ASN n 
1 23  GLY n 
1 24  HIS n 
1 25  THR n 
1 26  CYS n 
1 27  LYS n 
1 28  PRO n 
1 29  MET n 
1 30  SER n 
1 31  GLU n 
1 32  ALA n 
1 33  GLY n 
1 34  ASP n 
1 35  ASP n 
1 36  PHE n 
1 37  LEU n 
1 38  PHE n 
1 39  SER n 
1 40  SER n 
1 41  LYS n 
1 42  LEU n 
1 43  THR n 
1 44  LYS n 
1 45  ALA n 
1 46  GLY n 
1 47  ASN n 
1 48  THR n 
1 49  SER n 
1 50  THR n 
1 51  PRO n 
1 52  ASN n 
1 53  GLY n 
1 54  SER n 
1 55  ALA n 
1 56  VAL n 
1 57  THR n 
1 58  GLU n 
1 59  LEU n 
1 60  ASP n 
1 61  VAL n 
1 62  ALA n 
1 63  GLU n 
1 64  TRP n 
1 65  PRO n 
1 66  GLY n 
1 67  THR n 
1 68  ASN n 
1 69  THR n 
1 70  LEU n 
1 71  GLY n 
1 72  VAL n 
1 73  SER n 
1 74  MET n 
1 75  ASN n 
1 76  ARG n 
1 77  VAL n 
1 78  ASP n 
1 79  PHE n 
1 80  ALA n 
1 81  PRO n 
1 82  GLY n 
1 83  GLY n 
1 84  THR n 
1 85  ASN n 
1 86  PRO n 
1 87  PRO n 
1 88  HIS n 
1 89  ILE n 
1 90  HIS n 
1 91  PRO n 
1 92  ARG n 
1 93  ALA n 
1 94  THR n 
1 95  GLU n 
1 96  ILE n 
1 97  GLY n 
1 98  MET n 
1 99  VAL n 
1 100 MET n 
1 101 LYS n 
1 102 GLY n 
1 103 GLU n 
1 104 LEU n 
1 105 LEU n 
1 106 VAL n 
1 107 GLY n 
1 108 ILE n 
1 109 LEU n 
1 110 GLY n 
1 111 SER n 
1 112 LEU n 
1 113 ASP n 
1 114 SER n 
1 115 GLY n 
1 116 ASN n 
1 117 LYS n 
1 118 LEU n 
1 119 TYR n 
1 120 SER n 
1 121 ARG n 
1 122 VAL n 
1 123 VAL n 
1 124 ARG n 
1 125 ALA n 
1 126 GLY n 
1 127 GLU n 
1 128 THR n 
1 129 PHE n 
1 130 VAL n 
1 131 ILE n 
1 132 PRO n 
1 133 ARG n 
1 134 GLY n 
1 135 LEU n 
1 136 MET n 
1 137 HIS n 
1 138 PHE n 
1 139 GLN n 
1 140 PHE n 
1 141 ASN n 
1 142 VAL n 
1 143 GLY n 
1 144 LYS n 
1 145 THR n 
1 146 GLU n 
1 147 ALA n 
1 148 TYR n 
1 149 MET n 
1 150 VAL n 
1 151 VAL n 
1 152 SER n 
1 153 PHE n 
1 154 ASN n 
1 155 SER n 
1 156 GLN n 
1 157 ASN n 
1 158 PRO n 
1 159 GLY n 
1 160 ILE n 
1 161 VAL n 
1 162 PHE n 
1 163 VAL n 
1 164 PRO n 
1 165 LEU n 
1 166 THR n 
1 167 LEU n 
1 168 PHE n 
1 169 GLY n 
1 170 SER n 
1 171 ASP n 
1 172 PRO n 
1 173 PRO n 
1 174 ILE n 
1 175 PRO n 
1 176 THR n 
1 177 PRO n 
1 178 VAL n 
1 179 LEU n 
1 180 THR n 
1 181 LYS n 
1 182 ALA n 
1 183 LEU n 
1 184 ARG n 
1 185 VAL n 
1 186 GLU n 
1 187 ALA n 
1 188 GLY n 
1 189 VAL n 
1 190 VAL n 
1 191 GLU n 
1 192 LEU n 
1 193 LEU n 
1 194 LYS n 
1 195 SER n 
1 196 LYS n 
1 197 PHE n 
1 198 ALA n 
1 199 GLY n 
1 200 GLY n 
1 201 SER n 
# 
_entity_src_nat.entity_id                  1 
_entity_src_nat.pdbx_src_id                1 
_entity_src_nat.pdbx_alt_source_flag       sample 
_entity_src_nat.pdbx_beg_seq_num           ? 
_entity_src_nat.pdbx_end_seq_num           ? 
_entity_src_nat.common_name                ? 
_entity_src_nat.pdbx_organism_scientific   'Hordeum vulgare' 
_entity_src_nat.pdbx_ncbi_taxonomy_id      4513 
_entity_src_nat.genus                      Hordeum 
_entity_src_nat.species                    ? 
_entity_src_nat.strain                     ? 
_entity_src_nat.tissue                     ? 
_entity_src_nat.tissue_fraction            ? 
_entity_src_nat.pdbx_secretion             ? 
_entity_src_nat.pdbx_fragment              ? 
_entity_src_nat.pdbx_variant               ? 
_entity_src_nat.pdbx_cell_line             ? 
_entity_src_nat.pdbx_atcc                  ? 
_entity_src_nat.pdbx_cellular_location     ? 
_entity_src_nat.pdbx_organ                 ? 
_entity_src_nat.pdbx_organelle             ? 
_entity_src_nat.pdbx_cell                  ? 
_entity_src_nat.pdbx_plasmid_name          ? 
_entity_src_nat.pdbx_plasmid_details       ? 
_entity_src_nat.details                    ? 
# 
loop_
_chem_comp.id 
_chem_comp.type 
_chem_comp.mon_nstd_flag 
_chem_comp.name 
_chem_comp.pdbx_synonyms 
_chem_comp.formula 
_chem_comp.formula_weight 
ALA 'L-peptide linking' y ALANINE              ?                        'C3 H7 N O2'     89.093  
ARG 'L-peptide linking' y ARGININE             ?                        'C6 H15 N4 O2 1' 175.209 
ASN 'L-peptide linking' y ASPARAGINE           ?                        'C4 H8 N2 O3'    132.118 
ASP 'L-peptide linking' y 'ASPARTIC ACID'      ?                        'C4 H7 N O4'     133.103 
CYS 'L-peptide linking' y CYSTEINE             ?                        'C3 H7 N O2 S'   121.158 
GLN 'L-peptide linking' y GLUTAMINE            ?                        'C5 H10 N2 O3'   146.144 
GLU 'L-peptide linking' y 'GLUTAMIC ACID'      ?                        'C5 H9 N O4'     147.129 
GLV non-polymer         . 'GLYOXYLIC ACID'     'GLYOXALATE; GLYOXYLATE' 'C2 H2 O3'       74.035  
GLY 'peptide linking'   y GLYCINE              ?                        'C2 H5 N O2'     75.067  
HIS 'L-peptide linking' y HISTIDINE            ?                        'C6 H10 N3 O2 1' 156.162 
HOH non-polymer         . WATER                ?                        'H2 O'           18.015  
ILE 'L-peptide linking' y ISOLEUCINE           ?                        'C6 H13 N O2'    131.173 
LEU 'L-peptide linking' y LEUCINE              ?                        'C6 H13 N O2'    131.173 
LYS 'L-peptide linking' y LYSINE               ?                        'C6 H15 N2 O2 1' 147.195 
MET 'L-peptide linking' y METHIONINE           ?                        'C5 H11 N O2 S'  149.211 
MN  non-polymer         . 'MANGANESE (II) ION' ?                        'Mn 2'           54.938  
PHE 'L-peptide linking' y PHENYLALANINE        ?                        'C9 H11 N O2'    165.189 
PRO 'L-peptide linking' y PROLINE              ?                        'C5 H9 N O2'     115.130 
SER 'L-peptide linking' y SERINE               ?                        'C3 H7 N O3'     105.093 
THR 'L-peptide linking' y THREONINE            ?                        'C4 H9 N O3'     119.119 
TRP 'L-peptide linking' y TRYPTOPHAN           ?                        'C11 H12 N2 O2'  204.225 
TYR 'L-peptide linking' y TYROSINE             ?                        'C9 H11 N O3'    181.189 
VAL 'L-peptide linking' y VALINE               ?                        'C5 H11 N O2'    117.146 
# 
loop_
_pdbx_poly_seq_scheme.asym_id 
_pdbx_poly_seq_scheme.entity_id 
_pdbx_poly_seq_scheme.seq_id 
_pdbx_poly_seq_scheme.mon_id 
_pdbx_poly_seq_scheme.ndb_seq_num 
_pdbx_poly_seq_scheme.pdb_seq_num 
_pdbx_poly_seq_scheme.auth_seq_num 
_pdbx_poly_seq_scheme.pdb_mon_id 
_pdbx_poly_seq_scheme.auth_mon_id 
_pdbx_poly_seq_scheme.pdb_strand_id 
_pdbx_poly_seq_scheme.pdb_ins_code 
_pdbx_poly_seq_scheme.hetero 
A 1 1   THR 1   1   1   THR THR A . n 
A 1 2   ASP 2   2   2   ASP ASP A . n 
A 1 3   PRO 3   3   3   PRO PRO A . n 
A 1 4   ASP 4   4   4   ASP ASP A . n 
A 1 5   PRO 5   5   5   PRO PRO A . n 
A 1 6   LEU 6   6   6   LEU LEU A . n 
A 1 7   GLN 7   7   7   GLN GLN A . n 
A 1 8   ASP 8   8   8   ASP ASP A . n 
A 1 9   PHE 9   9   9   PHE PHE A . n 
A 1 10  CYS 10  10  10  CYS CYS A . n 
A 1 11  VAL 11  11  11  VAL VAL A . n 
A 1 12  ALA 12  12  12  ALA ALA A . n 
A 1 13  ASP 13  13  13  ASP ASP A . n 
A 1 14  LEU 14  14  14  LEU LEU A . n 
A 1 15  ASP 15  15  15  ASP ASP A . n 
A 1 16  GLY 16  16  16  GLY GLY A . n 
A 1 17  LYS 17  17  17  LYS LYS A . n 
A 1 18  ALA 18  18  18  ALA ALA A . n 
A 1 19  VAL 19  19  19  VAL VAL A . n 
A 1 20  SER 20  20  20  SER SER A . n 
A 1 21  VAL 21  21  21  VAL VAL A . n 
A 1 22  ASN 22  22  22  ASN ASN A . n 
A 1 23  GLY 23  23  23  GLY GLY A . n 
A 1 24  HIS 24  24  24  HIS HIS A . n 
A 1 25  THR 25  25  25  THR THR A . n 
A 1 26  CYS 26  26  26  CYS CYS A . n 
A 1 27  LYS 27  27  27  LYS LYS A . n 
A 1 28  PRO 28  28  28  PRO PRO A . n 
A 1 29  MET 29  29  29  MET MET A . n 
A 1 30  SER 30  30  30  SER SER A . n 
A 1 31  GLU 31  31  31  GLU GLU A . n 
A 1 32  ALA 32  32  32  ALA ALA A . n 
A 1 33  GLY 33  33  33  GLY GLY A . n 
A 1 34  ASP 34  34  34  ASP ASP A . n 
A 1 35  ASP 35  35  35  ASP ASP A . n 
A 1 36  PHE 36  36  36  PHE PHE A . n 
A 1 37  LEU 37  37  37  LEU LEU A . n 
A 1 38  PHE 38  38  38  PHE PHE A . n 
A 1 39  SER 39  39  39  SER SER A . n 
A 1 40  SER 40  40  40  SER SER A . n 
A 1 41  LYS 41  41  41  LYS LYS A . n 
A 1 42  LEU 42  42  42  LEU LEU A . n 
A 1 43  THR 43  43  43  THR THR A . n 
A 1 44  LYS 44  44  44  LYS LYS A . n 
A 1 45  ALA 45  45  45  ALA ALA A . n 
A 1 46  GLY 46  46  46  GLY GLY A . n 
A 1 47  ASN 47  47  47  ASN ASN A . n 
A 1 48  THR 48  48  48  THR THR A . n 
A 1 49  SER 49  49  49  SER SER A . n 
A 1 50  THR 50  50  50  THR THR A . n 
A 1 51  PRO 51  51  51  PRO PRO A . n 
A 1 52  ASN 52  52  52  ASN ASN A . n 
A 1 53  GLY 53  53  53  GLY GLY A . n 
A 1 54  SER 54  54  54  SER SER A . n 
A 1 55  ALA 55  55  55  ALA ALA A . n 
A 1 56  VAL 56  56  56  VAL VAL A . n 
A 1 57  THR 57  57  57  THR THR A . n 
A 1 58  GLU 58  58  58  GLU GLU A . n 
A 1 59  LEU 59  59  59  LEU LEU A . n 
A 1 60  ASP 60  60  60  ASP ASP A . n 
A 1 61  VAL 61  61  61  VAL VAL A . n 
A 1 62  ALA 62  62  62  ALA ALA A . n 
A 1 63  GLU 63  63  63  GLU GLU A . n 
A 1 64  TRP 64  64  64  TRP TRP A . n 
A 1 65  PRO 65  65  65  PRO PRO A . n 
A 1 66  GLY 66  66  66  GLY GLY A . n 
A 1 67  THR 67  67  67  THR THR A . n 
A 1 68  ASN 68  68  68  ASN ASN A . n 
A 1 69  THR 69  69  69  THR THR A . n 
A 1 70  LEU 70  70  70  LEU LEU A . n 
A 1 71  GLY 71  71  71  GLY GLY A . n 
A 1 72  VAL 72  72  72  VAL VAL A . n 
A 1 73  SER 73  73  73  SER SER A . n 
A 1 74  MET 74  74  74  MET MET A . n 
A 1 75  ASN 75  75  75  ASN ASN A . n 
A 1 76  ARG 76  76  76  ARG ARG A . n 
A 1 77  VAL 77  77  77  VAL VAL A . n 
A 1 78  ASP 78  78  78  ASP ASP A . n 
A 1 79  PHE 79  79  79  PHE PHE A . n 
A 1 80  ALA 80  80  80  ALA ALA A . n 
A 1 81  PRO 81  81  81  PRO PRO A . n 
A 1 82  GLY 82  82  82  GLY GLY A . n 
A 1 83  GLY 83  83  83  GLY GLY A . n 
A 1 84  THR 84  84  84  THR THR A . n 
A 1 85  ASN 85  85  85  ASN ASN A . n 
A 1 86  PRO 86  86  86  PRO PRO A . n 
A 1 87  PRO 87  87  87  PRO PRO A . n 
A 1 88  HIS 88  88  88  HIS HIS A . n 
A 1 89  ILE 89  89  89  ILE ILE A . n 
A 1 90  HIS 90  90  90  HIS HIS A . n 
A 1 91  PRO 91  91  91  PRO PRO A . n 
A 1 92  ARG 92  92  92  ARG ARG A . n 
A 1 93  ALA 93  93  93  ALA ALA A . n 
A 1 94  THR 94  94  94  THR THR A . n 
A 1 95  GLU 95  95  95  GLU GLU A . n 
A 1 96  ILE 96  96  96  ILE ILE A . n 
A 1 97  GLY 97  97  97  GLY GLY A . n 
A 1 98  MET 98  98  98  MET MET A . n 
A 1 99  VAL 99  99  99  VAL VAL A . n 
A 1 100 MET 100 100 100 MET MET A . n 
A 1 101 LYS 101 101 101 LYS LYS A . n 
A 1 102 GLY 102 102 102 GLY GLY A . n 
A 1 103 GLU 103 103 103 GLU GLU A . n 
A 1 104 LEU 104 104 104 LEU LEU A . n 
A 1 105 LEU 105 105 105 LEU LEU A . n 
A 1 106 VAL 106 106 106 VAL VAL A . n 
A 1 107 GLY 107 107 107 GLY GLY A . n 
A 1 108 ILE 108 108 108 ILE ILE A . n 
A 1 109 LEU 109 109 109 LEU LEU A . n 
A 1 110 GLY 110 110 110 GLY GLY A . n 
A 1 111 SER 111 111 111 SER SER A . n 
A 1 112 LEU 112 112 112 LEU LEU A . n 
A 1 113 ASP 113 113 113 ASP ASP A . n 
A 1 114 SER 114 114 114 SER SER A . n 
A 1 115 GLY 115 115 115 GLY GLY A . n 
A 1 116 ASN 116 116 116 ASN ASN A . n 
A 1 117 LYS 117 117 117 LYS LYS A . n 
A 1 118 LEU 118 118 118 LEU LEU A . n 
A 1 119 TYR 119 119 119 TYR TYR A . n 
A 1 120 SER 120 120 120 SER SER A . n 
A 1 121 ARG 121 121 121 ARG ARG A . n 
A 1 122 VAL 122 122 122 VAL VAL A . n 
A 1 123 VAL 123 123 123 VAL VAL A . n 
A 1 124 ARG 124 124 124 ARG ARG A . n 
A 1 125 ALA 125 125 125 ALA ALA A . n 
A 1 126 GLY 126 126 126 GLY GLY A . n 
A 1 127 GLU 127 127 127 GLU GLU A . n 
A 1 128 THR 128 128 128 THR THR A . n 
A 1 129 PHE 129 129 129 PHE PHE A . n 
A 1 130 VAL 130 130 130 VAL VAL A . n 
A 1 131 ILE 131 131 131 ILE ILE A . n 
A 1 132 PRO 132 132 132 PRO PRO A . n 
A 1 133 ARG 133 133 133 ARG ARG A . n 
A 1 134 GLY 134 134 134 GLY GLY A . n 
A 1 135 LEU 135 135 135 LEU LEU A . n 
A 1 136 MET 136 136 136 MET MET A . n 
A 1 137 HIS 137 137 137 HIS HIS A . n 
A 1 138 PHE 138 138 138 PHE PHE A . n 
A 1 139 GLN 139 139 139 GLN GLN A . n 
A 1 140 PHE 140 140 140 PHE PHE A . n 
A 1 141 ASN 141 141 141 ASN ASN A . n 
A 1 142 VAL 142 142 142 VAL VAL A . n 
A 1 143 GLY 143 143 143 GLY GLY A . n 
A 1 144 LYS 144 144 144 LYS LYS A . n 
A 1 145 THR 145 145 145 THR THR A . n 
A 1 146 GLU 146 146 146 GLU GLU A . n 
A 1 147 ALA 147 147 147 ALA ALA A . n 
A 1 148 TYR 148 148 148 TYR TYR A . n 
A 1 149 MET 149 149 149 MET MET A . n 
A 1 150 VAL 150 150 150 VAL VAL A . n 
A 1 151 VAL 151 151 151 VAL VAL A . n 
A 1 152 SER 152 152 152 SER SER A . n 
A 1 153 PHE 153 153 153 PHE PHE A . n 
A 1 154 ASN 154 154 154 ASN ASN A . n 
A 1 155 SER 155 155 155 SER SER A . n 
A 1 156 GLN 156 156 156 GLN GLN A . n 
A 1 157 ASN 157 157 157 ASN ASN A . n 
A 1 158 PRO 158 158 158 PRO PRO A . n 
A 1 159 GLY 159 159 159 GLY GLY A . n 
A 1 160 ILE 160 160 160 ILE ILE A . n 
A 1 161 VAL 161 161 161 VAL VAL A . n 
A 1 162 PHE 162 162 162 PHE PHE A . n 
A 1 163 VAL 163 163 163 VAL VAL A . n 
A 1 164 PRO 164 164 164 PRO PRO A . n 
A 1 165 LEU 165 165 165 LEU LEU A . n 
A 1 166 THR 166 166 166 THR THR A . n 
A 1 167 LEU 167 167 167 LEU LEU A . n 
A 1 168 PHE 168 168 168 PHE PHE A . n 
A 1 169 GLY 169 169 169 GLY GLY A . n 
A 1 170 SER 170 170 170 SER SER A . n 
A 1 171 ASP 171 171 171 ASP ASP A . n 
A 1 172 PRO 172 172 172 PRO PRO A . n 
A 1 173 PRO 173 173 173 PRO PRO A . n 
A 1 174 ILE 174 174 174 ILE ILE A . n 
A 1 175 PRO 175 175 175 PRO PRO A . n 
A 1 176 THR 176 176 176 THR THR A . n 
A 1 177 PRO 177 177 177 PRO PRO A . n 
A 1 178 VAL 178 178 178 VAL VAL A . n 
A 1 179 LEU 179 179 179 LEU LEU A . n 
A 1 180 THR 180 180 180 THR THR A . n 
A 1 181 LYS 181 181 181 LYS LYS A . n 
A 1 182 ALA 182 182 182 ALA ALA A . n 
A 1 183 LEU 183 183 183 LEU LEU A . n 
A 1 184 ARG 184 184 184 ARG ARG A . n 
A 1 185 VAL 185 185 185 VAL VAL A . n 
A 1 186 GLU 186 186 186 GLU GLU A . n 
A 1 187 ALA 187 187 187 ALA ALA A . n 
A 1 188 GLY 188 188 188 GLY GLY A . n 
A 1 189 VAL 189 189 189 VAL VAL A . n 
A 1 190 VAL 190 190 190 VAL VAL A . n 
A 1 191 GLU 191 191 191 GLU GLU A . n 
A 1 192 LEU 192 192 192 LEU LEU A . n 
A 1 193 LEU 193 193 193 LEU LEU A . n 
A 1 194 LYS 194 194 194 LYS LYS A . n 
A 1 195 SER 195 195 195 SER SER A . n 
A 1 196 LYS 196 196 196 LYS LYS A . n 
A 1 197 PHE 197 197 197 PHE PHE A . n 
A 1 198 ALA 198 198 198 ALA ALA A . n 
A 1 199 GLY 199 199 199 GLY GLY A . n 
A 1 200 GLY 200 200 200 GLY GLY A . n 
A 1 201 SER 201 201 201 SER SER A . n 
# 
loop_
_pdbx_nonpoly_scheme.asym_id 
_pdbx_nonpoly_scheme.entity_id 
_pdbx_nonpoly_scheme.mon_id 
_pdbx_nonpoly_scheme.ndb_seq_num 
_pdbx_nonpoly_scheme.pdb_seq_num 
_pdbx_nonpoly_scheme.auth_seq_num 
_pdbx_nonpoly_scheme.pdb_mon_id 
_pdbx_nonpoly_scheme.auth_mon_id 
_pdbx_nonpoly_scheme.pdb_strand_id 
_pdbx_nonpoly_scheme.pdb_ins_code 
B 2 MN  1   202 202 MN  MN  A . 
C 3 GLV 1   203 171 GLV GLV A . 
D 4 HOH 1   204 1   HOH HOH A . 
D 4 HOH 2   205 2   HOH HOH A . 
D 4 HOH 3   206 3   HOH HOH A . 
D 4 HOH 4   207 4   HOH HOH A . 
D 4 HOH 5   208 5   HOH HOH A . 
D 4 HOH 6   209 6   HOH HOH A . 
D 4 HOH 7   210 7   HOH HOH A . 
D 4 HOH 8   211 8   HOH HOH A . 
D 4 HOH 9   212 9   HOH HOH A . 
D 4 HOH 10  213 10  HOH HOH A . 
D 4 HOH 11  214 11  HOH HOH A . 
D 4 HOH 12  215 12  HOH HOH A . 
D 4 HOH 13  216 13  HOH HOH A . 
D 4 HOH 14  217 14  HOH HOH A . 
D 4 HOH 15  218 15  HOH HOH A . 
D 4 HOH 16  219 16  HOH HOH A . 
D 4 HOH 17  220 17  HOH HOH A . 
D 4 HOH 18  221 18  HOH HOH A . 
D 4 HOH 19  222 19  HOH HOH A . 
D 4 HOH 20  223 20  HOH HOH A . 
D 4 HOH 21  224 21  HOH HOH A . 
D 4 HOH 22  225 22  HOH HOH A . 
D 4 HOH 23  226 23  HOH HOH A . 
D 4 HOH 24  227 24  HOH HOH A . 
D 4 HOH 25  228 25  HOH HOH A . 
D 4 HOH 26  229 26  HOH HOH A . 
D 4 HOH 27  230 27  HOH HOH A . 
D 4 HOH 28  231 28  HOH HOH A . 
D 4 HOH 29  232 29  HOH HOH A . 
D 4 HOH 30  233 30  HOH HOH A . 
D 4 HOH 31  234 31  HOH HOH A . 
D 4 HOH 32  235 32  HOH HOH A . 
D 4 HOH 33  236 33  HOH HOH A . 
D 4 HOH 34  237 34  HOH HOH A . 
D 4 HOH 35  238 35  HOH HOH A . 
D 4 HOH 36  239 36  HOH HOH A . 
D 4 HOH 37  240 37  HOH HOH A . 
D 4 HOH 38  241 38  HOH HOH A . 
D 4 HOH 39  242 39  HOH HOH A . 
D 4 HOH 40  243 40  HOH HOH A . 
D 4 HOH 41  244 41  HOH HOH A . 
D 4 HOH 42  245 42  HOH HOH A . 
D 4 HOH 43  246 43  HOH HOH A . 
D 4 HOH 44  247 44  HOH HOH A . 
D 4 HOH 45  248 45  HOH HOH A . 
D 4 HOH 46  249 46  HOH HOH A . 
D 4 HOH 47  250 47  HOH HOH A . 
D 4 HOH 48  251 48  HOH HOH A . 
D 4 HOH 49  252 49  HOH HOH A . 
D 4 HOH 50  253 50  HOH HOH A . 
D 4 HOH 51  254 51  HOH HOH A . 
D 4 HOH 52  255 52  HOH HOH A . 
D 4 HOH 53  256 53  HOH HOH A . 
D 4 HOH 54  257 54  HOH HOH A . 
D 4 HOH 55  258 55  HOH HOH A . 
D 4 HOH 56  259 56  HOH HOH A . 
D 4 HOH 57  260 57  HOH HOH A . 
D 4 HOH 58  261 58  HOH HOH A . 
D 4 HOH 59  262 59  HOH HOH A . 
D 4 HOH 60  263 60  HOH HOH A . 
D 4 HOH 61  264 61  HOH HOH A . 
D 4 HOH 62  265 62  HOH HOH A . 
D 4 HOH 63  266 63  HOH HOH A . 
D 4 HOH 64  267 64  HOH HOH A . 
D 4 HOH 65  268 65  HOH HOH A . 
D 4 HOH 66  269 66  HOH HOH A . 
D 4 HOH 67  270 67  HOH HOH A . 
D 4 HOH 68  271 68  HOH HOH A . 
D 4 HOH 69  272 69  HOH HOH A . 
D 4 HOH 70  273 70  HOH HOH A . 
D 4 HOH 71  274 71  HOH HOH A . 
D 4 HOH 72  275 72  HOH HOH A . 
D 4 HOH 73  276 73  HOH HOH A . 
D 4 HOH 74  277 74  HOH HOH A . 
D 4 HOH 75  278 75  HOH HOH A . 
D 4 HOH 76  279 76  HOH HOH A . 
D 4 HOH 77  280 77  HOH HOH A . 
D 4 HOH 78  281 78  HOH HOH A . 
D 4 HOH 79  282 79  HOH HOH A . 
D 4 HOH 80  283 80  HOH HOH A . 
D 4 HOH 81  284 81  HOH HOH A . 
D 4 HOH 82  285 82  HOH HOH A . 
D 4 HOH 83  286 83  HOH HOH A . 
D 4 HOH 84  287 84  HOH HOH A . 
D 4 HOH 85  288 85  HOH HOH A . 
D 4 HOH 86  289 86  HOH HOH A . 
D 4 HOH 87  290 87  HOH HOH A . 
D 4 HOH 88  291 88  HOH HOH A . 
D 4 HOH 89  292 89  HOH HOH A . 
D 4 HOH 90  293 90  HOH HOH A . 
D 4 HOH 91  294 91  HOH HOH A . 
D 4 HOH 92  295 92  HOH HOH A . 
D 4 HOH 93  296 93  HOH HOH A . 
D 4 HOH 94  297 94  HOH HOH A . 
D 4 HOH 95  298 95  HOH HOH A . 
D 4 HOH 96  299 96  HOH HOH A . 
D 4 HOH 97  300 97  HOH HOH A . 
D 4 HOH 98  301 98  HOH HOH A . 
D 4 HOH 99  302 99  HOH HOH A . 
D 4 HOH 100 303 100 HOH HOH A . 
D 4 HOH 101 304 101 HOH HOH A . 
D 4 HOH 102 305 102 HOH HOH A . 
D 4 HOH 103 306 103 HOH HOH A . 
D 4 HOH 104 307 104 HOH HOH A . 
D 4 HOH 105 308 105 HOH HOH A . 
D 4 HOH 106 309 106 HOH HOH A . 
D 4 HOH 107 310 107 HOH HOH A . 
D 4 HOH 108 311 108 HOH HOH A . 
D 4 HOH 109 312 109 HOH HOH A . 
D 4 HOH 110 313 110 HOH HOH A . 
D 4 HOH 111 314 111 HOH HOH A . 
D 4 HOH 112 315 112 HOH HOH A . 
D 4 HOH 113 316 113 HOH HOH A . 
D 4 HOH 114 317 114 HOH HOH A . 
D 4 HOH 115 318 115 HOH HOH A . 
D 4 HOH 116 319 116 HOH HOH A . 
D 4 HOH 117 320 117 HOH HOH A . 
D 4 HOH 118 321 118 HOH HOH A . 
D 4 HOH 119 322 119 HOH HOH A . 
D 4 HOH 120 323 120 HOH HOH A . 
D 4 HOH 121 324 121 HOH HOH A . 
D 4 HOH 122 325 122 HOH HOH A . 
D 4 HOH 123 326 123 HOH HOH A . 
D 4 HOH 124 327 124 HOH HOH A . 
D 4 HOH 125 328 125 HOH HOH A . 
D 4 HOH 126 329 126 HOH HOH A . 
D 4 HOH 127 330 127 HOH HOH A . 
D 4 HOH 128 331 128 HOH HOH A . 
D 4 HOH 129 332 129 HOH HOH A . 
D 4 HOH 130 333 130 HOH HOH A . 
D 4 HOH 131 334 131 HOH HOH A . 
D 4 HOH 132 335 132 HOH HOH A . 
D 4 HOH 133 336 133 HOH HOH A . 
D 4 HOH 134 337 134 HOH HOH A . 
D 4 HOH 135 338 135 HOH HOH A . 
D 4 HOH 136 339 136 HOH HOH A . 
D 4 HOH 137 340 137 HOH HOH A . 
D 4 HOH 138 341 138 HOH HOH A . 
D 4 HOH 139 342 139 HOH HOH A . 
D 4 HOH 140 343 140 HOH HOH A . 
D 4 HOH 141 344 141 HOH HOH A . 
D 4 HOH 142 345 142 HOH HOH A . 
D 4 HOH 143 346 143 HOH HOH A . 
D 4 HOH 144 347 144 HOH HOH A . 
D 4 HOH 145 348 145 HOH HOH A . 
D 4 HOH 146 349 146 HOH HOH A . 
D 4 HOH 147 350 147 HOH HOH A . 
D 4 HOH 148 351 148 HOH HOH A . 
D 4 HOH 149 352 149 HOH HOH A . 
D 4 HOH 150 353 150 HOH HOH A . 
D 4 HOH 151 354 151 HOH HOH A . 
D 4 HOH 152 355 152 HOH HOH A . 
D 4 HOH 153 356 153 HOH HOH A . 
D 4 HOH 154 357 154 HOH HOH A . 
D 4 HOH 155 358 155 HOH HOH A . 
D 4 HOH 156 359 156 HOH HOH A . 
D 4 HOH 157 360 157 HOH HOH A . 
D 4 HOH 158 361 158 HOH HOH A . 
D 4 HOH 159 362 159 HOH HOH A . 
D 4 HOH 160 363 160 HOH HOH A . 
D 4 HOH 161 364 161 HOH HOH A . 
D 4 HOH 162 365 162 HOH HOH A . 
D 4 HOH 163 366 163 HOH HOH A . 
# 
loop_
_software.name 
_software.classification 
_software.version 
_software.citation_id 
_software.pdbx_ordinal 
REFMAC    refinement        5.2.0005 ? 1 
ADSC      'data collection' .        ? 2 
DENZO     'data reduction'  .        ? 3 
SCALEPACK 'data scaling'    .        ? 4 
# 
_cell.entry_id           2ET1 
_cell.length_a           96.302 
_cell.length_b           96.302 
_cell.length_c           108.133 
_cell.angle_alpha        90.00 
_cell.angle_beta         90.00 
_cell.angle_gamma        120.00 
_cell.Z_PDB              18 
_cell.pdbx_unique_axis   ? 
# 
_symmetry.entry_id                         2ET1 
_symmetry.space_group_name_H-M             'H 3 2' 
_symmetry.pdbx_full_space_group_name_H-M   ? 
_symmetry.cell_setting                     ? 
_symmetry.Int_Tables_number                155 
# 
_exptl.entry_id          2ET1 
_exptl.method            'X-RAY DIFFRACTION' 
_exptl.crystals_number   1 
# 
_exptl_crystal.id                    1 
_exptl_crystal.density_meas          ? 
_exptl_crystal.density_Matthews      2.27 
_exptl_crystal.density_percent_sol   45.82 
_exptl_crystal.description           ? 
_exptl_crystal.F_000                 ? 
_exptl_crystal.preparation           ? 
# 
_exptl_crystal_grow.crystal_id      1 
_exptl_crystal_grow.method          'VAPOR DIFFUSION, HANGING DROP' 
_exptl_crystal_grow.temp            298 
_exptl_crystal_grow.temp_details    ? 
_exptl_crystal_grow.pH              6.0 
_exptl_crystal_grow.pdbx_details    '2.3M ammonium sulfate, 5% 2-propanol, pH 6.0, VAPOR DIFFUSION, HANGING DROP, temperature 298K' 
_exptl_crystal_grow.pdbx_pH_range   . 
# 
_diffrn.id                     1 
_diffrn.ambient_temp           100 
_diffrn.ambient_temp_details   ? 
_diffrn.crystal_id             1 
# 
_diffrn_detector.diffrn_id              1 
_diffrn_detector.detector               CCD 
_diffrn_detector.type                   'ADSC QUANTUM 4' 
_diffrn_detector.pdbx_collection_date   2004-02-28 
_diffrn_detector.details                ? 
# 
_diffrn_radiation.diffrn_id                        1 
_diffrn_radiation.wavelength_id                    1 
_diffrn_radiation.pdbx_monochromatic_or_laue_m_l   M 
_diffrn_radiation.monochromator                    'Si 111' 
_diffrn_radiation.pdbx_diffrn_protocol             'SINGLE WAVELENGTH' 
_diffrn_radiation.pdbx_scattering_type             x-ray 
# 
_diffrn_radiation_wavelength.id           1 
_diffrn_radiation_wavelength.wavelength   0.87 
_diffrn_radiation_wavelength.wt           1.0 
# 
_diffrn_source.diffrn_id                   1 
_diffrn_source.source                      SYNCHROTRON 
_diffrn_source.type                        'SRS BEAMLINE PX9.6' 
_diffrn_source.pdbx_synchrotron_site       SRS 
_diffrn_source.pdbx_synchrotron_beamline   PX9.6 
_diffrn_source.pdbx_wavelength             ? 
_diffrn_source.pdbx_wavelength_list        0.87 
# 
_reflns.entry_id                     2ET1 
_reflns.observed_criterion_sigma_I   0 
_reflns.observed_criterion_sigma_F   0 
_reflns.d_resolution_low             40.0 
_reflns.d_resolution_high            1.60 
_reflns.number_obs                   24460 
_reflns.number_all                   25090 
_reflns.percent_possible_obs         97.6 
_reflns.pdbx_Rmerge_I_obs            0.025 
_reflns.pdbx_Rsym_value              0.025 
_reflns.pdbx_netI_over_sigmaI        40 
_reflns.B_iso_Wilson_estimate        8 
_reflns.pdbx_redundancy              15 
_reflns.R_free_details               ? 
_reflns.limit_h_max                  ? 
_reflns.limit_h_min                  ? 
_reflns.limit_k_max                  ? 
_reflns.limit_k_min                  ? 
_reflns.limit_l_max                  ? 
_reflns.limit_l_min                  ? 
_reflns.observed_criterion_F_max     ? 
_reflns.observed_criterion_F_min     ? 
_reflns.pdbx_chi_squared             ? 
_reflns.pdbx_scaling_rejects         ? 
_reflns.pdbx_ordinal                 1 
_reflns.pdbx_diffrn_id               1 
# 
_reflns_shell.d_res_high             1.60 
_reflns_shell.d_res_low              1.66 
_reflns_shell.percent_possible_all   98.4 
_reflns_shell.Rmerge_I_obs           0.047 
_reflns_shell.pdbx_Rsym_value        0.047 
_reflns_shell.meanI_over_sigI_obs    26 
_reflns_shell.pdbx_redundancy        9 
_reflns_shell.percent_possible_obs   ? 
_reflns_shell.number_unique_all      2526 
_reflns_shell.number_measured_all    ? 
_reflns_shell.number_measured_obs    ? 
_reflns_shell.number_unique_obs      ? 
_reflns_shell.pdbx_chi_squared       ? 
_reflns_shell.pdbx_ordinal           1 
_reflns_shell.pdbx_diffrn_id         1 
# 
_refine.entry_id                                 2ET1 
_refine.ls_number_reflns_obs                     23143 
_refine.ls_number_reflns_all                     25090 
_refine.pdbx_ls_sigma_I                          ? 
_refine.pdbx_ls_sigma_F                          0 
_refine.pdbx_data_cutoff_high_absF               ? 
_refine.pdbx_data_cutoff_low_absF                ? 
_refine.pdbx_data_cutoff_high_rms_absF           ? 
_refine.ls_d_res_low                             12.52 
_refine.ls_d_res_high                            1.6 
_refine.ls_percent_reflns_obs                    97.79 
_refine.ls_R_factor_obs                          0.17809 
_refine.ls_R_factor_all                          0.18 
_refine.ls_R_factor_R_work                       0.1766 
_refine.ls_R_factor_R_free                       0.206 
_refine.ls_R_factor_R_free_error                 ? 
_refine.ls_R_factor_R_free_error_details         ? 
_refine.ls_percent_reflns_R_free                 5.1 
_refine.ls_number_reflns_R_free                  1247 
_refine.ls_number_parameters                     ? 
_refine.ls_number_restraints                     ? 
_refine.occupancy_min                            ? 
_refine.occupancy_max                            ? 
_refine.correlation_coeff_Fo_to_Fc               0.935 
_refine.correlation_coeff_Fo_to_Fc_free          0.920 
_refine.B_iso_mean                               9.185 
_refine.aniso_B[1][1]                            -0.09 
_refine.aniso_B[2][2]                            -0.09 
_refine.aniso_B[3][3]                            0.14 
_refine.aniso_B[1][2]                            -0.05 
_refine.aniso_B[1][3]                            0.00 
_refine.aniso_B[2][3]                            0.00 
_refine.solvent_model_details                    MASK 
_refine.solvent_model_param_ksol                 ? 
_refine.solvent_model_param_bsol                 ? 
_refine.pdbx_solvent_vdw_probe_radii             1.20 
_refine.pdbx_solvent_ion_probe_radii             0.80 
_refine.pdbx_solvent_shrinkage_radii             0.80 
_refine.pdbx_ls_cross_valid_method               THROUGHOUT 
_refine.details                                  'HYDROGENS HAVE BEEN ADDED IN THE RIDING POSITIONS' 
_refine.pdbx_starting_model                      'Oxalate oxidase (pdb entry 1fi2)' 
_refine.pdbx_method_to_determine_struct          'FOURIER SYNTHESIS' 
_refine.pdbx_isotropic_thermal_model             ? 
_refine.pdbx_stereochemistry_target_values       'MAXIMUM LIKELIHOOD' 
_refine.pdbx_stereochem_target_val_spec_case     ? 
_refine.pdbx_R_Free_selection_details            RANDOM 
_refine.pdbx_overall_ESU_R                       0.093 
_refine.pdbx_overall_ESU_R_Free                  0.091 
_refine.overall_SU_ML                            0.048 
_refine.overall_SU_B                             1.304 
_refine.ls_redundancy_reflns_obs                 ? 
_refine.B_iso_min                                ? 
_refine.B_iso_max                                ? 
_refine.overall_SU_R_Cruickshank_DPI             ? 
_refine.overall_SU_R_free                        ? 
_refine.ls_wR_factor_R_free                      ? 
_refine.ls_wR_factor_R_work                      ? 
_refine.overall_FOM_free_R_set                   ? 
_refine.overall_FOM_work_R_set                   ? 
_refine.pdbx_refine_id                           'X-RAY DIFFRACTION' 
_refine.pdbx_diffrn_id                           1 
_refine.pdbx_TLS_residual_ADP_flag               ? 
_refine.pdbx_overall_phase_error                 ? 
_refine.pdbx_overall_SU_R_free_Cruickshank_DPI   ? 
_refine.pdbx_overall_SU_R_Blow_DPI               ? 
_refine.pdbx_overall_SU_R_free_Blow_DPI          ? 
# 
_refine_hist.pdbx_refine_id                   'X-RAY DIFFRACTION' 
_refine_hist.cycle_id                         LAST 
_refine_hist.pdbx_number_atoms_protein        1491 
_refine_hist.pdbx_number_atoms_nucleic_acid   0 
_refine_hist.pdbx_number_atoms_ligand         6 
_refine_hist.number_atoms_solvent             163 
_refine_hist.number_atoms_total               1660 
_refine_hist.d_res_high                       1.6 
_refine_hist.d_res_low                        12.52 
# 
loop_
_refine_ls_restr.type 
_refine_ls_restr.dev_ideal 
_refine_ls_restr.dev_ideal_target 
_refine_ls_restr.weight 
_refine_ls_restr.number 
_refine_ls_restr.pdbx_refine_id 
_refine_ls_restr.pdbx_restraint_function 
r_bond_refined_d         0.012  0.022  ? 1530 'X-RAY DIFFRACTION' ? 
r_angle_refined_deg      1.391  1.980  ? 2082 'X-RAY DIFFRACTION' ? 
r_dihedral_angle_1_deg   6.492  5.000  ? 200  'X-RAY DIFFRACTION' ? 
r_dihedral_angle_2_deg   33.196 24.737 ? 57   'X-RAY DIFFRACTION' ? 
r_dihedral_angle_3_deg   11.815 15.000 ? 240  'X-RAY DIFFRACTION' ? 
r_dihedral_angle_4_deg   20.489 15.000 ? 6    'X-RAY DIFFRACTION' ? 
r_chiral_restr           0.105  0.200  ? 239  'X-RAY DIFFRACTION' ? 
r_gen_planes_refined     0.005  0.020  ? 1161 'X-RAY DIFFRACTION' ? 
r_nbd_refined            0.212  0.200  ? 532  'X-RAY DIFFRACTION' ? 
r_nbtor_refined          0.298  0.200  ? 1035 'X-RAY DIFFRACTION' ? 
r_xyhbond_nbd_refined    0.093  0.200  ? 56   'X-RAY DIFFRACTION' ? 
r_symmetry_vdw_refined   0.318  0.200  ? 99   'X-RAY DIFFRACTION' ? 
r_symmetry_hbond_refined 0.153  0.200  ? 27   'X-RAY DIFFRACTION' ? 
r_mcbond_it              0.857  1.500  ? 1032 'X-RAY DIFFRACTION' ? 
r_mcangle_it             1.186  2.000  ? 1618 'X-RAY DIFFRACTION' ? 
r_scbond_it              2.106  3.000  ? 556  'X-RAY DIFFRACTION' ? 
r_scangle_it             3.118  4.500  ? 464  'X-RAY DIFFRACTION' ? 
# 
_refine_ls_shell.pdbx_total_number_of_bins_used   20 
_refine_ls_shell.d_res_high                       1.6 
_refine_ls_shell.d_res_low                        1.653 
_refine_ls_shell.number_reflns_R_work             1658 
_refine_ls_shell.R_factor_R_work                  0.17 
_refine_ls_shell.percent_reflns_obs               100.00 
_refine_ls_shell.R_factor_R_free                  0.229 
_refine_ls_shell.R_factor_R_free_error            ? 
_refine_ls_shell.percent_reflns_R_free            ? 
_refine_ls_shell.number_reflns_R_free             100 
_refine_ls_shell.number_reflns_obs                ? 
_refine_ls_shell.redundancy_reflns_obs            ? 
_refine_ls_shell.number_reflns_all                ? 
_refine_ls_shell.R_factor_all                     ? 
_refine_ls_shell.pdbx_refine_id                   'X-RAY DIFFRACTION' 
# 
_struct.entry_id                  2ET1 
_struct.title                     'Oxalate oxidase in complex with substrate analogue glycolate' 
_struct.pdbx_model_details        ? 
_struct.pdbx_CASP_flag            ? 
_struct.pdbx_model_type_details   ? 
# 
_struct_keywords.entry_id        2ET1 
_struct_keywords.pdbx_keywords   OXIDOREDUCTASE 
_struct_keywords.text            'Double stranded beta helix, Cupin, OXIDOREDUCTASE' 
# 
loop_
_struct_asym.id 
_struct_asym.pdbx_blank_PDB_chainid_flag 
_struct_asym.pdbx_modified 
_struct_asym.entity_id 
_struct_asym.details 
A N N 1 ? 
B N N 2 ? 
C N N 3 ? 
D N N 4 ? 
# 
_struct_ref.id                         1 
_struct_ref.db_name                    UNP 
_struct_ref.db_code                    OXO1_HORVU 
_struct_ref.pdbx_db_accession          P45850 
_struct_ref.entity_id                  1 
_struct_ref.pdbx_seq_one_letter_code   
;SDPDPLQDFCVADLDGKAVSVNGHTCKPMSEAGDDFLFSSKLTKAGNTSTPNGSAVTELDVAEWPGTNTLGVSMNRVDFA
PGGTNPPHIHPRATEIGMVMKGELLVGILGSLDSGNKLYSRVVRAGETFVIPRGLMHFQFNVGKTEAYMVVSFNSQNPGI
VFVPLTLFGSDPPIPTPVLTKALRVEAGVVELLKSKFAGGS
;
_struct_ref.pdbx_align_begin           1 
_struct_ref.pdbx_db_isoform            ? 
# 
_struct_ref_seq.align_id                      1 
_struct_ref_seq.ref_id                        1 
_struct_ref_seq.pdbx_PDB_id_code              2ET1 
_struct_ref_seq.pdbx_strand_id                A 
_struct_ref_seq.seq_align_beg                 1 
_struct_ref_seq.pdbx_seq_align_beg_ins_code   ? 
_struct_ref_seq.seq_align_end                 201 
_struct_ref_seq.pdbx_seq_align_end_ins_code   ? 
_struct_ref_seq.pdbx_db_accession             P45850 
_struct_ref_seq.db_align_beg                  1 
_struct_ref_seq.pdbx_db_align_beg_ins_code    ? 
_struct_ref_seq.db_align_end                  201 
_struct_ref_seq.pdbx_db_align_end_ins_code    ? 
_struct_ref_seq.pdbx_auth_seq_align_beg       1 
_struct_ref_seq.pdbx_auth_seq_align_end       201 
# 
_struct_ref_seq_dif.align_id                     1 
_struct_ref_seq_dif.pdbx_pdb_id_code             2ET1 
_struct_ref_seq_dif.mon_id                       THR 
_struct_ref_seq_dif.pdbx_pdb_strand_id           A 
_struct_ref_seq_dif.seq_num                      1 
_struct_ref_seq_dif.pdbx_pdb_ins_code            ? 
_struct_ref_seq_dif.pdbx_seq_db_name             UNP 
_struct_ref_seq_dif.pdbx_seq_db_accession_code   P45850 
_struct_ref_seq_dif.db_mon_id                    SER 
_struct_ref_seq_dif.pdbx_seq_db_seq_num          1 
_struct_ref_seq_dif.details                      'SEE REMARK 999' 
_struct_ref_seq_dif.pdbx_auth_seq_num            1 
_struct_ref_seq_dif.pdbx_ordinal                 1 
# 
_pdbx_struct_assembly.id                   1 
_pdbx_struct_assembly.details              author_and_software_defined_assembly 
_pdbx_struct_assembly.method_details       PISA,PQS 
_pdbx_struct_assembly.oligomeric_details   hexameric 
_pdbx_struct_assembly.oligomeric_count     6 
# 
loop_
_pdbx_struct_assembly_prop.biol_id 
_pdbx_struct_assembly_prop.type 
_pdbx_struct_assembly_prop.value 
_pdbx_struct_assembly_prop.details 
1 'ABSA (A^2)' 35330 ? 
1 MORE         -278  ? 
1 'SSA (A^2)'  36950 ? 
# 
_pdbx_struct_assembly_gen.assembly_id       1 
_pdbx_struct_assembly_gen.oper_expression   1,2,3,4,5,6 
_pdbx_struct_assembly_gen.asym_id_list      A,B,C,D 
# 
loop_
_pdbx_struct_oper_list.id 
_pdbx_struct_oper_list.type 
_pdbx_struct_oper_list.name 
_pdbx_struct_oper_list.symmetry_operation 
_pdbx_struct_oper_list.matrix[1][1] 
_pdbx_struct_oper_list.matrix[1][2] 
_pdbx_struct_oper_list.matrix[1][3] 
_pdbx_struct_oper_list.vector[1] 
_pdbx_struct_oper_list.matrix[2][1] 
_pdbx_struct_oper_list.matrix[2][2] 
_pdbx_struct_oper_list.matrix[2][3] 
_pdbx_struct_oper_list.vector[2] 
_pdbx_struct_oper_list.matrix[3][1] 
_pdbx_struct_oper_list.matrix[3][2] 
_pdbx_struct_oper_list.matrix[3][3] 
_pdbx_struct_oper_list.vector[3] 
1 'identity operation'         1_555 x,y,z        1.0000000000  0.0000000000  0.0000000000  0.0000000000   0.0000000000  1.0000000000  0.0000000000  0.0000000000   0.0000000000  0.0000000000  1.0000000000  0.0000000000   
2 'crystal symmetry operation' 2_555 -y,x-y,z     -0.1296130183 0.4608571664  0.8779585057  15.9123338289  -0.9367975645 -0.3471063552 0.0439033179  -29.1878850705 0.3249781356  -0.8167789483 0.4767193735  -21.3470397004 
3 'crystal symmetry operation' 3_555 -x+y,-x,z    -0.1296130183 -0.9367975645 0.3249781356  -18.3433728703 0.4608571664  -0.3471063552 -0.8167789483 -34.9004261164 0.8779585057  0.0439033179  0.4767193735  -2.5123764403  
4 'crystal symmetry operation' 4_556 y,x,-z+1     -0.6369195069 0.7667898348  0.0797928004  10.5439632825  0.7667898348  0.6193837507  0.1685144462  -2.8638679090  0.0797928004  0.1685144462  -0.9824642438 -20.4570159091 
5 'crystal symmetry operation' 5_556 x-y,-y,-z+1  -0.6098428746 -0.6248596235 -0.4874855067 -23.6752261829 -0.6248596235 0.0007495022  0.7807367605  -12.3382383841 -0.4874855067 0.7807367605  -0.3909066277 -3.1332033039  
6 'crystal symmetry operation' 6_556 -x,-x+y,-z+1 0.5059884180  0.3340101867  -0.7952439349 -4.7345462448  0.3340101867  -0.9259205426 -0.1763755764 -38.9695083159 -0.7952439349 -0.1763755764 -0.5800678754 -25.3335909594 
# 
_struct_biol.id   1 
# 
loop_
_struct_conf.conf_type_id 
_struct_conf.id 
_struct_conf.pdbx_PDB_helix_id 
_struct_conf.beg_label_comp_id 
_struct_conf.beg_label_asym_id 
_struct_conf.beg_label_seq_id 
_struct_conf.pdbx_beg_PDB_ins_code 
_struct_conf.end_label_comp_id 
_struct_conf.end_label_asym_id 
_struct_conf.end_label_seq_id 
_struct_conf.pdbx_end_PDB_ins_code 
_struct_conf.beg_auth_comp_id 
_struct_conf.beg_auth_asym_id 
_struct_conf.beg_auth_seq_id 
_struct_conf.end_auth_comp_id 
_struct_conf.end_auth_asym_id 
_struct_conf.end_auth_seq_id 
_struct_conf.pdbx_PDB_helix_class 
_struct_conf.details 
_struct_conf.pdbx_PDB_helix_length 
HELX_P HELX_P1 1 PRO A 28  ? ALA A 32  ? PRO A 28  ALA A 32  5 ? 5  
HELX_P HELX_P2 2 TRP A 64  ? ASN A 68  ? TRP A 64  ASN A 68  5 ? 5  
HELX_P HELX_P3 3 SER A 111 ? GLY A 115 ? SER A 111 GLY A 115 5 ? 5  
HELX_P HELX_P4 4 VAL A 163 ? SER A 170 ? VAL A 163 SER A 170 1 ? 8  
HELX_P HELX_P5 5 PRO A 175 ? ARG A 184 ? PRO A 175 ARG A 184 1 ? 10 
HELX_P HELX_P6 6 GLU A 186 ? LYS A 196 ? GLU A 186 LYS A 196 1 ? 11 
# 
_struct_conf_type.id          HELX_P 
_struct_conf_type.criteria    ? 
_struct_conf_type.reference   ? 
# 
loop_
_struct_conn.id 
_struct_conn.conn_type_id 
_struct_conn.pdbx_leaving_atom_flag 
_struct_conn.pdbx_PDB_id 
_struct_conn.ptnr1_label_asym_id 
_struct_conn.ptnr1_label_comp_id 
_struct_conn.ptnr1_label_seq_id 
_struct_conn.ptnr1_label_atom_id 
_struct_conn.pdbx_ptnr1_label_alt_id 
_struct_conn.pdbx_ptnr1_PDB_ins_code 
_struct_conn.pdbx_ptnr1_standard_comp_id 
_struct_conn.ptnr1_symmetry 
_struct_conn.ptnr2_label_asym_id 
_struct_conn.ptnr2_label_comp_id 
_struct_conn.ptnr2_label_seq_id 
_struct_conn.ptnr2_label_atom_id 
_struct_conn.pdbx_ptnr2_label_alt_id 
_struct_conn.pdbx_ptnr2_PDB_ins_code 
_struct_conn.ptnr1_auth_asym_id 
_struct_conn.ptnr1_auth_comp_id 
_struct_conn.ptnr1_auth_seq_id 
_struct_conn.ptnr2_auth_asym_id 
_struct_conn.ptnr2_auth_comp_id 
_struct_conn.ptnr2_auth_seq_id 
_struct_conn.ptnr2_symmetry 
_struct_conn.pdbx_ptnr3_label_atom_id 
_struct_conn.pdbx_ptnr3_label_seq_id 
_struct_conn.pdbx_ptnr3_label_comp_id 
_struct_conn.pdbx_ptnr3_label_asym_id 
_struct_conn.pdbx_ptnr3_label_alt_id 
_struct_conn.pdbx_ptnr3_PDB_ins_code 
_struct_conn.details 
_struct_conn.pdbx_dist_value 
_struct_conn.pdbx_value_order 
_struct_conn.pdbx_role 
disulf1 disulf ? ? A CYS 10  SG  ? ? ? 1_555 A CYS 26 SG ? ? A CYS 10  A CYS 26  1_555 ? ? ? ? ? ? ? 2.049 ? ? 
metalc1 metalc ? ? A HIS 88  NE2 ? ? ? 1_555 B MN  .  MN ? ? A HIS 88  A MN  202 1_555 ? ? ? ? ? ? ? 2.371 ? ? 
metalc2 metalc ? ? A HIS 90  NE2 ? ? ? 1_555 B MN  .  MN ? ? A HIS 90  A MN  202 1_555 ? ? ? ? ? ? ? 2.235 ? ? 
metalc3 metalc ? ? A GLU 95  OE1 ? ? ? 1_555 B MN  .  MN ? ? A GLU 95  A MN  202 1_555 ? ? ? ? ? ? ? 2.167 ? ? 
metalc4 metalc ? ? A HIS 137 NE2 ? ? ? 1_555 B MN  .  MN ? ? A HIS 137 A MN  202 1_555 ? ? ? ? ? ? ? 2.314 ? ? 
metalc5 metalc ? ? B MN  .   MN  ? ? ? 1_555 C GLV .  O3 ? ? A MN  202 A GLV 203 1_555 ? ? ? ? ? ? ? 2.255 ? ? 
metalc6 metalc ? ? B MN  .   MN  ? ? ? 1_555 D HOH .  O  ? ? A MN  202 A HOH 221 1_555 ? ? ? ? ? ? ? 2.264 ? ? 
# 
loop_
_struct_conn_type.id 
_struct_conn_type.criteria 
_struct_conn_type.reference 
disulf ? ? 
metalc ? ? 
# 
loop_
_pdbx_struct_conn_angle.id 
_pdbx_struct_conn_angle.ptnr1_label_atom_id 
_pdbx_struct_conn_angle.ptnr1_label_alt_id 
_pdbx_struct_conn_angle.ptnr1_label_asym_id 
_pdbx_struct_conn_angle.ptnr1_label_comp_id 
_pdbx_struct_conn_angle.ptnr1_label_seq_id 
_pdbx_struct_conn_angle.ptnr1_auth_atom_id 
_pdbx_struct_conn_angle.ptnr1_auth_asym_id 
_pdbx_struct_conn_angle.ptnr1_auth_comp_id 
_pdbx_struct_conn_angle.ptnr1_auth_seq_id 
_pdbx_struct_conn_angle.ptnr1_PDB_ins_code 
_pdbx_struct_conn_angle.ptnr1_symmetry 
_pdbx_struct_conn_angle.ptnr2_label_atom_id 
_pdbx_struct_conn_angle.ptnr2_label_alt_id 
_pdbx_struct_conn_angle.ptnr2_label_asym_id 
_pdbx_struct_conn_angle.ptnr2_label_comp_id 
_pdbx_struct_conn_angle.ptnr2_label_seq_id 
_pdbx_struct_conn_angle.ptnr2_auth_atom_id 
_pdbx_struct_conn_angle.ptnr2_auth_asym_id 
_pdbx_struct_conn_angle.ptnr2_auth_comp_id 
_pdbx_struct_conn_angle.ptnr2_auth_seq_id 
_pdbx_struct_conn_angle.ptnr2_PDB_ins_code 
_pdbx_struct_conn_angle.ptnr2_symmetry 
_pdbx_struct_conn_angle.ptnr3_label_atom_id 
_pdbx_struct_conn_angle.ptnr3_label_alt_id 
_pdbx_struct_conn_angle.ptnr3_label_asym_id 
_pdbx_struct_conn_angle.ptnr3_label_comp_id 
_pdbx_struct_conn_angle.ptnr3_label_seq_id 
_pdbx_struct_conn_angle.ptnr3_auth_atom_id 
_pdbx_struct_conn_angle.ptnr3_auth_asym_id 
_pdbx_struct_conn_angle.ptnr3_auth_comp_id 
_pdbx_struct_conn_angle.ptnr3_auth_seq_id 
_pdbx_struct_conn_angle.ptnr3_PDB_ins_code 
_pdbx_struct_conn_angle.ptnr3_symmetry 
_pdbx_struct_conn_angle.value 
_pdbx_struct_conn_angle.value_esd 
1  NE2 ? A HIS 88  ? A HIS 88  ? 1_555 MN ? B MN . ? A MN 202 ? 1_555 NE2 ? A HIS 90  ? A HIS 90  ? 1_555 96.4  ? 
2  NE2 ? A HIS 88  ? A HIS 88  ? 1_555 MN ? B MN . ? A MN 202 ? 1_555 OE1 ? A GLU 95  ? A GLU 95  ? 1_555 174.1 ? 
3  NE2 ? A HIS 90  ? A HIS 90  ? 1_555 MN ? B MN . ? A MN 202 ? 1_555 OE1 ? A GLU 95  ? A GLU 95  ? 1_555 84.8  ? 
4  NE2 ? A HIS 88  ? A HIS 88  ? 1_555 MN ? B MN . ? A MN 202 ? 1_555 NE2 ? A HIS 137 ? A HIS 137 ? 1_555 79.8  ? 
5  NE2 ? A HIS 90  ? A HIS 90  ? 1_555 MN ? B MN . ? A MN 202 ? 1_555 NE2 ? A HIS 137 ? A HIS 137 ? 1_555 96.3  ? 
6  OE1 ? A GLU 95  ? A GLU 95  ? 1_555 MN ? B MN . ? A MN 202 ? 1_555 NE2 ? A HIS 137 ? A HIS 137 ? 1_555 94.3  ? 
7  NE2 ? A HIS 88  ? A HIS 88  ? 1_555 MN ? B MN . ? A MN 202 ? 1_555 O3  ? C GLV .   ? A GLV 203 ? 1_555 90.6  ? 
8  NE2 ? A HIS 90  ? A HIS 90  ? 1_555 MN ? B MN . ? A MN 202 ? 1_555 O3  ? C GLV .   ? A GLV 203 ? 1_555 83.1  ? 
9  OE1 ? A GLU 95  ? A GLU 95  ? 1_555 MN ? B MN . ? A MN 202 ? 1_555 O3  ? C GLV .   ? A GLV 203 ? 1_555 95.3  ? 
10 NE2 ? A HIS 137 ? A HIS 137 ? 1_555 MN ? B MN . ? A MN 202 ? 1_555 O3  ? C GLV .   ? A GLV 203 ? 1_555 170.3 ? 
11 NE2 ? A HIS 88  ? A HIS 88  ? 1_555 MN ? B MN . ? A MN 202 ? 1_555 O   ? D HOH .   ? A HOH 221 ? 1_555 93.3  ? 
12 NE2 ? A HIS 90  ? A HIS 90  ? 1_555 MN ? B MN . ? A MN 202 ? 1_555 O   ? D HOH .   ? A HOH 221 ? 1_555 165.5 ? 
13 OE1 ? A GLU 95  ? A GLU 95  ? 1_555 MN ? B MN . ? A MN 202 ? 1_555 O   ? D HOH .   ? A HOH 221 ? 1_555 86.7  ? 
14 NE2 ? A HIS 137 ? A HIS 137 ? 1_555 MN ? B MN . ? A MN 202 ? 1_555 O   ? D HOH .   ? A HOH 221 ? 1_555 96.1  ? 
15 O3  ? C GLV .   ? A GLV 203 ? 1_555 MN ? B MN . ? A MN 202 ? 1_555 O   ? D HOH .   ? A HOH 221 ? 1_555 86.0  ? 
# 
_pdbx_modification_feature.ordinal                            1 
_pdbx_modification_feature.label_comp_id                      CYS 
_pdbx_modification_feature.label_asym_id                      A 
_pdbx_modification_feature.label_seq_id                       10 
_pdbx_modification_feature.label_alt_id                       ? 
_pdbx_modification_feature.modified_residue_label_comp_id     CYS 
_pdbx_modification_feature.modified_residue_label_asym_id     A 
_pdbx_modification_feature.modified_residue_label_seq_id      26 
_pdbx_modification_feature.modified_residue_label_alt_id      ? 
_pdbx_modification_feature.auth_comp_id                       CYS 
_pdbx_modification_feature.auth_asym_id                       A 
_pdbx_modification_feature.auth_seq_id                        10 
_pdbx_modification_feature.PDB_ins_code                       ? 
_pdbx_modification_feature.symmetry                           1_555 
_pdbx_modification_feature.modified_residue_auth_comp_id      CYS 
_pdbx_modification_feature.modified_residue_auth_asym_id      A 
_pdbx_modification_feature.modified_residue_auth_seq_id       26 
_pdbx_modification_feature.modified_residue_PDB_ins_code      ? 
_pdbx_modification_feature.modified_residue_symmetry          1_555 
_pdbx_modification_feature.comp_id_linking_atom               SG 
_pdbx_modification_feature.modified_residue_id_linking_atom   SG 
_pdbx_modification_feature.modified_residue_id                . 
_pdbx_modification_feature.ref_pcm_id                         . 
_pdbx_modification_feature.ref_comp_id                        . 
_pdbx_modification_feature.type                               None 
_pdbx_modification_feature.category                           'Disulfide bridge' 
# 
_struct_mon_prot_cis.pdbx_id                1 
_struct_mon_prot_cis.label_comp_id          ASP 
_struct_mon_prot_cis.label_seq_id           171 
_struct_mon_prot_cis.label_asym_id          A 
_struct_mon_prot_cis.label_alt_id           . 
_struct_mon_prot_cis.pdbx_PDB_ins_code      ? 
_struct_mon_prot_cis.auth_comp_id           ASP 
_struct_mon_prot_cis.auth_seq_id            171 
_struct_mon_prot_cis.auth_asym_id           A 
_struct_mon_prot_cis.pdbx_label_comp_id_2   PRO 
_struct_mon_prot_cis.pdbx_label_seq_id_2    172 
_struct_mon_prot_cis.pdbx_label_asym_id_2   A 
_struct_mon_prot_cis.pdbx_PDB_ins_code_2    ? 
_struct_mon_prot_cis.pdbx_auth_comp_id_2    PRO 
_struct_mon_prot_cis.pdbx_auth_seq_id_2     172 
_struct_mon_prot_cis.pdbx_auth_asym_id_2    A 
_struct_mon_prot_cis.pdbx_PDB_model_num     1 
_struct_mon_prot_cis.pdbx_omega_angle       -2.56 
# 
loop_
_struct_sheet.id 
_struct_sheet.type 
_struct_sheet.number_strands 
_struct_sheet.details 
A ? 5 ? 
B ? 5 ? 
# 
loop_
_struct_sheet_order.sheet_id 
_struct_sheet_order.range_id_1 
_struct_sheet_order.range_id_2 
_struct_sheet_order.offset 
_struct_sheet_order.sense 
A 1 2 ? anti-parallel 
A 2 3 ? anti-parallel 
A 3 4 ? anti-parallel 
A 4 5 ? anti-parallel 
B 1 2 ? anti-parallel 
B 2 3 ? anti-parallel 
B 3 4 ? anti-parallel 
B 4 5 ? anti-parallel 
# 
loop_
_struct_sheet_range.sheet_id 
_struct_sheet_range.id 
_struct_sheet_range.beg_label_comp_id 
_struct_sheet_range.beg_label_asym_id 
_struct_sheet_range.beg_label_seq_id 
_struct_sheet_range.pdbx_beg_PDB_ins_code 
_struct_sheet_range.end_label_comp_id 
_struct_sheet_range.end_label_asym_id 
_struct_sheet_range.end_label_seq_id 
_struct_sheet_range.pdbx_end_PDB_ins_code 
_struct_sheet_range.beg_auth_comp_id 
_struct_sheet_range.beg_auth_asym_id 
_struct_sheet_range.beg_auth_seq_id 
_struct_sheet_range.end_auth_comp_id 
_struct_sheet_range.end_auth_asym_id 
_struct_sheet_range.end_auth_seq_id 
A 1 SER A 54  ? LEU A 59  ? SER A 54  LEU A 59  
A 2 SER A 73  ? PHE A 79  ? SER A 73  PHE A 79  
A 3 ALA A 147 ? PHE A 153 ? ALA A 147 PHE A 153 
A 4 GLU A 95  ? LYS A 101 ? GLU A 95  LYS A 101 
A 5 THR A 128 ? ILE A 131 ? THR A 128 ILE A 131 
B 1 LEU A 118 ? VAL A 123 ? LEU A 118 VAL A 123 
B 2 LEU A 104 ? LEU A 109 ? LEU A 104 LEU A 109 
B 3 HIS A 137 ? ASN A 141 ? HIS A 137 ASN A 141 
B 4 THR A 84  ? ILE A 89  ? THR A 84  ILE A 89  
B 5 VAL A 161 ? PHE A 162 ? VAL A 161 PHE A 162 
# 
loop_
_pdbx_struct_sheet_hbond.sheet_id 
_pdbx_struct_sheet_hbond.range_id_1 
_pdbx_struct_sheet_hbond.range_id_2 
_pdbx_struct_sheet_hbond.range_1_label_atom_id 
_pdbx_struct_sheet_hbond.range_1_label_comp_id 
_pdbx_struct_sheet_hbond.range_1_label_asym_id 
_pdbx_struct_sheet_hbond.range_1_label_seq_id 
_pdbx_struct_sheet_hbond.range_1_PDB_ins_code 
_pdbx_struct_sheet_hbond.range_1_auth_atom_id 
_pdbx_struct_sheet_hbond.range_1_auth_comp_id 
_pdbx_struct_sheet_hbond.range_1_auth_asym_id 
_pdbx_struct_sheet_hbond.range_1_auth_seq_id 
_pdbx_struct_sheet_hbond.range_2_label_atom_id 
_pdbx_struct_sheet_hbond.range_2_label_comp_id 
_pdbx_struct_sheet_hbond.range_2_label_asym_id 
_pdbx_struct_sheet_hbond.range_2_label_seq_id 
_pdbx_struct_sheet_hbond.range_2_PDB_ins_code 
_pdbx_struct_sheet_hbond.range_2_auth_atom_id 
_pdbx_struct_sheet_hbond.range_2_auth_comp_id 
_pdbx_struct_sheet_hbond.range_2_auth_asym_id 
_pdbx_struct_sheet_hbond.range_2_auth_seq_id 
A 1 2 N THR A 57  ? N THR A 57  O ARG A 76  ? O ARG A 76  
A 2 3 N PHE A 79  ? N PHE A 79  O ALA A 147 ? O ALA A 147 
A 3 4 O SER A 152 ? O SER A 152 N ILE A 96  ? N ILE A 96  
A 4 5 N GLU A 95  ? N GLU A 95  O ILE A 131 ? O ILE A 131 
B 1 2 O VAL A 123 ? O VAL A 123 N LEU A 104 ? N LEU A 104 
B 2 3 N LEU A 105 ? N LEU A 105 O PHE A 140 ? O PHE A 140 
B 3 4 O HIS A 137 ? O HIS A 137 N HIS A 88  ? N HIS A 88  
B 4 5 N ILE A 89  ? N ILE A 89  O VAL A 161 ? O VAL A 161 
# 
loop_
_struct_site.id 
_struct_site.pdbx_evidence_code 
_struct_site.pdbx_auth_asym_id 
_struct_site.pdbx_auth_comp_id 
_struct_site.pdbx_auth_seq_id 
_struct_site.pdbx_auth_ins_code 
_struct_site.pdbx_num_residues 
_struct_site.details 
AC1 Software A MN  202 ? 6  'BINDING SITE FOR RESIDUE MN A 202'  
AC2 Software A GLV 203 ? 10 'BINDING SITE FOR RESIDUE GLV A 203' 
# 
loop_
_struct_site_gen.id 
_struct_site_gen.site_id 
_struct_site_gen.pdbx_num_res 
_struct_site_gen.label_comp_id 
_struct_site_gen.label_asym_id 
_struct_site_gen.label_seq_id 
_struct_site_gen.pdbx_auth_ins_code 
_struct_site_gen.auth_comp_id 
_struct_site_gen.auth_asym_id 
_struct_site_gen.auth_seq_id 
_struct_site_gen.label_atom_id 
_struct_site_gen.label_alt_id 
_struct_site_gen.symmetry 
_struct_site_gen.details 
1  AC1 6  HIS A 88  ? HIS A 88  . ? 1_555 ? 
2  AC1 6  HIS A 90  ? HIS A 90  . ? 1_555 ? 
3  AC1 6  GLU A 95  ? GLU A 95  . ? 1_555 ? 
4  AC1 6  HIS A 137 ? HIS A 137 . ? 1_555 ? 
5  AC1 6  GLV C .   ? GLV A 203 . ? 1_555 ? 
6  AC1 6  HOH D .   ? HOH A 221 . ? 1_555 ? 
7  AC2 10 ASN A 75  ? ASN A 75  . ? 1_555 ? 
8  AC2 10 VAL A 77  ? VAL A 77  . ? 1_555 ? 
9  AC2 10 ASN A 85  ? ASN A 85  . ? 1_555 ? 
10 AC2 10 HIS A 88  ? HIS A 88  . ? 1_555 ? 
11 AC2 10 HIS A 90  ? HIS A 90  . ? 1_555 ? 
12 AC2 10 GLU A 95  ? GLU A 95  . ? 1_555 ? 
13 AC2 10 MET A 149 ? MET A 149 . ? 1_555 ? 
14 AC2 10 MN  B .   ? MN  A 202 . ? 1_555 ? 
15 AC2 10 HOH D .   ? HOH A 221 . ? 1_555 ? 
16 AC2 10 HOH D .   ? HOH A 333 . ? 1_555 ? 
# 
_pdbx_entry_details.entry_id                   2ET1 
_pdbx_entry_details.compound_details           ? 
_pdbx_entry_details.source_details             ? 
_pdbx_entry_details.nonpolymer_details         ? 
_pdbx_entry_details.sequence_details           ? 
_pdbx_entry_details.has_ligand_of_interest     ? 
_pdbx_entry_details.has_protein_modification   Y 
# 
loop_
_pdbx_validate_torsion.id 
_pdbx_validate_torsion.PDB_model_num 
_pdbx_validate_torsion.auth_comp_id 
_pdbx_validate_torsion.auth_asym_id 
_pdbx_validate_torsion.auth_seq_id 
_pdbx_validate_torsion.PDB_ins_code 
_pdbx_validate_torsion.label_alt_id 
_pdbx_validate_torsion.phi 
_pdbx_validate_torsion.psi 
1 1 CYS A 10  ? ? -160.87 75.30 
2 1 THR A 69  ? ? 75.97   -8.92 
3 1 ASN A 154 ? ? -85.54  39.88 
4 1 ASN A 157 ? ? -154.80 74.83 
# 
_pdbx_database_remark.id     999 
_pdbx_database_remark.text   
;SEQUENCE

AUTHOR STATES THAT THE ELECTRON DENSITY SUGGESTS 
THE FIRST AMINO ACID IS THR RATHER THAN SER.  
;
# 
loop_
_chem_comp_atom.comp_id 
_chem_comp_atom.atom_id 
_chem_comp_atom.type_symbol 
_chem_comp_atom.pdbx_aromatic_flag 
_chem_comp_atom.pdbx_stereo_config 
_chem_comp_atom.pdbx_ordinal 
ALA N    N  N N 1   
ALA CA   C  N S 2   
ALA C    C  N N 3   
ALA O    O  N N 4   
ALA CB   C  N N 5   
ALA OXT  O  N N 6   
ALA H    H  N N 7   
ALA H2   H  N N 8   
ALA HA   H  N N 9   
ALA HB1  H  N N 10  
ALA HB2  H  N N 11  
ALA HB3  H  N N 12  
ALA HXT  H  N N 13  
ARG N    N  N N 14  
ARG CA   C  N S 15  
ARG C    C  N N 16  
ARG O    O  N N 17  
ARG CB   C  N N 18  
ARG CG   C  N N 19  
ARG CD   C  N N 20  
ARG NE   N  N N 21  
ARG CZ   C  N N 22  
ARG NH1  N  N N 23  
ARG NH2  N  N N 24  
ARG OXT  O  N N 25  
ARG H    H  N N 26  
ARG H2   H  N N 27  
ARG HA   H  N N 28  
ARG HB2  H  N N 29  
ARG HB3  H  N N 30  
ARG HG2  H  N N 31  
ARG HG3  H  N N 32  
ARG HD2  H  N N 33  
ARG HD3  H  N N 34  
ARG HE   H  N N 35  
ARG HH11 H  N N 36  
ARG HH12 H  N N 37  
ARG HH21 H  N N 38  
ARG HH22 H  N N 39  
ARG HXT  H  N N 40  
ASN N    N  N N 41  
ASN CA   C  N S 42  
ASN C    C  N N 43  
ASN O    O  N N 44  
ASN CB   C  N N 45  
ASN CG   C  N N 46  
ASN OD1  O  N N 47  
ASN ND2  N  N N 48  
ASN OXT  O  N N 49  
ASN H    H  N N 50  
ASN H2   H  N N 51  
ASN HA   H  N N 52  
ASN HB2  H  N N 53  
ASN HB3  H  N N 54  
ASN HD21 H  N N 55  
ASN HD22 H  N N 56  
ASN HXT  H  N N 57  
ASP N    N  N N 58  
ASP CA   C  N S 59  
ASP C    C  N N 60  
ASP O    O  N N 61  
ASP CB   C  N N 62  
ASP CG   C  N N 63  
ASP OD1  O  N N 64  
ASP OD2  O  N N 65  
ASP OXT  O  N N 66  
ASP H    H  N N 67  
ASP H2   H  N N 68  
ASP HA   H  N N 69  
ASP HB2  H  N N 70  
ASP HB3  H  N N 71  
ASP HD2  H  N N 72  
ASP HXT  H  N N 73  
CYS N    N  N N 74  
CYS CA   C  N R 75  
CYS C    C  N N 76  
CYS O    O  N N 77  
CYS CB   C  N N 78  
CYS SG   S  N N 79  
CYS OXT  O  N N 80  
CYS H    H  N N 81  
CYS H2   H  N N 82  
CYS HA   H  N N 83  
CYS HB2  H  N N 84  
CYS HB3  H  N N 85  
CYS HG   H  N N 86  
CYS HXT  H  N N 87  
GLN N    N  N N 88  
GLN CA   C  N S 89  
GLN C    C  N N 90  
GLN O    O  N N 91  
GLN CB   C  N N 92  
GLN CG   C  N N 93  
GLN CD   C  N N 94  
GLN OE1  O  N N 95  
GLN NE2  N  N N 96  
GLN OXT  O  N N 97  
GLN H    H  N N 98  
GLN H2   H  N N 99  
GLN HA   H  N N 100 
GLN HB2  H  N N 101 
GLN HB3  H  N N 102 
GLN HG2  H  N N 103 
GLN HG3  H  N N 104 
GLN HE21 H  N N 105 
GLN HE22 H  N N 106 
GLN HXT  H  N N 107 
GLU N    N  N N 108 
GLU CA   C  N S 109 
GLU C    C  N N 110 
GLU O    O  N N 111 
GLU CB   C  N N 112 
GLU CG   C  N N 113 
GLU CD   C  N N 114 
GLU OE1  O  N N 115 
GLU OE2  O  N N 116 
GLU OXT  O  N N 117 
GLU H    H  N N 118 
GLU H2   H  N N 119 
GLU HA   H  N N 120 
GLU HB2  H  N N 121 
GLU HB3  H  N N 122 
GLU HG2  H  N N 123 
GLU HG3  H  N N 124 
GLU HE2  H  N N 125 
GLU HXT  H  N N 126 
GLV C1   C  N N 127 
GLV O1   O  N N 128 
GLV C2   C  N N 129 
GLV O2   O  N N 130 
GLV O3   O  N N 131 
GLV H1   H  N N 132 
GLV HO3  H  N N 133 
GLY N    N  N N 134 
GLY CA   C  N N 135 
GLY C    C  N N 136 
GLY O    O  N N 137 
GLY OXT  O  N N 138 
GLY H    H  N N 139 
GLY H2   H  N N 140 
GLY HA2  H  N N 141 
GLY HA3  H  N N 142 
GLY HXT  H  N N 143 
HIS N    N  N N 144 
HIS CA   C  N S 145 
HIS C    C  N N 146 
HIS O    O  N N 147 
HIS CB   C  N N 148 
HIS CG   C  Y N 149 
HIS ND1  N  Y N 150 
HIS CD2  C  Y N 151 
HIS CE1  C  Y N 152 
HIS NE2  N  Y N 153 
HIS OXT  O  N N 154 
HIS H    H  N N 155 
HIS H2   H  N N 156 
HIS HA   H  N N 157 
HIS HB2  H  N N 158 
HIS HB3  H  N N 159 
HIS HD1  H  N N 160 
HIS HD2  H  N N 161 
HIS HE1  H  N N 162 
HIS HE2  H  N N 163 
HIS HXT  H  N N 164 
HOH O    O  N N 165 
HOH H1   H  N N 166 
HOH H2   H  N N 167 
ILE N    N  N N 168 
ILE CA   C  N S 169 
ILE C    C  N N 170 
ILE O    O  N N 171 
ILE CB   C  N S 172 
ILE CG1  C  N N 173 
ILE CG2  C  N N 174 
ILE CD1  C  N N 175 
ILE OXT  O  N N 176 
ILE H    H  N N 177 
ILE H2   H  N N 178 
ILE HA   H  N N 179 
ILE HB   H  N N 180 
ILE HG12 H  N N 181 
ILE HG13 H  N N 182 
ILE HG21 H  N N 183 
ILE HG22 H  N N 184 
ILE HG23 H  N N 185 
ILE HD11 H  N N 186 
ILE HD12 H  N N 187 
ILE HD13 H  N N 188 
ILE HXT  H  N N 189 
LEU N    N  N N 190 
LEU CA   C  N S 191 
LEU C    C  N N 192 
LEU O    O  N N 193 
LEU CB   C  N N 194 
LEU CG   C  N N 195 
LEU CD1  C  N N 196 
LEU CD2  C  N N 197 
LEU OXT  O  N N 198 
LEU H    H  N N 199 
LEU H2   H  N N 200 
LEU HA   H  N N 201 
LEU HB2  H  N N 202 
LEU HB3  H  N N 203 
LEU HG   H  N N 204 
LEU HD11 H  N N 205 
LEU HD12 H  N N 206 
LEU HD13 H  N N 207 
LEU HD21 H  N N 208 
LEU HD22 H  N N 209 
LEU HD23 H  N N 210 
LEU HXT  H  N N 211 
LYS N    N  N N 212 
LYS CA   C  N S 213 
LYS C    C  N N 214 
LYS O    O  N N 215 
LYS CB   C  N N 216 
LYS CG   C  N N 217 
LYS CD   C  N N 218 
LYS CE   C  N N 219 
LYS NZ   N  N N 220 
LYS OXT  O  N N 221 
LYS H    H  N N 222 
LYS H2   H  N N 223 
LYS HA   H  N N 224 
LYS HB2  H  N N 225 
LYS HB3  H  N N 226 
LYS HG2  H  N N 227 
LYS HG3  H  N N 228 
LYS HD2  H  N N 229 
LYS HD3  H  N N 230 
LYS HE2  H  N N 231 
LYS HE3  H  N N 232 
LYS HZ1  H  N N 233 
LYS HZ2  H  N N 234 
LYS HZ3  H  N N 235 
LYS HXT  H  N N 236 
MET N    N  N N 237 
MET CA   C  N S 238 
MET C    C  N N 239 
MET O    O  N N 240 
MET CB   C  N N 241 
MET CG   C  N N 242 
MET SD   S  N N 243 
MET CE   C  N N 244 
MET OXT  O  N N 245 
MET H    H  N N 246 
MET H2   H  N N 247 
MET HA   H  N N 248 
MET HB2  H  N N 249 
MET HB3  H  N N 250 
MET HG2  H  N N 251 
MET HG3  H  N N 252 
MET HE1  H  N N 253 
MET HE2  H  N N 254 
MET HE3  H  N N 255 
MET HXT  H  N N 256 
MN  MN   MN N N 257 
PHE N    N  N N 258 
PHE CA   C  N S 259 
PHE C    C  N N 260 
PHE O    O  N N 261 
PHE CB   C  N N 262 
PHE CG   C  Y N 263 
PHE CD1  C  Y N 264 
PHE CD2  C  Y N 265 
PHE CE1  C  Y N 266 
PHE CE2  C  Y N 267 
PHE CZ   C  Y N 268 
PHE OXT  O  N N 269 
PHE H    H  N N 270 
PHE H2   H  N N 271 
PHE HA   H  N N 272 
PHE HB2  H  N N 273 
PHE HB3  H  N N 274 
PHE HD1  H  N N 275 
PHE HD2  H  N N 276 
PHE HE1  H  N N 277 
PHE HE2  H  N N 278 
PHE HZ   H  N N 279 
PHE HXT  H  N N 280 
PRO N    N  N N 281 
PRO CA   C  N S 282 
PRO C    C  N N 283 
PRO O    O  N N 284 
PRO CB   C  N N 285 
PRO CG   C  N N 286 
PRO CD   C  N N 287 
PRO OXT  O  N N 288 
PRO H    H  N N 289 
PRO HA   H  N N 290 
PRO HB2  H  N N 291 
PRO HB3  H  N N 292 
PRO HG2  H  N N 293 
PRO HG3  H  N N 294 
PRO HD2  H  N N 295 
PRO HD3  H  N N 296 
PRO HXT  H  N N 297 
SER N    N  N N 298 
SER CA   C  N S 299 
SER C    C  N N 300 
SER O    O  N N 301 
SER CB   C  N N 302 
SER OG   O  N N 303 
SER OXT  O  N N 304 
SER H    H  N N 305 
SER H2   H  N N 306 
SER HA   H  N N 307 
SER HB2  H  N N 308 
SER HB3  H  N N 309 
SER HG   H  N N 310 
SER HXT  H  N N 311 
THR N    N  N N 312 
THR CA   C  N S 313 
THR C    C  N N 314 
THR O    O  N N 315 
THR CB   C  N R 316 
THR OG1  O  N N 317 
THR CG2  C  N N 318 
THR OXT  O  N N 319 
THR H    H  N N 320 
THR H2   H  N N 321 
THR HA   H  N N 322 
THR HB   H  N N 323 
THR HG1  H  N N 324 
THR HG21 H  N N 325 
THR HG22 H  N N 326 
THR HG23 H  N N 327 
THR HXT  H  N N 328 
TRP N    N  N N 329 
TRP CA   C  N S 330 
TRP C    C  N N 331 
TRP O    O  N N 332 
TRP CB   C  N N 333 
TRP CG   C  Y N 334 
TRP CD1  C  Y N 335 
TRP CD2  C  Y N 336 
TRP NE1  N  Y N 337 
TRP CE2  C  Y N 338 
TRP CE3  C  Y N 339 
TRP CZ2  C  Y N 340 
TRP CZ3  C  Y N 341 
TRP CH2  C  Y N 342 
TRP OXT  O  N N 343 
TRP H    H  N N 344 
TRP H2   H  N N 345 
TRP HA   H  N N 346 
TRP HB2  H  N N 347 
TRP HB3  H  N N 348 
TRP HD1  H  N N 349 
TRP HE1  H  N N 350 
TRP HE3  H  N N 351 
TRP HZ2  H  N N 352 
TRP HZ3  H  N N 353 
TRP HH2  H  N N 354 
TRP HXT  H  N N 355 
TYR N    N  N N 356 
TYR CA   C  N S 357 
TYR C    C  N N 358 
TYR O    O  N N 359 
TYR CB   C  N N 360 
TYR CG   C  Y N 361 
TYR CD1  C  Y N 362 
TYR CD2  C  Y N 363 
TYR CE1  C  Y N 364 
TYR CE2  C  Y N 365 
TYR CZ   C  Y N 366 
TYR OH   O  N N 367 
TYR OXT  O  N N 368 
TYR H    H  N N 369 
TYR H2   H  N N 370 
TYR HA   H  N N 371 
TYR HB2  H  N N 372 
TYR HB3  H  N N 373 
TYR HD1  H  N N 374 
TYR HD2  H  N N 375 
TYR HE1  H  N N 376 
TYR HE2  H  N N 377 
TYR HH   H  N N 378 
TYR HXT  H  N N 379 
VAL N    N  N N 380 
VAL CA   C  N S 381 
VAL C    C  N N 382 
VAL O    O  N N 383 
VAL CB   C  N N 384 
VAL CG1  C  N N 385 
VAL CG2  C  N N 386 
VAL OXT  O  N N 387 
VAL H    H  N N 388 
VAL H2   H  N N 389 
VAL HA   H  N N 390 
VAL HB   H  N N 391 
VAL HG11 H  N N 392 
VAL HG12 H  N N 393 
VAL HG13 H  N N 394 
VAL HG21 H  N N 395 
VAL HG22 H  N N 396 
VAL HG23 H  N N 397 
VAL HXT  H  N N 398 
# 
loop_
_chem_comp_bond.comp_id 
_chem_comp_bond.atom_id_1 
_chem_comp_bond.atom_id_2 
_chem_comp_bond.value_order 
_chem_comp_bond.pdbx_aromatic_flag 
_chem_comp_bond.pdbx_stereo_config 
_chem_comp_bond.pdbx_ordinal 
ALA N   CA   sing N N 1   
ALA N   H    sing N N 2   
ALA N   H2   sing N N 3   
ALA CA  C    sing N N 4   
ALA CA  CB   sing N N 5   
ALA CA  HA   sing N N 6   
ALA C   O    doub N N 7   
ALA C   OXT  sing N N 8   
ALA CB  HB1  sing N N 9   
ALA CB  HB2  sing N N 10  
ALA CB  HB3  sing N N 11  
ALA OXT HXT  sing N N 12  
ARG N   CA   sing N N 13  
ARG N   H    sing N N 14  
ARG N   H2   sing N N 15  
ARG CA  C    sing N N 16  
ARG CA  CB   sing N N 17  
ARG CA  HA   sing N N 18  
ARG C   O    doub N N 19  
ARG C   OXT  sing N N 20  
ARG CB  CG   sing N N 21  
ARG CB  HB2  sing N N 22  
ARG CB  HB3  sing N N 23  
ARG CG  CD   sing N N 24  
ARG CG  HG2  sing N N 25  
ARG CG  HG3  sing N N 26  
ARG CD  NE   sing N N 27  
ARG CD  HD2  sing N N 28  
ARG CD  HD3  sing N N 29  
ARG NE  CZ   sing N N 30  
ARG NE  HE   sing N N 31  
ARG CZ  NH1  sing N N 32  
ARG CZ  NH2  doub N N 33  
ARG NH1 HH11 sing N N 34  
ARG NH1 HH12 sing N N 35  
ARG NH2 HH21 sing N N 36  
ARG NH2 HH22 sing N N 37  
ARG OXT HXT  sing N N 38  
ASN N   CA   sing N N 39  
ASN N   H    sing N N 40  
ASN N   H2   sing N N 41  
ASN CA  C    sing N N 42  
ASN CA  CB   sing N N 43  
ASN CA  HA   sing N N 44  
ASN C   O    doub N N 45  
ASN C   OXT  sing N N 46  
ASN CB  CG   sing N N 47  
ASN CB  HB2  sing N N 48  
ASN CB  HB3  sing N N 49  
ASN CG  OD1  doub N N 50  
ASN CG  ND2  sing N N 51  
ASN ND2 HD21 sing N N 52  
ASN ND2 HD22 sing N N 53  
ASN OXT HXT  sing N N 54  
ASP N   CA   sing N N 55  
ASP N   H    sing N N 56  
ASP N   H2   sing N N 57  
ASP CA  C    sing N N 58  
ASP CA  CB   sing N N 59  
ASP CA  HA   sing N N 60  
ASP C   O    doub N N 61  
ASP C   OXT  sing N N 62  
ASP CB  CG   sing N N 63  
ASP CB  HB2  sing N N 64  
ASP CB  HB3  sing N N 65  
ASP CG  OD1  doub N N 66  
ASP CG  OD2  sing N N 67  
ASP OD2 HD2  sing N N 68  
ASP OXT HXT  sing N N 69  
CYS N   CA   sing N N 70  
CYS N   H    sing N N 71  
CYS N   H2   sing N N 72  
CYS CA  C    sing N N 73  
CYS CA  CB   sing N N 74  
CYS CA  HA   sing N N 75  
CYS C   O    doub N N 76  
CYS C   OXT  sing N N 77  
CYS CB  SG   sing N N 78  
CYS CB  HB2  sing N N 79  
CYS CB  HB3  sing N N 80  
CYS SG  HG   sing N N 81  
CYS OXT HXT  sing N N 82  
GLN N   CA   sing N N 83  
GLN N   H    sing N N 84  
GLN N   H2   sing N N 85  
GLN CA  C    sing N N 86  
GLN CA  CB   sing N N 87  
GLN CA  HA   sing N N 88  
GLN C   O    doub N N 89  
GLN C   OXT  sing N N 90  
GLN CB  CG   sing N N 91  
GLN CB  HB2  sing N N 92  
GLN CB  HB3  sing N N 93  
GLN CG  CD   sing N N 94  
GLN CG  HG2  sing N N 95  
GLN CG  HG3  sing N N 96  
GLN CD  OE1  doub N N 97  
GLN CD  NE2  sing N N 98  
GLN NE2 HE21 sing N N 99  
GLN NE2 HE22 sing N N 100 
GLN OXT HXT  sing N N 101 
GLU N   CA   sing N N 102 
GLU N   H    sing N N 103 
GLU N   H2   sing N N 104 
GLU CA  C    sing N N 105 
GLU CA  CB   sing N N 106 
GLU CA  HA   sing N N 107 
GLU C   O    doub N N 108 
GLU C   OXT  sing N N 109 
GLU CB  CG   sing N N 110 
GLU CB  HB2  sing N N 111 
GLU CB  HB3  sing N N 112 
GLU CG  CD   sing N N 113 
GLU CG  HG2  sing N N 114 
GLU CG  HG3  sing N N 115 
GLU CD  OE1  doub N N 116 
GLU CD  OE2  sing N N 117 
GLU OE2 HE2  sing N N 118 
GLU OXT HXT  sing N N 119 
GLV C1  O1   doub N N 120 
GLV C1  C2   sing N N 121 
GLV C1  H1   sing N N 122 
GLV C2  O2   doub N N 123 
GLV C2  O3   sing N N 124 
GLV O3  HO3  sing N N 125 
GLY N   CA   sing N N 126 
GLY N   H    sing N N 127 
GLY N   H2   sing N N 128 
GLY CA  C    sing N N 129 
GLY CA  HA2  sing N N 130 
GLY CA  HA3  sing N N 131 
GLY C   O    doub N N 132 
GLY C   OXT  sing N N 133 
GLY OXT HXT  sing N N 134 
HIS N   CA   sing N N 135 
HIS N   H    sing N N 136 
HIS N   H2   sing N N 137 
HIS CA  C    sing N N 138 
HIS CA  CB   sing N N 139 
HIS CA  HA   sing N N 140 
HIS C   O    doub N N 141 
HIS C   OXT  sing N N 142 
HIS CB  CG   sing N N 143 
HIS CB  HB2  sing N N 144 
HIS CB  HB3  sing N N 145 
HIS CG  ND1  sing Y N 146 
HIS CG  CD2  doub Y N 147 
HIS ND1 CE1  doub Y N 148 
HIS ND1 HD1  sing N N 149 
HIS CD2 NE2  sing Y N 150 
HIS CD2 HD2  sing N N 151 
HIS CE1 NE2  sing Y N 152 
HIS CE1 HE1  sing N N 153 
HIS NE2 HE2  sing N N 154 
HIS OXT HXT  sing N N 155 
HOH O   H1   sing N N 156 
HOH O   H2   sing N N 157 
ILE N   CA   sing N N 158 
ILE N   H    sing N N 159 
ILE N   H2   sing N N 160 
ILE CA  C    sing N N 161 
ILE CA  CB   sing N N 162 
ILE CA  HA   sing N N 163 
ILE C   O    doub N N 164 
ILE C   OXT  sing N N 165 
ILE CB  CG1  sing N N 166 
ILE CB  CG2  sing N N 167 
ILE CB  HB   sing N N 168 
ILE CG1 CD1  sing N N 169 
ILE CG1 HG12 sing N N 170 
ILE CG1 HG13 sing N N 171 
ILE CG2 HG21 sing N N 172 
ILE CG2 HG22 sing N N 173 
ILE CG2 HG23 sing N N 174 
ILE CD1 HD11 sing N N 175 
ILE CD1 HD12 sing N N 176 
ILE CD1 HD13 sing N N 177 
ILE OXT HXT  sing N N 178 
LEU N   CA   sing N N 179 
LEU N   H    sing N N 180 
LEU N   H2   sing N N 181 
LEU CA  C    sing N N 182 
LEU CA  CB   sing N N 183 
LEU CA  HA   sing N N 184 
LEU C   O    doub N N 185 
LEU C   OXT  sing N N 186 
LEU CB  CG   sing N N 187 
LEU CB  HB2  sing N N 188 
LEU CB  HB3  sing N N 189 
LEU CG  CD1  sing N N 190 
LEU CG  CD2  sing N N 191 
LEU CG  HG   sing N N 192 
LEU CD1 HD11 sing N N 193 
LEU CD1 HD12 sing N N 194 
LEU CD1 HD13 sing N N 195 
LEU CD2 HD21 sing N N 196 
LEU CD2 HD22 sing N N 197 
LEU CD2 HD23 sing N N 198 
LEU OXT HXT  sing N N 199 
LYS N   CA   sing N N 200 
LYS N   H    sing N N 201 
LYS N   H2   sing N N 202 
LYS CA  C    sing N N 203 
LYS CA  CB   sing N N 204 
LYS CA  HA   sing N N 205 
LYS C   O    doub N N 206 
LYS C   OXT  sing N N 207 
LYS CB  CG   sing N N 208 
LYS CB  HB2  sing N N 209 
LYS CB  HB3  sing N N 210 
LYS CG  CD   sing N N 211 
LYS CG  HG2  sing N N 212 
LYS CG  HG3  sing N N 213 
LYS CD  CE   sing N N 214 
LYS CD  HD2  sing N N 215 
LYS CD  HD3  sing N N 216 
LYS CE  NZ   sing N N 217 
LYS CE  HE2  sing N N 218 
LYS CE  HE3  sing N N 219 
LYS NZ  HZ1  sing N N 220 
LYS NZ  HZ2  sing N N 221 
LYS NZ  HZ3  sing N N 222 
LYS OXT HXT  sing N N 223 
MET N   CA   sing N N 224 
MET N   H    sing N N 225 
MET N   H2   sing N N 226 
MET CA  C    sing N N 227 
MET CA  CB   sing N N 228 
MET CA  HA   sing N N 229 
MET C   O    doub N N 230 
MET C   OXT  sing N N 231 
MET CB  CG   sing N N 232 
MET CB  HB2  sing N N 233 
MET CB  HB3  sing N N 234 
MET CG  SD   sing N N 235 
MET CG  HG2  sing N N 236 
MET CG  HG3  sing N N 237 
MET SD  CE   sing N N 238 
MET CE  HE1  sing N N 239 
MET CE  HE2  sing N N 240 
MET CE  HE3  sing N N 241 
MET OXT HXT  sing N N 242 
PHE N   CA   sing N N 243 
PHE N   H    sing N N 244 
PHE N   H2   sing N N 245 
PHE CA  C    sing N N 246 
PHE CA  CB   sing N N 247 
PHE CA  HA   sing N N 248 
PHE C   O    doub N N 249 
PHE C   OXT  sing N N 250 
PHE CB  CG   sing N N 251 
PHE CB  HB2  sing N N 252 
PHE CB  HB3  sing N N 253 
PHE CG  CD1  doub Y N 254 
PHE CG  CD2  sing Y N 255 
PHE CD1 CE1  sing Y N 256 
PHE CD1 HD1  sing N N 257 
PHE CD2 CE2  doub Y N 258 
PHE CD2 HD2  sing N N 259 
PHE CE1 CZ   doub Y N 260 
PHE CE1 HE1  sing N N 261 
PHE CE2 CZ   sing Y N 262 
PHE CE2 HE2  sing N N 263 
PHE CZ  HZ   sing N N 264 
PHE OXT HXT  sing N N 265 
PRO N   CA   sing N N 266 
PRO N   CD   sing N N 267 
PRO N   H    sing N N 268 
PRO CA  C    sing N N 269 
PRO CA  CB   sing N N 270 
PRO CA  HA   sing N N 271 
PRO C   O    doub N N 272 
PRO C   OXT  sing N N 273 
PRO CB  CG   sing N N 274 
PRO CB  HB2  sing N N 275 
PRO CB  HB3  sing N N 276 
PRO CG  CD   sing N N 277 
PRO CG  HG2  sing N N 278 
PRO CG  HG3  sing N N 279 
PRO CD  HD2  sing N N 280 
PRO CD  HD3  sing N N 281 
PRO OXT HXT  sing N N 282 
SER N   CA   sing N N 283 
SER N   H    sing N N 284 
SER N   H2   sing N N 285 
SER CA  C    sing N N 286 
SER CA  CB   sing N N 287 
SER CA  HA   sing N N 288 
SER C   O    doub N N 289 
SER C   OXT  sing N N 290 
SER CB  OG   sing N N 291 
SER CB  HB2  sing N N 292 
SER CB  HB3  sing N N 293 
SER OG  HG   sing N N 294 
SER OXT HXT  sing N N 295 
THR N   CA   sing N N 296 
THR N   H    sing N N 297 
THR N   H2   sing N N 298 
THR CA  C    sing N N 299 
THR CA  CB   sing N N 300 
THR CA  HA   sing N N 301 
THR C   O    doub N N 302 
THR C   OXT  sing N N 303 
THR CB  OG1  sing N N 304 
THR CB  CG2  sing N N 305 
THR CB  HB   sing N N 306 
THR OG1 HG1  sing N N 307 
THR CG2 HG21 sing N N 308 
THR CG2 HG22 sing N N 309 
THR CG2 HG23 sing N N 310 
THR OXT HXT  sing N N 311 
TRP N   CA   sing N N 312 
TRP N   H    sing N N 313 
TRP N   H2   sing N N 314 
TRP CA  C    sing N N 315 
TRP CA  CB   sing N N 316 
TRP CA  HA   sing N N 317 
TRP C   O    doub N N 318 
TRP C   OXT  sing N N 319 
TRP CB  CG   sing N N 320 
TRP CB  HB2  sing N N 321 
TRP CB  HB3  sing N N 322 
TRP CG  CD1  doub Y N 323 
TRP CG  CD2  sing Y N 324 
TRP CD1 NE1  sing Y N 325 
TRP CD1 HD1  sing N N 326 
TRP CD2 CE2  doub Y N 327 
TRP CD2 CE3  sing Y N 328 
TRP NE1 CE2  sing Y N 329 
TRP NE1 HE1  sing N N 330 
TRP CE2 CZ2  sing Y N 331 
TRP CE3 CZ3  doub Y N 332 
TRP CE3 HE3  sing N N 333 
TRP CZ2 CH2  doub Y N 334 
TRP CZ2 HZ2  sing N N 335 
TRP CZ3 CH2  sing Y N 336 
TRP CZ3 HZ3  sing N N 337 
TRP CH2 HH2  sing N N 338 
TRP OXT HXT  sing N N 339 
TYR N   CA   sing N N 340 
TYR N   H    sing N N 341 
TYR N   H2   sing N N 342 
TYR CA  C    sing N N 343 
TYR CA  CB   sing N N 344 
TYR CA  HA   sing N N 345 
TYR C   O    doub N N 346 
TYR C   OXT  sing N N 347 
TYR CB  CG   sing N N 348 
TYR CB  HB2  sing N N 349 
TYR CB  HB3  sing N N 350 
TYR CG  CD1  doub Y N 351 
TYR CG  CD2  sing Y N 352 
TYR CD1 CE1  sing Y N 353 
TYR CD1 HD1  sing N N 354 
TYR CD2 CE2  doub Y N 355 
TYR CD2 HD2  sing N N 356 
TYR CE1 CZ   doub Y N 357 
TYR CE1 HE1  sing N N 358 
TYR CE2 CZ   sing Y N 359 
TYR CE2 HE2  sing N N 360 
TYR CZ  OH   sing N N 361 
TYR OH  HH   sing N N 362 
TYR OXT HXT  sing N N 363 
VAL N   CA   sing N N 364 
VAL N   H    sing N N 365 
VAL N   H2   sing N N 366 
VAL CA  C    sing N N 367 
VAL CA  CB   sing N N 368 
VAL CA  HA   sing N N 369 
VAL C   O    doub N N 370 
VAL C   OXT  sing N N 371 
VAL CB  CG1  sing N N 372 
VAL CB  CG2  sing N N 373 
VAL CB  HB   sing N N 374 
VAL CG1 HG11 sing N N 375 
VAL CG1 HG12 sing N N 376 
VAL CG1 HG13 sing N N 377 
VAL CG2 HG21 sing N N 378 
VAL CG2 HG22 sing N N 379 
VAL CG2 HG23 sing N N 380 
VAL OXT HXT  sing N N 381 
# 
_pdbx_initial_refinement_model.id               1 
_pdbx_initial_refinement_model.entity_id_list   ? 
_pdbx_initial_refinement_model.type             'experimental model' 
_pdbx_initial_refinement_model.source_name      PDB 
_pdbx_initial_refinement_model.accession_code   1FI2 
_pdbx_initial_refinement_model.details          'Oxalate oxidase (pdb entry 1fi2)' 
# 
_atom_sites.entry_id                    2ET1 
_atom_sites.fract_transf_matrix[1][1]   -0.00010816 
_atom_sites.fract_transf_matrix[1][2]   0.01112598 
_atom_sites.fract_transf_matrix[1][3]   0.00446859 
_atom_sites.fract_transf_matrix[2][1]   0.00895643 
_atom_sites.fract_transf_matrix[2][2]   0.00756127 
_atom_sites.fract_transf_matrix[2][3]   -0.00252380 
_atom_sites.fract_transf_matrix[3][1]   -0.00459547 
_atom_sites.fract_transf_matrix[3][2]   0.00295255 
_atom_sites.fract_transf_matrix[3][3]   -0.00746255 
_atom_sites.fract_transf_vector[1]      0.273133 
_atom_sites.fract_transf_vector[2]      0.148715 
_atom_sites.fract_transf_vector[3]      0.452131 
# 
loop_
_atom_type.symbol 
C  
MN 
N  
O  
S  
# 
loop_
_atom_site.group_PDB 
_atom_site.id 
_atom_site.type_symbol 
_atom_site.label_atom_id 
_atom_site.label_alt_id 
_atom_site.label_comp_id 
_atom_site.label_asym_id 
_atom_site.label_entity_id 
_atom_site.label_seq_id 
_atom_site.pdbx_PDB_ins_code 
_atom_site.Cartn_x 
_atom_site.Cartn_y 
_atom_site.Cartn_z 
_atom_site.occupancy 
_atom_site.B_iso_or_equiv 
_atom_site.pdbx_formal_charge 
_atom_site.auth_seq_id 
_atom_site.auth_comp_id 
_atom_site.auth_asym_id 
_atom_site.auth_atom_id 
_atom_site.pdbx_PDB_model_num 
ATOM   1    N  N   . THR A 1 1   ? -2.030  -14.401 -10.130 1.00 6.87  ? 1   THR A N   1 
ATOM   2    C  CA  . THR A 1 1   ? -2.588  -14.047 -8.785  1.00 6.32  ? 1   THR A CA  1 
ATOM   3    C  C   . THR A 1 1   ? -2.152  -15.076 -7.757  1.00 4.77  ? 1   THR A C   1 
ATOM   4    O  O   . THR A 1 1   ? -1.642  -16.137 -8.113  1.00 3.99  ? 1   THR A O   1 
ATOM   5    C  CB  . THR A 1 1   ? -4.125  -14.034 -8.790  1.00 6.83  ? 1   THR A CB  1 
ATOM   6    O  OG1 . THR A 1 1   ? -4.604  -15.365 -9.008  1.00 13.40 ? 1   THR A OG1 1 
ATOM   7    C  CG2 . THR A 1 1   ? -4.645  -13.076 -9.848  1.00 8.29  ? 1   THR A CG2 1 
ATOM   8    N  N   . ASP A 1 2   ? -2.368  -14.764 -6.478  1.00 3.97  ? 2   ASP A N   1 
ATOM   9    C  CA  . ASP A 1 2   ? -2.033  -15.682 -5.379  1.00 3.84  ? 2   ASP A CA  1 
ATOM   10   C  C   . ASP A 1 2   ? -2.499  -17.118 -5.698  1.00 3.61  ? 2   ASP A C   1 
ATOM   11   O  O   . ASP A 1 2   ? -3.610  -17.305 -6.228  1.00 3.86  ? 2   ASP A O   1 
ATOM   12   C  CB  . ASP A 1 2   ? -2.783  -15.301 -4.085  1.00 3.07  ? 2   ASP A CB  1 
ATOM   13   C  CG  . ASP A 1 2   ? -2.204  -14.089 -3.338  1.00 3.79  ? 2   ASP A CG  1 
ATOM   14   O  OD1 . ASP A 1 2   ? -1.396  -13.316 -3.892  1.00 3.21  ? 2   ASP A OD1 1 
ATOM   15   O  OD2 . ASP A 1 2   ? -2.591  -13.937 -2.149  1.00 3.00  ? 2   ASP A OD2 1 
ATOM   16   N  N   . PRO A 1 3   ? -1.686  -18.137 -5.335  1.00 3.86  ? 3   PRO A N   1 
ATOM   17   C  CA  . PRO A 1 3   ? -2.140  -19.535 -5.414  1.00 4.21  ? 3   PRO A CA  1 
ATOM   18   C  C   . PRO A 1 3   ? -3.494  -19.801 -4.721  1.00 4.14  ? 3   PRO A C   1 
ATOM   19   O  O   . PRO A 1 3   ? -3.777  -19.245 -3.641  1.00 4.99  ? 3   PRO A O   1 
ATOM   20   C  CB  . PRO A 1 3   ? -1.026  -20.301 -4.694  1.00 4.38  ? 3   PRO A CB  1 
ATOM   21   C  CG  . PRO A 1 3   ? 0.206   -19.450 -4.858  1.00 4.89  ? 3   PRO A CG  1 
ATOM   22   C  CD  . PRO A 1 3   ? -0.296  -18.027 -4.845  1.00 4.14  ? 3   PRO A CD  1 
ATOM   23   N  N   . ASP A 1 4   ? -4.344  -20.624 -5.334  1.00 3.47  ? 4   ASP A N   1 
ATOM   24   C  CA  . ASP A 1 4   ? -5.629  -20.989 -4.708  1.00 3.65  ? 4   ASP A CA  1 
ATOM   25   C  C   . ASP A 1 4   ? -5.428  -21.857 -3.440  1.00 3.16  ? 4   ASP A C   1 
ATOM   26   O  O   . ASP A 1 4   ? -4.431  -22.573 -3.334  1.00 3.69  ? 4   ASP A O   1 
ATOM   27   C  CB  . ASP A 1 4   ? -6.517  -21.785 -5.696  1.00 3.53  ? 4   ASP A CB  1 
ATOM   28   C  CG  . ASP A 1 4   ? -7.276  -20.909 -6.685  1.00 6.25  ? 4   ASP A CG  1 
ATOM   29   O  OD1 . ASP A 1 4   ? -8.264  -21.416 -7.264  1.00 7.01  ? 4   ASP A OD1 1 
ATOM   30   O  OD2 . ASP A 1 4   ? -6.902  -19.742 -6.875  1.00 9.63  ? 4   ASP A OD2 1 
ATOM   31   N  N   . PRO A 1 5   ? -6.407  -21.832 -2.507  1.00 3.04  ? 5   PRO A N   1 
ATOM   32   C  CA  . PRO A 1 5   ? -6.316  -22.694 -1.318  1.00 2.96  ? 5   PRO A CA  1 
ATOM   33   C  C   . PRO A 1 5   ? -6.586  -24.165 -1.633  1.00 2.54  ? 5   PRO A C   1 
ATOM   34   O  O   . PRO A 1 5   ? -7.288  -24.478 -2.612  1.00 2.71  ? 5   PRO A O   1 
ATOM   35   C  CB  . PRO A 1 5   ? -7.393  -22.122 -0.397  1.00 3.55  ? 5   PRO A CB  1 
ATOM   36   C  CG  . PRO A 1 5   ? -8.429  -21.540 -1.343  1.00 3.59  ? 5   PRO A CG  1 
ATOM   37   C  CD  . PRO A 1 5   ? -7.646  -21.022 -2.523  1.00 3.66  ? 5   PRO A CD  1 
ATOM   38   N  N   . LEU A 1 6   ? -6.000  -25.056 -0.818  1.00 2.00  ? 6   LEU A N   1 
ATOM   39   C  CA  . LEU A 1 6   ? -6.112  -26.514 -0.985  1.00 2.00  ? 6   LEU A CA  1 
ATOM   40   C  C   . LEU A 1 6   ? -6.881  -27.198 0.162   1.00 2.05  ? 6   LEU A C   1 
ATOM   41   O  O   . LEU A 1 6   ? -6.947  -28.439 0.247   1.00 2.61  ? 6   LEU A O   1 
ATOM   42   C  CB  . LEU A 1 6   ? -4.710  -27.133 -1.155  1.00 2.00  ? 6   LEU A CB  1 
ATOM   43   C  CG  . LEU A 1 6   ? -4.036  -26.822 -2.505  1.00 2.00  ? 6   LEU A CG  1 
ATOM   44   C  CD1 . LEU A 1 6   ? -2.554  -27.161 -2.485  1.00 4.21  ? 6   LEU A CD1 1 
ATOM   45   C  CD2 . LEU A 1 6   ? -4.713  -27.536 -3.683  1.00 3.46  ? 6   LEU A CD2 1 
ATOM   46   N  N   . GLN A 1 7   ? -7.479  -26.364 1.022   1.00 2.35  ? 7   GLN A N   1 
ATOM   47   C  CA  . GLN A 1 7   ? -8.336  -26.775 2.164   1.00 2.42  ? 7   GLN A CA  1 
ATOM   48   C  C   . GLN A 1 7   ? -9.144  -25.558 2.628   1.00 2.93  ? 7   GLN A C   1 
ATOM   49   O  O   . GLN A 1 7   ? -8.934  -24.440 2.119   1.00 2.70  ? 7   GLN A O   1 
ATOM   50   C  CB  . GLN A 1 7   ? -7.487  -27.329 3.321   1.00 2.30  ? 7   GLN A CB  1 
ATOM   51   C  CG  . GLN A 1 7   ? -6.535  -26.295 3.948   1.00 2.51  ? 7   GLN A CG  1 
ATOM   52   C  CD  . GLN A 1 7   ? -5.339  -25.974 3.047   1.00 3.57  ? 7   GLN A CD  1 
ATOM   53   O  OE1 . GLN A 1 7   ? -4.589  -26.876 2.634   1.00 4.06  ? 7   GLN A OE1 1 
ATOM   54   N  NE2 . GLN A 1 7   ? -5.161  -24.683 2.737   1.00 2.87  ? 7   GLN A NE2 1 
ATOM   55   N  N   . ASP A 1 8   ? -10.044 -25.759 3.601   1.00 2.82  ? 8   ASP A N   1 
ATOM   56   C  CA  . ASP A 1 8   ? -10.903 -24.663 4.083   1.00 3.18  ? 8   ASP A CA  1 
ATOM   57   C  C   . ASP A 1 8   ? -10.113 -23.500 4.712   1.00 3.00  ? 8   ASP A C   1 
ATOM   58   O  O   . ASP A 1 8   ? -10.342 -22.329 4.368   1.00 2.92  ? 8   ASP A O   1 
ATOM   59   C  CB  . ASP A 1 8   ? -11.931 -25.162 5.116   1.00 3.34  ? 8   ASP A CB  1 
ATOM   60   C  CG  . ASP A 1 8   ? -12.972 -26.136 4.548   1.00 4.14  ? 8   ASP A CG  1 
ATOM   61   O  OD1 . ASP A 1 8   ? -13.698 -26.708 5.403   1.00 5.87  ? 8   ASP A OD1 1 
ATOM   62   O  OD2 . ASP A 1 8   ? -13.097 -26.367 3.317   1.00 5.10  ? 8   ASP A OD2 1 
ATOM   63   N  N   . PHE A 1 9   ? -9.216  -23.827 5.655   1.00 3.19  ? 9   PHE A N   1 
ATOM   64   C  CA  . PHE A 1 9   ? -8.529  -22.818 6.495   1.00 3.06  ? 9   PHE A CA  1 
ATOM   65   C  C   . PHE A 1 9   ? -7.057  -23.184 6.676   1.00 2.97  ? 9   PHE A C   1 
ATOM   66   O  O   . PHE A 1 9   ? -6.706  -24.367 6.685   1.00 3.32  ? 9   PHE A O   1 
ATOM   67   C  CB  . PHE A 1 9   ? -9.159  -22.718 7.909   1.00 3.34  ? 9   PHE A CB  1 
ATOM   68   C  CG  . PHE A 1 9   ? -10.674 -22.735 7.944   1.00 3.10  ? 9   PHE A CG  1 
ATOM   69   C  CD1 . PHE A 1 9   ? -11.359 -23.818 8.505   1.00 4.26  ? 9   PHE A CD1 1 
ATOM   70   C  CD2 . PHE A 1 9   ? -11.420 -21.667 7.453   1.00 2.79  ? 9   PHE A CD2 1 
ATOM   71   C  CE1 . PHE A 1 9   ? -12.762 -23.832 8.549   1.00 4.41  ? 9   PHE A CE1 1 
ATOM   72   C  CE2 . PHE A 1 9   ? -12.847 -21.669 7.499   1.00 4.54  ? 9   PHE A CE2 1 
ATOM   73   C  CZ  . PHE A 1 9   ? -13.497 -22.746 8.052   1.00 3.33  ? 9   PHE A CZ  1 
ATOM   74   N  N   . CYS A 1 10  ? -6.199  -22.175 6.847   1.00 3.81  ? 10  CYS A N   1 
ATOM   75   C  CA  . CYS A 1 10  ? -4.760  -22.409 7.037   1.00 4.25  ? 10  CYS A CA  1 
ATOM   76   C  C   . CYS A 1 10  ? -4.162  -21.140 7.671   1.00 4.07  ? 10  CYS A C   1 
ATOM   77   O  O   . CYS A 1 10  ? -3.523  -20.344 6.984   1.00 4.46  ? 10  CYS A O   1 
ATOM   78   C  CB  . CYS A 1 10  ? -4.095  -22.706 5.678   1.00 4.26  ? 10  CYS A CB  1 
ATOM   79   S  SG  . CYS A 1 10  ? -2.715  -23.924 5.659   1.00 7.97  ? 10  CYS A SG  1 
ATOM   80   N  N   . VAL A 1 11  ? -4.409  -20.940 8.972   1.00 3.71  ? 11  VAL A N   1 
ATOM   81   C  CA  . VAL A 1 11  ? -4.003  -19.705 9.653   1.00 3.98  ? 11  VAL A CA  1 
ATOM   82   C  C   . VAL A 1 11  ? -2.476  -19.602 9.694   1.00 3.39  ? 11  VAL A C   1 
ATOM   83   O  O   . VAL A 1 11  ? -1.806  -20.565 10.081  1.00 3.60  ? 11  VAL A O   1 
ATOM   84   C  CB  . VAL A 1 11  ? -4.589  -19.641 11.096  1.00 3.12  ? 11  VAL A CB  1 
ATOM   85   C  CG1 . VAL A 1 11  ? -4.210  -18.339 11.806  1.00 4.88  ? 11  VAL A CG1 1 
ATOM   86   C  CG2 . VAL A 1 11  ? -6.100  -19.818 11.055  1.00 4.38  ? 11  VAL A CG2 1 
ATOM   87   N  N   . ALA A 1 12  ? -1.921  -18.459 9.289   1.00 3.59  ? 12  ALA A N   1 
ATOM   88   C  CA  . ALA A 1 12  ? -0.447  -18.318 9.238   1.00 3.85  ? 12  ALA A CA  1 
ATOM   89   C  C   . ALA A 1 12  ? 0.211   -18.518 10.611  1.00 4.48  ? 12  ALA A C   1 
ATOM   90   O  O   . ALA A 1 12  ? -0.285  -17.999 11.629  1.00 5.02  ? 12  ALA A O   1 
ATOM   91   C  CB  . ALA A 1 12  ? -0.041  -16.955 8.649   1.00 4.17  ? 12  ALA A CB  1 
ATOM   92   N  N   . ASP A 1 13  ? 1.286   -19.307 10.631  1.00 4.78  ? 13  ASP A N   1 
ATOM   93   C  CA  . ASP A 1 13  ? 2.175   -19.420 11.797  1.00 5.86  ? 13  ASP A CA  1 
ATOM   94   C  C   . ASP A 1 13  ? 3.267   -18.371 11.591  1.00 7.24  ? 13  ASP A C   1 
ATOM   95   O  O   . ASP A 1 13  ? 4.124   -18.529 10.712  1.00 7.42  ? 13  ASP A O   1 
ATOM   96   C  CB  . ASP A 1 13  ? 2.775   -20.838 11.871  1.00 6.38  ? 13  ASP A CB  1 
ATOM   97   C  CG  . ASP A 1 13  ? 3.729   -21.032 13.056  1.00 7.09  ? 13  ASP A CG  1 
ATOM   98   O  OD1 . ASP A 1 13  ? 4.245   -22.171 13.214  1.00 8.47  ? 13  ASP A OD1 1 
ATOM   99   O  OD2 . ASP A 1 13  ? 3.965   -20.065 13.816  1.00 8.53  ? 13  ASP A OD2 1 
ATOM   100  N  N   . LEU A 1 14  ? 3.208   -17.309 12.395  1.00 8.26  ? 14  LEU A N   1 
ATOM   101  C  CA  . LEU A 1 14  ? 4.107   -16.154 12.247  1.00 10.57 ? 14  LEU A CA  1 
ATOM   102  C  C   . LEU A 1 14  ? 5.323   -16.180 13.178  1.00 11.72 ? 14  LEU A C   1 
ATOM   103  O  O   . LEU A 1 14  ? 6.068   -15.194 13.246  1.00 13.10 ? 14  LEU A O   1 
ATOM   104  C  CB  . LEU A 1 14  ? 3.334   -14.839 12.408  1.00 10.30 ? 14  LEU A CB  1 
ATOM   105  C  CG  . LEU A 1 14  ? 2.303   -14.573 11.293  1.00 11.10 ? 14  LEU A CG  1 
ATOM   106  C  CD1 . LEU A 1 14  ? 1.474   -13.339 11.607  1.00 12.01 ? 14  LEU A CD1 1 
ATOM   107  C  CD2 . LEU A 1 14  ? 2.963   -14.451 9.930   1.00 12.13 ? 14  LEU A CD2 1 
ATOM   108  N  N   . ASP A 1 15  ? 5.546   -17.286 13.883  1.00 12.91 ? 15  ASP A N   1 
ATOM   109  C  CA  . ASP A 1 15  ? 6.739   -17.345 14.725  1.00 14.58 ? 15  ASP A CA  1 
ATOM   110  C  C   . ASP A 1 15  ? 8.033   -17.170 13.929  1.00 15.20 ? 15  ASP A C   1 
ATOM   111  O  O   . ASP A 1 15  ? 8.187   -17.735 12.848  1.00 14.93 ? 15  ASP A O   1 
ATOM   112  C  CB  . ASP A 1 15  ? 6.806   -18.612 15.559  1.00 15.09 ? 15  ASP A CB  1 
ATOM   113  C  CG  . ASP A 1 15  ? 7.926   -18.553 16.575  1.00 18.48 ? 15  ASP A CG  1 
ATOM   114  O  OD1 . ASP A 1 15  ? 7.667   -18.089 17.706  1.00 21.43 ? 15  ASP A OD1 1 
ATOM   115  O  OD2 . ASP A 1 15  ? 9.068   -18.930 16.222  1.00 21.41 ? 15  ASP A OD2 1 
ATOM   116  N  N   . GLY A 1 16  ? 8.965   -16.400 14.497  1.00 16.25 ? 16  GLY A N   1 
ATOM   117  C  CA  . GLY A 1 16  ? 10.234  -16.074 13.846  1.00 17.55 ? 16  GLY A CA  1 
ATOM   118  C  C   . GLY A 1 16  ? 11.084  -17.262 13.428  1.00 18.08 ? 16  GLY A C   1 
ATOM   119  O  O   . GLY A 1 16  ? 11.881  -17.158 12.487  1.00 19.02 ? 16  GLY A O   1 
ATOM   120  N  N   . LYS A 1 17  ? 10.910  -18.390 14.114  1.00 17.76 ? 17  LYS A N   1 
ATOM   121  C  CA  . LYS A 1 17  ? 11.693  -19.596 13.826  1.00 17.73 ? 17  LYS A CA  1 
ATOM   122  C  C   . LYS A 1 17  ? 10.938  -20.654 13.017  1.00 16.62 ? 17  LYS A C   1 
ATOM   123  O  O   . LYS A 1 17  ? 11.442  -21.766 12.813  1.00 17.07 ? 17  LYS A O   1 
ATOM   124  C  CB  . LYS A 1 17  ? 12.249  -20.207 15.122  1.00 18.54 ? 17  LYS A CB  1 
ATOM   125  C  CG  . LYS A 1 17  ? 13.160  -19.274 15.929  1.00 21.45 ? 17  LYS A CG  1 
ATOM   126  C  CD  . LYS A 1 17  ? 14.235  -18.611 15.060  1.00 24.97 ? 17  LYS A CD  1 
ATOM   127  C  CE  . LYS A 1 17  ? 14.920  -17.459 15.793  1.00 26.66 ? 17  LYS A CE  1 
ATOM   128  N  NZ  . LYS A 1 17  ? 15.984  -16.824 14.950  1.00 28.08 ? 17  LYS A NZ  1 
ATOM   129  N  N   . ALA A 1 18  ? 9.731   -20.318 12.556  1.00 14.65 ? 18  ALA A N   1 
ATOM   130  C  CA  . ALA A 1 18  ? 8.974   -21.257 11.720  1.00 13.12 ? 18  ALA A CA  1 
ATOM   131  C  C   . ALA A 1 18  ? 9.717   -21.460 10.390  1.00 11.86 ? 18  ALA A C   1 
ATOM   132  O  O   . ALA A 1 18  ? 10.424  -20.554 9.921   1.00 11.92 ? 18  ALA A O   1 
ATOM   133  C  CB  . ALA A 1 18  ? 7.557   -20.736 11.480  1.00 13.24 ? 18  ALA A CB  1 
ATOM   134  N  N   . VAL A 1 19  ? 9.552   -22.644 9.796   1.00 10.82 ? 19  VAL A N   1 
ATOM   135  C  CA  . VAL A 1 19  ? 10.091  -22.932 8.457   1.00 10.12 ? 19  VAL A CA  1 
ATOM   136  C  C   . VAL A 1 19  ? 9.529   -21.892 7.469   1.00 8.52  ? 19  VAL A C   1 
ATOM   137  O  O   . VAL A 1 19  ? 8.403   -21.420 7.638   1.00 8.83  ? 19  VAL A O   1 
ATOM   138  C  CB  . VAL A 1 19  ? 9.784   -24.406 8.025   1.00 10.58 ? 19  VAL A CB  1 
ATOM   139  C  CG1 . VAL A 1 19  ? 8.304   -24.711 8.075   1.00 13.20 ? 19  VAL A CG1 1 
ATOM   140  C  CG2 . VAL A 1 19  ? 10.342  -24.717 6.635   1.00 12.29 ? 19  VAL A CG2 1 
ATOM   141  N  N   . SER A 1 20  ? 10.329  -21.514 6.472   1.00 6.95  ? 20  SER A N   1 
ATOM   142  C  CA  . SER A 1 20  ? 9.939   -20.475 5.504   1.00 6.30  ? 20  SER A CA  1 
ATOM   143  C  C   . SER A 1 20  ? 9.574   -21.136 4.181   1.00 5.48  ? 20  SER A C   1 
ATOM   144  O  O   . SER A 1 20  ? 10.295  -22.014 3.704   1.00 5.87  ? 20  SER A O   1 
ATOM   145  C  CB  . SER A 1 20  ? 11.079  -19.484 5.283   1.00 6.44  ? 20  SER A CB  1 
ATOM   146  O  OG  . SER A 1 20  ? 10.703  -18.465 4.353   1.00 8.24  ? 20  SER A OG  1 
ATOM   147  N  N   . VAL A 1 21  ? 8.443   -20.716 3.615   1.00 4.94  ? 21  VAL A N   1 
ATOM   148  C  CA  . VAL A 1 21  ? 7.942   -21.228 2.320   1.00 4.12  ? 21  VAL A CA  1 
ATOM   149  C  C   . VAL A 1 21  ? 7.317   -20.062 1.549   1.00 3.83  ? 21  VAL A C   1 
ATOM   150  O  O   . VAL A 1 21  ? 7.145   -18.981 2.095   1.00 4.09  ? 21  VAL A O   1 
ATOM   151  C  CB  . VAL A 1 21  ? 6.851   -22.356 2.482   1.00 3.60  ? 21  VAL A CB  1 
ATOM   152  C  CG1 . VAL A 1 21  ? 7.450   -23.666 3.020   1.00 5.57  ? 21  VAL A CG1 1 
ATOM   153  C  CG2 . VAL A 1 21  ? 5.663   -21.887 3.344   1.00 5.19  ? 21  VAL A CG2 1 
ATOM   154  N  N   . ASN A 1 22  ? 6.954   -20.278 0.284   1.00 3.42  ? 22  ASN A N   1 
ATOM   155  C  CA  . ASN A 1 22  ? 6.139   -19.273 -0.428  1.00 2.83  ? 22  ASN A CA  1 
ATOM   156  C  C   . ASN A 1 22  ? 4.875   -18.988 0.408   1.00 3.55  ? 22  ASN A C   1 
ATOM   157  O  O   . ASN A 1 22  ? 4.094   -19.910 0.693   1.00 3.84  ? 22  ASN A O   1 
ATOM   158  C  CB  . ASN A 1 22  ? 5.767   -19.803 -1.822  1.00 2.79  ? 22  ASN A CB  1 
ATOM   159  C  CG  . ASN A 1 22  ? 5.200   -18.727 -2.748  1.00 3.08  ? 22  ASN A CG  1 
ATOM   160  O  OD1 . ASN A 1 22  ? 5.588   -17.559 -2.692  1.00 2.79  ? 22  ASN A OD1 1 
ATOM   161  N  ND2 . ASN A 1 22  ? 4.323   -19.146 -3.656  1.00 3.27  ? 22  ASN A ND2 1 
ATOM   162  N  N   . GLY A 1 23  ? 4.687   -17.734 0.819   1.00 3.11  ? 23  GLY A N   1 
ATOM   163  C  CA  . GLY A 1 23  ? 3.618   -17.420 1.775   1.00 3.85  ? 23  GLY A CA  1 
ATOM   164  C  C   . GLY A 1 23  ? 4.048   -17.704 3.203   1.00 3.94  ? 23  GLY A C   1 
ATOM   165  O  O   . GLY A 1 23  ? 5.070   -17.182 3.673   1.00 3.56  ? 23  GLY A O   1 
ATOM   166  N  N   . HIS A 1 24  ? 3.257   -18.524 3.894   1.00 3.61  ? 24  HIS A N   1 
ATOM   167  C  CA  . HIS A 1 24  ? 3.518   -18.922 5.294   1.00 3.70  ? 24  HIS A CA  1 
ATOM   168  C  C   . HIS A 1 24  ? 3.035   -20.340 5.564   1.00 4.02  ? 24  HIS A C   1 
ATOM   169  O  O   . HIS A 1 24  ? 1.999   -20.774 5.024   1.00 3.48  ? 24  HIS A O   1 
ATOM   170  C  CB  . HIS A 1 24  ? 2.783   -18.009 6.273   1.00 4.13  ? 24  HIS A CB  1 
ATOM   171  C  CG  . HIS A 1 24  ? 3.233   -16.588 6.209   1.00 4.01  ? 24  HIS A CG  1 
ATOM   172  N  ND1 . HIS A 1 24  ? 4.380   -16.141 6.829   1.00 5.44  ? 24  HIS A ND1 1 
ATOM   173  C  CD2 . HIS A 1 24  ? 2.719   -15.529 5.544   1.00 6.04  ? 24  HIS A CD2 1 
ATOM   174  C  CE1 . HIS A 1 24  ? 4.538   -14.853 6.562   1.00 6.90  ? 24  HIS A CE1 1 
ATOM   175  N  NE2 . HIS A 1 24  ? 3.541   -14.457 5.792   1.00 6.48  ? 24  HIS A NE2 1 
ATOM   176  N  N   . THR A 1 25  ? 3.773   -21.055 6.414   1.00 4.45  ? 25  THR A N   1 
ATOM   177  C  CA  . THR A 1 25  ? 3.262   -22.297 6.997   1.00 5.24  ? 25  THR A CA  1 
ATOM   178  C  C   . THR A 1 25  ? 2.057   -21.973 7.885   1.00 4.98  ? 25  THR A C   1 
ATOM   179  O  O   . THR A 1 25  ? 1.807   -20.801 8.222   1.00 4.69  ? 25  THR A O   1 
ATOM   180  C  CB  . THR A 1 25  ? 4.339   -23.003 7.830   1.00 4.77  ? 25  THR A CB  1 
ATOM   181  O  OG1 . THR A 1 25  ? 4.827   -22.079 8.811   1.00 10.46 ? 25  THR A OG1 1 
ATOM   182  C  CG2 . THR A 1 25  ? 5.496   -23.433 6.953   1.00 8.96  ? 25  THR A CG2 1 
ATOM   183  N  N   . CYS A 1 26  ? 1.298   -23.004 8.242   1.00 4.79  ? 26  CYS A N   1 
ATOM   184  C  CA  . CYS A 1 26  ? 0.069   -22.798 8.998   1.00 4.90  ? 26  CYS A CA  1 
ATOM   185  C  C   . CYS A 1 26  ? 0.109   -23.401 10.401  1.00 5.26  ? 26  CYS A C   1 
ATOM   186  O  O   . CYS A 1 26  ? 0.780   -24.413 10.629  1.00 5.76  ? 26  CYS A O   1 
ATOM   187  C  CB  . CYS A 1 26  ? -1.115  -23.376 8.221   1.00 6.01  ? 26  CYS A CB  1 
ATOM   188  S  SG  . CYS A 1 26  ? -1.095  -22.946 6.446   1.00 7.59  ? 26  CYS A SG  1 
ATOM   189  N  N   . LYS A 1 27  ? -0.625  -22.772 11.323  1.00 5.79  ? 27  LYS A N   1 
ATOM   190  C  CA  . LYS A 1 27  ? -0.868  -23.348 12.644  1.00 6.95  ? 27  LYS A CA  1 
ATOM   191  C  C   . LYS A 1 27  ? -1.666  -24.640 12.493  1.00 7.05  ? 27  LYS A C   1 
ATOM   192  O  O   . LYS A 1 27  ? -2.543  -24.720 11.634  1.00 7.03  ? 27  LYS A O   1 
ATOM   193  C  CB  . LYS A 1 27  ? -1.689  -22.384 13.517  1.00 7.43  ? 27  LYS A CB  1 
ATOM   194  C  CG  . LYS A 1 27  ? -1.019  -21.058 13.877  1.00 11.08 ? 27  LYS A CG  1 
ATOM   195  C  CD  . LYS A 1 27  ? 0.233   -21.234 14.734  1.00 15.55 ? 27  LYS A CD  1 
ATOM   196  C  CE  . LYS A 1 27  ? -0.063  -21.789 16.128  1.00 16.89 ? 27  LYS A CE  1 
ATOM   197  N  NZ  . LYS A 1 27  ? 1.217   -22.041 16.864  1.00 19.51 ? 27  LYS A NZ  1 
ATOM   198  N  N   . PRO A 1 28  ? -1.401  -25.640 13.351  1.00 7.25  ? 28  PRO A N   1 
ATOM   199  C  CA  . PRO A 1 28  ? -2.349  -26.762 13.433  1.00 7.35  ? 28  PRO A CA  1 
ATOM   200  C  C   . PRO A 1 28  ? -3.764  -26.232 13.722  1.00 7.99  ? 28  PRO A C   1 
ATOM   201  O  O   . PRO A 1 28  ? -3.909  -25.296 14.516  1.00 8.40  ? 28  PRO A O   1 
ATOM   202  C  CB  . PRO A 1 28  ? -1.828  -27.578 14.629  1.00 8.05  ? 28  PRO A CB  1 
ATOM   203  C  CG  . PRO A 1 28  ? -0.366  -27.224 14.729  1.00 8.05  ? 28  PRO A CG  1 
ATOM   204  C  CD  . PRO A 1 28  ? -0.256  -25.791 14.269  1.00 7.18  ? 28  PRO A CD  1 
ATOM   205  N  N   . MET A 1 29  ? -4.788  -26.777 13.067  1.00 8.26  ? 29  MET A N   1 
ATOM   206  C  CA  . MET A 1 29  ? -6.163  -26.315 13.324  1.00 9.57  ? 29  MET A CA  1 
ATOM   207  C  C   . MET A 1 29  ? -6.546  -26.400 14.814  1.00 9.72  ? 29  MET A C   1 
ATOM   208  O  O   . MET A 1 29  ? -7.323  -25.577 15.302  1.00 10.78 ? 29  MET A O   1 
ATOM   209  C  CB  . MET A 1 29  ? -7.198  -27.070 12.476  1.00 9.84  ? 29  MET A CB  1 
ATOM   210  C  CG  . MET A 1 29  ? -7.203  -26.719 10.980  1.00 11.49 ? 29  MET A CG  1 
ATOM   211  S  SD  . MET A 1 29  ? -7.481  -24.976 10.586  1.00 13.03 ? 29  MET A SD  1 
ATOM   212  C  CE  . MET A 1 29  ? -8.805  -24.517 11.694  1.00 13.66 ? 29  MET A CE  1 
ATOM   213  N  N   . SER A 1 30  ? -5.998  -27.391 15.523  1.00 10.64 ? 30  SER A N   1 
ATOM   214  C  CA  . SER A 1 30  ? -6.192  -27.533 16.981  1.00 10.67 ? 30  SER A CA  1 
ATOM   215  C  C   . SER A 1 30  ? -5.834  -26.295 17.804  1.00 10.91 ? 30  SER A C   1 
ATOM   216  O  O   . SER A 1 30  ? -6.321  -26.126 18.934  1.00 10.94 ? 30  SER A O   1 
ATOM   217  C  CB  . SER A 1 30  ? -5.372  -28.726 17.496  1.00 10.98 ? 30  SER A CB  1 
ATOM   218  O  OG  . SER A 1 30  ? -3.981  -28.513 17.318  1.00 11.28 ? 30  SER A OG  1 
ATOM   219  N  N   . GLU A 1 31  ? -4.963  -25.449 17.254  1.00 10.64 ? 31  GLU A N   1 
ATOM   220  C  CA  . GLU A 1 31  ? -4.436  -24.297 17.961  1.00 10.86 ? 31  GLU A CA  1 
ATOM   221  C  C   . GLU A 1 31  ? -5.088  -22.975 17.529  1.00 10.47 ? 31  GLU A C   1 
ATOM   222  O  O   . GLU A 1 31  ? -4.655  -21.904 17.970  1.00 11.11 ? 31  GLU A O   1 
ATOM   223  C  CB  . GLU A 1 31  ? -2.903  -24.244 17.801  1.00 10.88 ? 31  GLU A CB  1 
ATOM   224  C  CG  . GLU A 1 31  ? -2.189  -25.472 18.408  1.00 11.66 ? 31  GLU A CG  1 
ATOM   225  C  CD  . GLU A 1 31  ? -0.666  -25.463 18.281  1.00 12.19 ? 31  GLU A CD  1 
ATOM   226  O  OE1 . GLU A 1 31  ? -0.062  -24.430 17.895  1.00 14.49 ? 31  GLU A OE1 1 
ATOM   227  O  OE2 . GLU A 1 31  ? -0.064  -26.514 18.589  1.00 15.80 ? 31  GLU A OE2 1 
ATOM   228  N  N   . ALA A 1 32  ? -6.116  -23.050 16.671  1.00 9.84  ? 32  ALA A N   1 
ATOM   229  C  CA  . ALA A 1 32  ? -6.667  -21.831 16.027  1.00 8.64  ? 32  ALA A CA  1 
ATOM   230  C  C   . ALA A 1 32  ? -7.785  -21.095 16.784  1.00 8.60  ? 32  ALA A C   1 
ATOM   231  O  O   . ALA A 1 32  ? -7.902  -19.859 16.668  1.00 7.39  ? 32  ALA A O   1 
ATOM   232  C  CB  . ALA A 1 32  ? -7.112  -22.133 14.584  1.00 8.48  ? 32  ALA A CB  1 
ATOM   233  N  N   . GLY A 1 33  ? -8.605  -21.834 17.536  1.00 8.28  ? 33  GLY A N   1 
ATOM   234  C  CA  . GLY A 1 33  ? -9.783  -21.254 18.219  1.00 8.38  ? 33  GLY A CA  1 
ATOM   235  C  C   . GLY A 1 33  ? -10.870 -20.749 17.267  1.00 8.40  ? 33  GLY A C   1 
ATOM   236  O  O   . GLY A 1 33  ? -10.900 -21.153 16.095  1.00 9.27  ? 33  GLY A O   1 
ATOM   237  N  N   . ASP A 1 34  ? -11.737 -19.846 17.746  1.00 7.78  ? 34  ASP A N   1 
ATOM   238  C  CA  . ASP A 1 34  ? -12.948 -19.435 16.989  1.00 8.07  ? 34  ASP A CA  1 
ATOM   239  C  C   . ASP A 1 34  ? -12.815 -18.136 16.210  1.00 7.58  ? 34  ASP A C   1 
ATOM   240  O  O   . ASP A 1 34  ? -13.687 -17.843 15.387  1.00 7.65  ? 34  ASP A O   1 
ATOM   241  C  CB  . ASP A 1 34  ? -14.146 -19.187 17.926  1.00 8.83  ? 34  ASP A CB  1 
ATOM   242  C  CG  . ASP A 1 34  ? -14.612 -20.415 18.641  1.00 10.27 ? 34  ASP A CG  1 
ATOM   243  O  OD1 . ASP A 1 34  ? -14.293 -21.540 18.186  1.00 12.89 ? 34  ASP A OD1 1 
ATOM   244  O  OD2 . ASP A 1 34  ? -15.320 -20.237 19.665  1.00 9.81  ? 34  ASP A OD2 1 
ATOM   245  N  N   . ASP A 1 35  ? -11.787 -17.340 16.501  1.00 7.02  ? 35  ASP A N   1 
ATOM   246  C  CA  . ASP A 1 35  ? -11.792 -15.934 16.068  1.00 7.20  ? 35  ASP A CA  1 
ATOM   247  C  C   . ASP A 1 35  ? -10.932 -15.542 14.860  1.00 6.21  ? 35  ASP A C   1 
ATOM   248  O  O   . ASP A 1 35  ? -10.842 -14.348 14.538  1.00 5.81  ? 35  ASP A O   1 
ATOM   249  C  CB  . ASP A 1 35  ? -11.514 -14.998 17.269  1.00 8.16  ? 35  ASP A CB  1 
ATOM   250  C  CG  . ASP A 1 35  ? -10.032 -14.805 17.576  1.00 13.18 ? 35  ASP A CG  1 
ATOM   251  O  OD1 . ASP A 1 35  ? -9.150  -15.391 16.908  1.00 19.97 ? 35  ASP A OD1 1 
ATOM   252  O  OD2 . ASP A 1 35  ? -9.735  -14.031 18.518  1.00 19.62 ? 35  ASP A OD2 1 
ATOM   253  N  N   . PHE A 1 36  ? -10.311 -16.519 14.193  1.00 5.18  ? 36  PHE A N   1 
ATOM   254  C  CA  . PHE A 1 36  ? -9.296  -16.183 13.191  1.00 4.41  ? 36  PHE A CA  1 
ATOM   255  C  C   . PHE A 1 36  ? -9.850  -15.536 11.909  1.00 4.80  ? 36  PHE A C   1 
ATOM   256  O  O   . PHE A 1 36  ? -9.112  -14.848 11.201  1.00 4.27  ? 36  PHE A O   1 
ATOM   257  C  CB  . PHE A 1 36  ? -8.419  -17.406 12.855  1.00 4.99  ? 36  PHE A CB  1 
ATOM   258  C  CG  . PHE A 1 36  ? -9.195  -18.587 12.329  1.00 4.24  ? 36  PHE A CG  1 
ATOM   259  C  CD1 . PHE A 1 36  ? -9.457  -18.721 10.949  1.00 5.26  ? 36  PHE A CD1 1 
ATOM   260  C  CD2 . PHE A 1 36  ? -9.667  -19.583 13.194  1.00 6.06  ? 36  PHE A CD2 1 
ATOM   261  C  CE1 . PHE A 1 36  ? -10.177 -19.821 10.462  1.00 5.58  ? 36  PHE A CE1 1 
ATOM   262  C  CE2 . PHE A 1 36  ? -10.383 -20.673 12.721  1.00 7.17  ? 36  PHE A CE2 1 
ATOM   263  C  CZ  . PHE A 1 36  ? -10.644 -20.795 11.335  1.00 7.21  ? 36  PHE A CZ  1 
ATOM   264  N  N   . LEU A 1 37  ? -11.136 -15.754 11.616  1.00 3.91  ? 37  LEU A N   1 
ATOM   265  C  CA  . LEU A 1 37  ? -11.771 -15.142 10.421  1.00 3.47  ? 37  LEU A CA  1 
ATOM   266  C  C   . LEU A 1 37  ? -12.232 -13.690 10.624  1.00 3.85  ? 37  LEU A C   1 
ATOM   267  O  O   . LEU A 1 37  ? -12.859 -13.117 9.729   1.00 3.82  ? 37  LEU A O   1 
ATOM   268  C  CB  . LEU A 1 37  ? -12.955 -15.993 9.935   1.00 3.60  ? 37  LEU A CB  1 
ATOM   269  C  CG  . LEU A 1 37  ? -12.636 -17.418 9.480   1.00 3.32  ? 37  LEU A CG  1 
ATOM   270  C  CD1 . LEU A 1 37  ? -13.900 -18.245 9.308   1.00 5.45  ? 37  LEU A CD1 1 
ATOM   271  C  CD2 . LEU A 1 37  ? -11.826 -17.372 8.175   1.00 4.44  ? 37  LEU A CD2 1 
ATOM   272  N  N   . PHE A 1 38  ? -11.912 -13.098 11.786  1.00 3.66  ? 38  PHE A N   1 
ATOM   273  C  CA  . PHE A 1 38  ? -12.398 -11.759 12.171  1.00 3.52  ? 38  PHE A CA  1 
ATOM   274  C  C   . PHE A 1 38  ? -11.253 -10.839 12.633  1.00 4.05  ? 38  PHE A C   1 
ATOM   275  O  O   . PHE A 1 38  ? -10.218 -11.324 13.124  1.00 4.64  ? 38  PHE A O   1 
ATOM   276  C  CB  . PHE A 1 38  ? -13.436 -11.902 13.309  1.00 3.86  ? 38  PHE A CB  1 
ATOM   277  C  CG  . PHE A 1 38  ? -14.612 -12.785 12.954  1.00 2.87  ? 38  PHE A CG  1 
ATOM   278  C  CD1 . PHE A 1 38  ? -14.665 -14.126 13.374  1.00 3.08  ? 38  PHE A CD1 1 
ATOM   279  C  CD2 . PHE A 1 38  ? -15.666 -12.279 12.193  1.00 4.59  ? 38  PHE A CD2 1 
ATOM   280  C  CE1 . PHE A 1 38  ? -15.759 -14.943 13.031  1.00 4.84  ? 38  PHE A CE1 1 
ATOM   281  C  CE2 . PHE A 1 38  ? -16.759 -13.092 11.842  1.00 4.21  ? 38  PHE A CE2 1 
ATOM   282  C  CZ  . PHE A 1 38  ? -16.797 -14.429 12.259  1.00 4.71  ? 38  PHE A CZ  1 
ATOM   283  N  N   . SER A 1 39  ? -11.445 -9.521  12.501  1.00 4.11  ? 39  SER A N   1 
ATOM   284  C  CA  . SER A 1 39  ? -10.496 -8.530  13.057  1.00 5.22  ? 39  SER A CA  1 
ATOM   285  C  C   . SER A 1 39  ? -11.179 -7.224  13.453  1.00 5.87  ? 39  SER A C   1 
ATOM   286  O  O   . SER A 1 39  ? -12.247 -6.877  12.922  1.00 5.80  ? 39  SER A O   1 
ATOM   287  C  CB  . SER A 1 39  ? -9.364  -8.230  12.062  1.00 5.28  ? 39  SER A CB  1 
ATOM   288  O  OG  . SER A 1 39  ? -8.331  -7.403  12.607  1.00 7.51  ? 39  SER A OG  1 
ATOM   289  N  N   . SER A 1 40  ? -10.559 -6.497  14.385  1.00 6.20  ? 40  SER A N   1 
ATOM   290  C  CA  . SER A 1 40  ? -11.013 -5.137  14.708  1.00 7.76  ? 40  SER A CA  1 
ATOM   291  C  C   . SER A 1 40  ? -9.938  -4.076  14.443  1.00 7.93  ? 40  SER A C   1 
ATOM   292  O  O   . SER A 1 40  ? -10.100 -2.916  14.845  1.00 8.07  ? 40  SER A O   1 
ATOM   293  C  CB  . SER A 1 40  ? -11.482 -5.063  16.172  1.00 8.60  ? 40  SER A CB  1 
ATOM   294  O  OG  . SER A 1 40  ? -10.381 -5.207  17.044  1.00 13.16 ? 40  SER A OG  1 
ATOM   295  N  N   . LYS A 1 41  ? -8.860  -4.451  13.757  1.00 8.15  ? 41  LYS A N   1 
ATOM   296  C  CA  . LYS A 1 41  ? -7.695  -3.551  13.626  1.00 9.49  ? 41  LYS A CA  1 
ATOM   297  C  C   . LYS A 1 41  ? -7.931  -2.281  12.797  1.00 9.66  ? 41  LYS A C   1 
ATOM   298  O  O   . LYS A 1 41  ? -7.182  -1.301  12.945  1.00 11.41 ? 41  LYS A O   1 
ATOM   299  C  CB  . LYS A 1 41  ? -6.451  -4.309  13.144  1.00 9.06  ? 41  LYS A CB  1 
ATOM   300  C  CG  . LYS A 1 41  ? -5.842  -5.227  14.213  1.00 10.32 ? 41  LYS A CG  1 
ATOM   301  C  CD  . LYS A 1 41  ? -4.636  -5.994  13.672  1.00 11.12 ? 41  LYS A CD  1 
ATOM   302  C  CE  . LYS A 1 41  ? -3.950  -6.803  14.767  1.00 13.66 ? 41  LYS A CE  1 
ATOM   303  N  NZ  . LYS A 1 41  ? -2.736  -7.529  14.261  1.00 14.80 ? 41  LYS A NZ  1 
ATOM   304  N  N   . LEU A 1 42  ? -8.966  -2.269  11.956  1.00 9.25  ? 42  LEU A N   1 
ATOM   305  C  CA  . LEU A 1 42  ? -9.257  -1.082  11.127  1.00 9.53  ? 42  LEU A CA  1 
ATOM   306  C  C   . LEU A 1 42  ? -10.318 -0.164  11.732  1.00 10.50 ? 42  LEU A C   1 
ATOM   307  O  O   . LEU A 1 42  ? -10.784 0.780   11.073  1.00 9.64  ? 42  LEU A O   1 
ATOM   308  C  CB  . LEU A 1 42  ? -9.645  -1.495  9.695   1.00 9.53  ? 42  LEU A CB  1 
ATOM   309  C  CG  . LEU A 1 42  ? -8.605  -2.349  8.946   1.00 9.78  ? 42  LEU A CG  1 
ATOM   310  C  CD1 . LEU A 1 42  ? -8.998  -2.537  7.492   1.00 9.50  ? 42  LEU A CD1 1 
ATOM   311  C  CD2 . LEU A 1 42  ? -7.186  -1.786  9.027   1.00 9.30  ? 42  LEU A CD2 1 
ATOM   312  N  N   . THR A 1 43  ? -10.703 -0.438  12.984  1.00 11.24 ? 43  THR A N   1 
ATOM   313  C  CA  . THR A 1 43  ? -11.743 0.360   13.650  1.00 13.55 ? 43  THR A CA  1 
ATOM   314  C  C   . THR A 1 43  ? -11.307 1.781   13.978  1.00 14.13 ? 43  THR A C   1 
ATOM   315  O  O   . THR A 1 43  ? -12.156 2.670   14.074  1.00 15.34 ? 43  THR A O   1 
ATOM   316  C  CB  . THR A 1 43  ? -12.280 -0.274  14.968  1.00 13.56 ? 43  THR A CB  1 
ATOM   317  O  OG1 . THR A 1 43  ? -11.210 -0.471  15.908  1.00 16.32 ? 43  THR A OG1 1 
ATOM   318  C  CG2 . THR A 1 43  ? -12.985 -1.570  14.708  1.00 14.55 ? 43  THR A CG2 1 
ATOM   319  N  N   . LYS A 1 44  ? -10.001 1.985   14.152  1.00 14.74 ? 44  LYS A N   1 
ATOM   320  C  CA  . LYS A 1 44  ? -9.461  3.277   14.603  1.00 16.27 ? 44  LYS A CA  1 
ATOM   321  C  C   . LYS A 1 44  ? -8.616  3.986   13.548  1.00 15.52 ? 44  LYS A C   1 
ATOM   322  O  O   . LYS A 1 44  ? -7.888  3.343   12.776  1.00 15.25 ? 44  LYS A O   1 
ATOM   323  C  CB  . LYS A 1 44  ? -8.626  3.097   15.873  1.00 16.25 ? 44  LYS A CB  1 
ATOM   324  C  CG  . LYS A 1 44  ? -9.339  2.341   16.992  1.00 18.43 ? 44  LYS A CG  1 
ATOM   325  C  CD  . LYS A 1 44  ? -8.456  2.196   18.215  1.00 18.75 ? 44  LYS A CD  1 
ATOM   326  C  CE  . LYS A 1 44  ? -9.184  1.430   19.315  1.00 22.29 ? 44  LYS A CE  1 
ATOM   327  N  NZ  . LYS A 1 44  ? -8.373  1.280   20.558  1.00 24.67 ? 44  LYS A NZ  1 
ATOM   328  N  N   . ALA A 1 45  ? -8.706  5.314   13.546  1.00 15.23 ? 45  ALA A N   1 
ATOM   329  C  CA  . ALA A 1 45  ? -7.943  6.151   12.619  1.00 14.46 ? 45  ALA A CA  1 
ATOM   330  C  C   . ALA A 1 45  ? -6.448  6.112   12.932  1.00 14.04 ? 45  ALA A C   1 
ATOM   331  O  O   . ALA A 1 45  ? -6.039  6.110   14.100  1.00 14.22 ? 45  ALA A O   1 
ATOM   332  C  CB  . ALA A 1 45  ? -8.467  7.595   12.642  1.00 14.71 ? 45  ALA A CB  1 
ATOM   333  N  N   . GLY A 1 46  ? -5.632  6.060   11.884  1.00 13.25 ? 46  GLY A N   1 
ATOM   334  C  CA  . GLY A 1 46  ? -4.178  6.132   12.030  1.00 13.10 ? 46  GLY A CA  1 
ATOM   335  C  C   . GLY A 1 46  ? -3.724  7.561   12.311  1.00 13.15 ? 46  GLY A C   1 
ATOM   336  O  O   . GLY A 1 46  ? -4.499  8.508   12.133  1.00 12.73 ? 46  GLY A O   1 
ATOM   337  N  N   . ASN A 1 47  ? -2.463  7.699   12.733  1.00 13.34 ? 47  ASN A N   1 
ATOM   338  C  CA  . ASN A 1 47  ? -1.830  8.988   13.066  1.00 14.38 ? 47  ASN A CA  1 
ATOM   339  C  C   . ASN A 1 47  ? -1.295  9.691   11.812  1.00 13.97 ? 47  ASN A C   1 
ATOM   340  O  O   . ASN A 1 47  ? -0.281  9.278   11.233  1.00 14.20 ? 47  ASN A O   1 
ATOM   341  C  CB  . ASN A 1 47  ? -0.688  8.740   14.071  1.00 14.68 ? 47  ASN A CB  1 
ATOM   342  C  CG  . ASN A 1 47  ? -0.136  10.023  14.710  1.00 16.79 ? 47  ASN A CG  1 
ATOM   343  O  OD1 . ASN A 1 47  ? 0.522   9.961   15.758  1.00 21.33 ? 47  ASN A OD1 1 
ATOM   344  N  ND2 . ASN A 1 47  ? -0.386  11.167  14.097  1.00 16.48 ? 47  ASN A ND2 1 
ATOM   345  N  N   . THR A 1 48  ? -1.961  10.771  11.410  1.00 14.05 ? 48  THR A N   1 
ATOM   346  C  CA  . THR A 1 48  ? -1.624  11.461  10.158  1.00 14.15 ? 48  THR A CA  1 
ATOM   347  C  C   . THR A 1 48  ? -0.507  12.500  10.299  1.00 14.60 ? 48  THR A C   1 
ATOM   348  O  O   . THR A 1 48  ? -0.187  13.191  9.335   1.00 14.50 ? 48  THR A O   1 
ATOM   349  C  CB  . THR A 1 48  ? -2.849  12.143  9.521   1.00 14.08 ? 48  THR A CB  1 
ATOM   350  O  OG1 . THR A 1 48  ? -3.337  13.157  10.406  1.00 13.92 ? 48  THR A OG1 1 
ATOM   351  C  CG2 . THR A 1 48  ? -3.962  11.113  9.231   1.00 13.92 ? 48  THR A CG2 1 
ATOM   352  N  N   . SER A 1 49  ? 0.090   12.609  11.485  1.00 15.49 ? 49  SER A N   1 
ATOM   353  C  CA  . SER A 1 49  ? 1.195   13.547  11.680  1.00 16.50 ? 49  SER A CA  1 
ATOM   354  C  C   . SER A 1 49  ? 2.516   12.915  11.217  1.00 16.44 ? 49  SER A C   1 
ATOM   355  O  O   . SER A 1 49  ? 3.388   12.565  12.024  1.00 17.15 ? 49  SER A O   1 
ATOM   356  C  CB  . SER A 1 49  ? 1.244   14.069  13.128  1.00 17.15 ? 49  SER A CB  1 
ATOM   357  O  OG  . SER A 1 49  ? 1.737   13.090  14.021  1.00 20.75 ? 49  SER A OG  1 
ATOM   358  N  N   . THR A 1 50  ? 2.618   12.762  9.894   1.00 15.57 ? 50  THR A N   1 
ATOM   359  C  CA  . THR A 1 50  ? 3.768   12.198  9.185   1.00 15.08 ? 50  THR A CA  1 
ATOM   360  C  C   . THR A 1 50  ? 4.179   13.176  8.075   1.00 14.32 ? 50  THR A C   1 
ATOM   361  O  O   . THR A 1 50  ? 3.384   14.047  7.698   1.00 13.92 ? 50  THR A O   1 
ATOM   362  C  CB  . THR A 1 50  ? 3.389   10.867  8.501   1.00 14.85 ? 50  THR A CB  1 
ATOM   363  O  OG1 . THR A 1 50  ? 2.333   11.108  7.558   1.00 15.03 ? 50  THR A OG1 1 
ATOM   364  C  CG2 . THR A 1 50  ? 2.937   9.820   9.528   1.00 15.80 ? 50  THR A CG2 1 
ATOM   365  N  N   . PRO A 1 51  ? 5.412   13.035  7.537   1.00 14.27 ? 51  PRO A N   1 
ATOM   366  C  CA  . PRO A 1 51  ? 5.814   13.882  6.404   1.00 13.71 ? 51  PRO A CA  1 
ATOM   367  C  C   . PRO A 1 51  ? 4.841   13.836  5.207   1.00 12.89 ? 51  PRO A C   1 
ATOM   368  O  O   . PRO A 1 51  ? 4.592   14.878  4.595   1.00 13.20 ? 51  PRO A O   1 
ATOM   369  C  CB  . PRO A 1 51  ? 7.197   13.333  6.021   1.00 14.28 ? 51  PRO A CB  1 
ATOM   370  C  CG  . PRO A 1 51  ? 7.718   12.725  7.290   1.00 15.13 ? 51  PRO A CG  1 
ATOM   371  C  CD  . PRO A 1 51  ? 6.500   12.132  7.961   1.00 14.53 ? 51  PRO A CD  1 
ATOM   372  N  N   . ASN A 1 52  ? 4.280   12.661  4.896   1.00 11.30 ? 52  ASN A N   1 
ATOM   373  C  CA  . ASN A 1 52  ? 3.290   12.561  3.808   1.00 10.39 ? 52  ASN A CA  1 
ATOM   374  C  C   . ASN A 1 52  ? 1.943   13.200  4.148   1.00 9.56  ? 52  ASN A C   1 
ATOM   375  O  O   . ASN A 1 52  ? 1.209   13.608  3.246   1.00 9.11  ? 52  ASN A O   1 
ATOM   376  C  CB  . ASN A 1 52  ? 3.027   11.103  3.401   1.00 10.00 ? 52  ASN A CB  1 
ATOM   377  C  CG  . ASN A 1 52  ? 4.206   10.447  2.689   1.00 10.44 ? 52  ASN A CG  1 
ATOM   378  O  OD1 . ASN A 1 52  ? 5.048   11.107  2.069   1.00 9.45  ? 52  ASN A OD1 1 
ATOM   379  N  ND2 . ASN A 1 52  ? 4.242   9.119   2.749   1.00 11.57 ? 52  ASN A ND2 1 
ATOM   380  N  N   . GLY A 1 53  ? 1.605   13.266  5.436   1.00 8.68  ? 53  GLY A N   1 
ATOM   381  C  CA  . GLY A 1 53  ? 0.281   13.749  5.864   1.00 8.54  ? 53  GLY A CA  1 
ATOM   382  C  C   . GLY A 1 53  ? -0.808  12.688  5.718   1.00 8.28  ? 53  GLY A C   1 
ATOM   383  O  O   . GLY A 1 53  ? -2.013  13.007  5.675   1.00 8.41  ? 53  GLY A O   1 
ATOM   384  N  N   . SER A 1 54  ? -0.381  11.427  5.630   1.00 8.10  ? 54  SER A N   1 
ATOM   385  C  CA  . SER A 1 54  ? -1.305  10.289  5.619   1.00 7.84  ? 54  SER A CA  1 
ATOM   386  C  C   . SER A 1 54  ? -0.732  9.137   6.434   1.00 7.79  ? 54  SER A C   1 
ATOM   387  O  O   . SER A 1 54  ? 0.465   9.125   6.756   1.00 8.16  ? 54  SER A O   1 
ATOM   388  C  CB  . SER A 1 54  ? -1.594  9.823   4.181   1.00 7.36  ? 54  SER A CB  1 
ATOM   389  O  OG  . SER A 1 54  ? -0.411  9.337   3.565   1.00 8.87  ? 54  SER A OG  1 
ATOM   390  N  N   . ALA A 1 55  ? -1.589  8.182   6.783   1.00 7.79  ? 55  ALA A N   1 
ATOM   391  C  CA  . ALA A 1 55  ? -1.162  7.001   7.527   1.00 7.68  ? 55  ALA A CA  1 
ATOM   392  C  C   . ALA A 1 55  ? -1.873  5.767   6.987   1.00 7.99  ? 55  ALA A C   1 
ATOM   393  O  O   . ALA A 1 55  ? -3.094  5.778   6.791   1.00 7.75  ? 55  ALA A O   1 
ATOM   394  C  CB  . ALA A 1 55  ? -1.438  7.167   8.996   1.00 8.42  ? 55  ALA A CB  1 
ATOM   395  N  N   . VAL A 1 56  ? -1.095  4.709   6.766   1.00 8.19  ? 56  VAL A N   1 
ATOM   396  C  CA  . VAL A 1 56  ? -1.611  3.426   6.268   1.00 8.95  ? 56  VAL A CA  1 
ATOM   397  C  C   . VAL A 1 56  ? -1.661  2.419   7.418   1.00 9.26  ? 56  VAL A C   1 
ATOM   398  O  O   . VAL A 1 56  ? -0.631  2.158   8.058   1.00 10.41 ? 56  VAL A O   1 
ATOM   399  C  CB  . VAL A 1 56  ? -0.726  2.853   5.116   1.00 8.62  ? 56  VAL A CB  1 
ATOM   400  C  CG1 . VAL A 1 56  ? -1.316  1.529   4.579   1.00 9.46  ? 56  VAL A CG1 1 
ATOM   401  C  CG2 . VAL A 1 56  ? -0.540  3.871   3.991   1.00 9.94  ? 56  VAL A CG2 1 
ATOM   402  N  N   . THR A 1 57  ? -2.853  1.889   7.693   1.00 8.40  ? 57  THR A N   1 
ATOM   403  C  CA  . THR A 1 57  ? -3.033  0.817   8.676   1.00 8.54  ? 57  THR A CA  1 
ATOM   404  C  C   . THR A 1 57  ? -3.268  -0.473  7.887   1.00 8.80  ? 57  THR A C   1 
ATOM   405  O  O   . THR A 1 57  ? -4.282  -0.613  7.197   1.00 7.28  ? 57  THR A O   1 
ATOM   406  C  CB  . THR A 1 57  ? -4.219  1.100   9.641   1.00 8.45  ? 57  THR A CB  1 
ATOM   407  O  OG1 . THR A 1 57  ? -4.023  2.356   10.314  1.00 8.49  ? 57  THR A OG1 1 
ATOM   408  C  CG2 . THR A 1 57  ? -4.337  0.012   10.699  1.00 9.28  ? 57  THR A CG2 1 
ATOM   409  N  N   . GLU A 1 58  ? -2.325  -1.410  7.986   1.00 9.43  ? 58  GLU A N   1 
ATOM   410  C  CA  . GLU A 1 58  ? -2.366  -2.611  7.151   1.00 10.73 ? 58  GLU A CA  1 
ATOM   411  C  C   . GLU A 1 58  ? -3.116  -3.778  7.773   1.00 9.85  ? 58  GLU A C   1 
ATOM   412  O  O   . GLU A 1 58  ? -3.015  -4.022  8.981   1.00 9.99  ? 58  GLU A O   1 
ATOM   413  C  CB  . GLU A 1 58  ? -0.952  -3.067  6.802   1.00 10.83 ? 58  GLU A CB  1 
ATOM   414  C  CG  . GLU A 1 58  ? -0.212  -2.130  5.860   1.00 13.26 ? 58  GLU A CG  1 
ATOM   415  C  CD  . GLU A 1 58  ? 1.139   -2.664  5.439   1.00 16.68 ? 58  GLU A CD  1 
ATOM   416  O  OE1 . GLU A 1 58  ? 1.288   -3.051  4.263   1.00 18.41 ? 58  GLU A OE1 1 
ATOM   417  O  OE2 . GLU A 1 58  ? 2.055   -2.699  6.285   1.00 20.61 ? 58  GLU A OE2 1 
ATOM   418  N  N   . LEU A 1 59  ? -3.864  -4.505  6.941   1.00 8.91  ? 59  LEU A N   1 
ATOM   419  C  CA  . LEU A 1 59  ? -4.460  -5.780  7.356   1.00 8.55  ? 59  LEU A CA  1 
ATOM   420  C  C   . LEU A 1 59  ? -4.131  -6.854  6.310   1.00 7.47  ? 59  LEU A C   1 
ATOM   421  O  O   . LEU A 1 59  ? -5.021  -7.505  5.728   1.00 6.51  ? 59  LEU A O   1 
ATOM   422  C  CB  . LEU A 1 59  ? -5.967  -5.638  7.604   1.00 9.16  ? 59  LEU A CB  1 
ATOM   423  C  CG  . LEU A 1 59  ? -6.622  -6.451  8.712   1.00 10.33 ? 59  LEU A CG  1 
ATOM   424  C  CD1 . LEU A 1 59  ? -5.894  -6.340  10.062  1.00 10.82 ? 59  LEU A CD1 1 
ATOM   425  C  CD2 . LEU A 1 59  ? -8.105  -6.067  8.863   1.00 9.31  ? 59  LEU A CD2 1 
ATOM   426  N  N   . ASP A 1 60  ? -2.828  -6.992  6.059   1.00 6.31  ? 60  ASP A N   1 
ATOM   427  C  CA  . ASP A 1 60  ? -2.289  -8.102  5.269   1.00 6.44  ? 60  ASP A CA  1 
ATOM   428  C  C   . ASP A 1 60  ? -2.050  -9.315  6.170   1.00 5.74  ? 60  ASP A C   1 
ATOM   429  O  O   . ASP A 1 60  ? -2.385  -9.292  7.359   1.00 5.61  ? 60  ASP A O   1 
ATOM   430  C  CB  . ASP A 1 60  ? -1.019  -7.694  4.503   1.00 6.78  ? 60  ASP A CB  1 
ATOM   431  C  CG  . ASP A 1 60  ? 0.085   -7.167  5.393   1.00 9.04  ? 60  ASP A CG  1 
ATOM   432  O  OD1 . ASP A 1 60  ? 1.122   -6.751  4.814   1.00 12.66 ? 60  ASP A OD1 1 
ATOM   433  O  OD2 . ASP A 1 60  ? -0.042  -7.180  6.636   1.00 11.21 ? 60  ASP A OD2 1 
ATOM   434  N  N   . VAL A 1 61  ? -1.501  -10.383 5.603   1.00 5.28  ? 61  VAL A N   1 
ATOM   435  C  CA  . VAL A 1 61  ? -1.342  -11.643 6.344   1.00 5.60  ? 61  VAL A CA  1 
ATOM   436  C  C   . VAL A 1 61  ? -0.468  -11.496 7.612   1.00 5.79  ? 61  VAL A C   1 
ATOM   437  O  O   . VAL A 1 61  ? -0.721  -12.166 8.613   1.00 6.00  ? 61  VAL A O   1 
ATOM   438  C  CB  . VAL A 1 61  ? -0.896  -12.803 5.401   1.00 5.18  ? 61  VAL A CB  1 
ATOM   439  C  CG1 . VAL A 1 61  ? 0.525   -12.572 4.860   1.00 6.25  ? 61  VAL A CG1 1 
ATOM   440  C  CG2 . VAL A 1 61  ? -1.020  -14.170 6.079   1.00 5.89  ? 61  VAL A CG2 1 
ATOM   441  N  N   . ALA A 1 62  ? 0.510   -10.586 7.591   1.00 6.19  ? 62  ALA A N   1 
ATOM   442  C  CA  . ALA A 1 62  ? 1.331   -10.316 8.792   1.00 6.57  ? 62  ALA A CA  1 
ATOM   443  C  C   . ALA A 1 62  ? 0.525   -9.778  9.976   1.00 6.79  ? 62  ALA A C   1 
ATOM   444  O  O   . ALA A 1 62  ? 0.912   -9.995  11.144  1.00 7.41  ? 62  ALA A O   1 
ATOM   445  C  CB  . ALA A 1 62  ? 2.482   -9.372  8.467   1.00 5.92  ? 62  ALA A CB  1 
ATOM   446  N  N   . GLU A 1 63  ? -0.578  -9.076  9.677   1.00 6.38  ? 63  GLU A N   1 
ATOM   447  C  CA  . GLU A 1 63  ? -1.450  -8.469  10.698  1.00 6.92  ? 63  GLU A CA  1 
ATOM   448  C  C   . GLU A 1 63  ? -2.772  -9.226  10.901  1.00 6.79  ? 63  GLU A C   1 
ATOM   449  O  O   . GLU A 1 63  ? -3.422  -9.073  11.943  1.00 7.58  ? 63  GLU A O   1 
ATOM   450  C  CB  . GLU A 1 63  ? -1.738  -7.002  10.330  1.00 7.54  ? 63  GLU A CB  1 
ATOM   451  C  CG  . GLU A 1 63  ? -0.488  -6.116  10.247  1.00 9.85  ? 63  GLU A CG  1 
ATOM   452  C  CD  . GLU A 1 63  ? 0.165   -5.890  11.598  1.00 15.08 ? 63  GLU A CD  1 
ATOM   453  O  OE1 . GLU A 1 63  ? -0.569  -5.750  12.599  1.00 18.40 ? 63  GLU A OE1 1 
ATOM   454  O  OE2 . GLU A 1 63  ? 1.412   -5.847  11.653  1.00 19.29 ? 63  GLU A OE2 1 
ATOM   455  N  N   . TRP A 1 64  ? -3.167  -10.020 9.899   1.00 6.13  ? 64  TRP A N   1 
ATOM   456  C  CA  . TRP A 1 64  ? -4.399  -10.830 9.922   1.00 5.65  ? 64  TRP A CA  1 
ATOM   457  C  C   . TRP A 1 64  ? -4.075  -12.249 9.427   1.00 5.85  ? 64  TRP A C   1 
ATOM   458  O  O   . TRP A 1 64  ? -4.295  -12.571 8.250   1.00 5.02  ? 64  TRP A O   1 
ATOM   459  C  CB  . TRP A 1 64  ? -5.503  -10.198 9.051   1.00 5.71  ? 64  TRP A CB  1 
ATOM   460  C  CG  . TRP A 1 64  ? -6.903  -10.705 9.302   1.00 5.57  ? 64  TRP A CG  1 
ATOM   461  C  CD1 . TRP A 1 64  ? -7.298  -11.647 10.223  1.00 5.60  ? 64  TRP A CD1 1 
ATOM   462  C  CD2 . TRP A 1 64  ? -8.102  -10.251 8.662   1.00 5.07  ? 64  TRP A CD2 1 
ATOM   463  N  NE1 . TRP A 1 64  ? -8.665  -11.830 10.169  1.00 6.99  ? 64  TRP A NE1 1 
ATOM   464  C  CE2 . TRP A 1 64  ? -9.186  -10.971 9.232   1.00 5.85  ? 64  TRP A CE2 1 
ATOM   465  C  CE3 . TRP A 1 64  ? -8.372  -9.306  7.657   1.00 5.44  ? 64  TRP A CE3 1 
ATOM   466  C  CZ2 . TRP A 1 64  ? -10.511 -10.783 8.824   1.00 6.22  ? 64  TRP A CZ2 1 
ATOM   467  C  CZ3 . TRP A 1 64  ? -9.698  -9.120  7.253   1.00 5.29  ? 64  TRP A CZ3 1 
ATOM   468  C  CH2 . TRP A 1 64  ? -10.747 -9.845  7.846   1.00 5.56  ? 64  TRP A CH2 1 
ATOM   469  N  N   . PRO A 1 65  ? -3.515  -13.095 10.306  1.00 5.49  ? 65  PRO A N   1 
ATOM   470  C  CA  . PRO A 1 65  ? -3.026  -14.423 9.865   1.00 5.41  ? 65  PRO A CA  1 
ATOM   471  C  C   . PRO A 1 65  ? -4.086  -15.323 9.207   1.00 4.64  ? 65  PRO A C   1 
ATOM   472  O  O   . PRO A 1 65  ? -3.739  -16.201 8.390   1.00 4.52  ? 65  PRO A O   1 
ATOM   473  C  CB  . PRO A 1 65  ? -2.470  -15.066 11.146  1.00 5.87  ? 65  PRO A CB  1 
ATOM   474  C  CG  . PRO A 1 65  ? -2.460  -14.025 12.172  1.00 7.93  ? 65  PRO A CG  1 
ATOM   475  C  CD  . PRO A 1 65  ? -3.240  -12.826 11.734  1.00 5.88  ? 65  PRO A CD  1 
ATOM   476  N  N   . GLY A 1 66  ? -5.355  -15.117 9.554   1.00 4.62  ? 66  GLY A N   1 
ATOM   477  C  CA  . GLY A 1 66  ? -6.463  -15.879 8.958   1.00 4.74  ? 66  GLY A CA  1 
ATOM   478  C  C   . GLY A 1 66  ? -6.634  -15.701 7.450   1.00 4.32  ? 66  GLY A C   1 
ATOM   479  O  O   . GLY A 1 66  ? -7.305  -16.520 6.810   1.00 4.86  ? 66  GLY A O   1 
ATOM   480  N  N   . THR A 1 67  ? -6.043  -14.640 6.882   1.00 3.54  ? 67  THR A N   1 
ATOM   481  C  CA  . THR A 1 67  ? -6.099  -14.416 5.413   1.00 4.09  ? 67  THR A CA  1 
ATOM   482  C  C   . THR A 1 67  ? -5.189  -15.356 4.621   1.00 3.76  ? 67  THR A C   1 
ATOM   483  O  O   . THR A 1 67  ? -5.319  -15.463 3.383   1.00 3.40  ? 67  THR A O   1 
ATOM   484  C  CB  . THR A 1 67  ? -5.730  -12.965 4.992   1.00 4.15  ? 67  THR A CB  1 
ATOM   485  O  OG1 . THR A 1 67  ? -4.388  -12.683 5.409   1.00 4.67  ? 67  THR A OG1 1 
ATOM   486  C  CG2 . THR A 1 67  ? -6.700  -11.941 5.580   1.00 6.88  ? 67  THR A CG2 1 
ATOM   487  N  N   . ASN A 1 68  ? -4.266  -16.037 5.308   1.00 3.35  ? 68  ASN A N   1 
ATOM   488  C  CA  . ASN A 1 68  ? -3.283  -16.903 4.629   1.00 2.94  ? 68  ASN A CA  1 
ATOM   489  C  C   . ASN A 1 68  ? -3.978  -17.941 3.737   1.00 2.55  ? 68  ASN A C   1 
ATOM   490  O  O   . ASN A 1 68  ? -4.904  -18.614 4.198   1.00 3.19  ? 68  ASN A O   1 
ATOM   491  C  CB  . ASN A 1 68  ? -2.429  -17.623 5.700   1.00 2.77  ? 68  ASN A CB  1 
ATOM   492  C  CG  . ASN A 1 68  ? -1.179  -18.303 5.138   1.00 3.90  ? 68  ASN A CG  1 
ATOM   493  O  OD1 . ASN A 1 68  ? -0.466  -17.764 4.280   1.00 3.85  ? 68  ASN A OD1 1 
ATOM   494  N  ND2 . ASN A 1 68  ? -0.887  -19.505 5.660   1.00 2.53  ? 68  ASN A ND2 1 
ATOM   495  N  N   . THR A 1 69  ? -3.512  -18.031 2.485   1.00 2.38  ? 69  THR A N   1 
ATOM   496  C  CA  . THR A 1 69  ? -4.012  -18.913 1.398   1.00 2.40  ? 69  THR A CA  1 
ATOM   497  C  C   . THR A 1 69  ? -5.329  -18.470 0.726   1.00 2.62  ? 69  THR A C   1 
ATOM   498  O  O   . THR A 1 69  ? -5.727  -19.056 -0.301  1.00 3.22  ? 69  THR A O   1 
ATOM   499  C  CB  . THR A 1 69  ? -4.197  -20.417 1.778   1.00 2.79  ? 69  THR A CB  1 
ATOM   500  O  OG1 . THR A 1 69  ? -5.413  -20.602 2.537   1.00 3.57  ? 69  THR A OG1 1 
ATOM   501  C  CG2 . THR A 1 69  ? -2.990  -20.989 2.496   1.00 2.38  ? 69  THR A CG2 1 
ATOM   502  N  N   . LEU A 1 70  ? -5.994  -17.458 1.286   1.00 2.57  ? 70  LEU A N   1 
ATOM   503  C  CA  . LEU A 1 70  ? -7.364  -17.102 0.860   1.00 2.73  ? 70  LEU A CA  1 
ATOM   504  C  C   . LEU A 1 70  ? -7.441  -16.073 -0.277  1.00 2.92  ? 70  LEU A C   1 
ATOM   505  O  O   . LEU A 1 70  ? -8.522  -15.859 -0.841  1.00 3.72  ? 70  LEU A O   1 
ATOM   506  C  CB  . LEU A 1 70  ? -8.197  -16.620 2.068   1.00 2.81  ? 70  LEU A CB  1 
ATOM   507  C  CG  . LEU A 1 70  ? -8.363  -17.618 3.226   1.00 2.35  ? 70  LEU A CG  1 
ATOM   508  C  CD1 . LEU A 1 70  ? -9.337  -17.017 4.256   1.00 4.14  ? 70  LEU A CD1 1 
ATOM   509  C  CD2 . LEU A 1 70  ? -8.854  -19.007 2.755   1.00 3.14  ? 70  LEU A CD2 1 
ATOM   510  N  N   . GLY A 1 71  ? -6.321  -15.422 -0.594  1.00 2.25  ? 71  GLY A N   1 
ATOM   511  C  CA  . GLY A 1 71  ? -6.242  -14.579 -1.798  1.00 2.90  ? 71  GLY A CA  1 
ATOM   512  C  C   . GLY A 1 71  ? -6.710  -13.138 -1.675  1.00 3.21  ? 71  GLY A C   1 
ATOM   513  O  O   . GLY A 1 71  ? -6.931  -12.471 -2.704  1.00 3.49  ? 71  GLY A O   1 
ATOM   514  N  N   . VAL A 1 72  ? -6.856  -12.666 -0.428  1.00 3.20  ? 72  VAL A N   1 
ATOM   515  C  CA  . VAL A 1 72  ? -7.379  -11.313 -0.128  1.00 3.01  ? 72  VAL A CA  1 
ATOM   516  C  C   . VAL A 1 72  ? -6.683  -10.630 1.066   1.00 3.15  ? 72  VAL A C   1 
ATOM   517  O  O   . VAL A 1 72  ? -6.061  -11.296 1.915   1.00 3.07  ? 72  VAL A O   1 
ATOM   518  C  CB  . VAL A 1 72  ? -8.908  -11.323 0.155   1.00 2.78  ? 72  VAL A CB  1 
ATOM   519  C  CG1 . VAL A 1 72  ? -9.724  -11.701 -1.118  1.00 2.76  ? 72  VAL A CG1 1 
ATOM   520  C  CG2 . VAL A 1 72  ? -9.239  -12.257 1.346   1.00 3.40  ? 72  VAL A CG2 1 
ATOM   521  N  N   . SER A 1 73  ? -6.778  -9.299  1.094   1.00 3.03  ? 73  SER A N   1 
ATOM   522  C  CA  . SER A 1 73  ? -6.362  -8.475  2.255   1.00 3.21  ? 73  SER A CA  1 
ATOM   523  C  C   . SER A 1 73  ? -7.000  -7.083  2.137   1.00 4.25  ? 73  SER A C   1 
ATOM   524  O  O   . SER A 1 73  ? -7.620  -6.771  1.117   1.00 3.24  ? 73  SER A O   1 
ATOM   525  C  CB  . SER A 1 73  ? -4.829  -8.359  2.345   1.00 3.94  ? 73  SER A CB  1 
ATOM   526  O  OG  . SER A 1 73  ? -4.287  -7.611  1.265   1.00 3.49  ? 73  SER A OG  1 
ATOM   527  N  N   . MET A 1 74  ? -6.854  -6.265  3.184   1.00 5.08  ? 74  MET A N   1 
ATOM   528  C  CA  . MET A 1 74  ? -7.455  -4.909  3.235   1.00 8.26  ? 74  MET A CA  1 
ATOM   529  C  C   . MET A 1 74  ? -6.534  -3.945  3.969   1.00 8.30  ? 74  MET A C   1 
ATOM   530  O  O   . MET A 1 74  ? -5.895  -4.345  4.939   1.00 9.63  ? 74  MET A O   1 
ATOM   531  C  CB  . MET A 1 74  ? -8.747  -4.946  4.053   1.00 8.43  ? 74  MET A CB  1 
ATOM   532  C  CG  . MET A 1 74  ? -10.037 -5.122  3.342   1.00 12.00 ? 74  MET A CG  1 
ATOM   533  S  SD  . MET A 1 74  ? -11.340 -5.035  4.610   1.00 15.11 ? 74  MET A SD  1 
ATOM   534  C  CE  . MET A 1 74  ? -11.311 -3.364  5.086   1.00 17.28 ? 74  MET A CE  1 
ATOM   535  N  N   . ASN A 1 75  ? -6.515  -2.672  3.564   1.00 6.92  ? 75  ASN A N   1 
ATOM   536  C  CA  . ASN A 1 75  ? -5.856  -1.607  4.355   1.00 6.94  ? 75  ASN A CA  1 
ATOM   537  C  C   . ASN A 1 75  ? -6.825  -0.441  4.575   1.00 6.51  ? 75  ASN A C   1 
ATOM   538  O  O   . ASN A 1 75  ? -7.770  -0.270  3.805   1.00 6.67  ? 75  ASN A O   1 
ATOM   539  C  CB  . ASN A 1 75  ? -4.629  -1.022  3.633   1.00 7.47  ? 75  ASN A CB  1 
ATOM   540  C  CG  . ASN A 1 75  ? -3.515  -2.035  3.368   1.00 9.22  ? 75  ASN A CG  1 
ATOM   541  O  OD1 . ASN A 1 75  ? -2.663  -1.788  2.500   1.00 13.66 ? 75  ASN A OD1 1 
ATOM   542  N  ND2 . ASN A 1 75  ? -3.493  -3.138  4.096   1.00 9.00  ? 75  ASN A ND2 1 
ATOM   543  N  N   . ARG A 1 76  ? -6.579  0.353   5.619   1.00 6.43  ? 76  ARG A N   1 
ATOM   544  C  CA  . ARG A 1 76  ? -7.257  1.643   5.833   1.00 6.25  ? 76  ARG A CA  1 
ATOM   545  C  C   . ARG A 1 76  ? -6.224  2.756   5.614   1.00 6.05  ? 76  ARG A C   1 
ATOM   546  O  O   . ARG A 1 76  ? -5.057  2.594   5.985   1.00 6.20  ? 76  ARG A O   1 
ATOM   547  C  CB  . ARG A 1 76  ? -7.836  1.701   7.256   1.00 6.60  ? 76  ARG A CB  1 
ATOM   548  C  CG  . ARG A 1 76  ? -8.360  3.076   7.667   1.00 7.52  ? 76  ARG A CG  1 
ATOM   549  C  CD  . ARG A 1 76  ? -8.957  3.067   9.087   1.00 7.33  ? 76  ARG A CD  1 
ATOM   550  N  NE  . ARG A 1 76  ? -9.353  4.426   9.457   1.00 10.52 ? 76  ARG A NE  1 
ATOM   551  C  CZ  . ARG A 1 76  ? -10.409 4.741   10.206  1.00 13.19 ? 76  ARG A CZ  1 
ATOM   552  N  NH1 . ARG A 1 76  ? -11.201 3.796   10.703  1.00 13.13 ? 76  ARG A NH1 1 
ATOM   553  N  NH2 . ARG A 1 76  ? -10.669 6.017   10.459  1.00 14.03 ? 76  ARG A NH2 1 
ATOM   554  N  N   . VAL A 1 77  ? -6.630  3.880   5.013   1.00 5.10  ? 77  VAL A N   1 
ATOM   555  C  CA  . VAL A 1 77  ? -5.712  5.034   4.870   1.00 5.52  ? 77  VAL A CA  1 
ATOM   556  C  C   . VAL A 1 77  ? -6.414  6.301   5.336   1.00 5.18  ? 77  VAL A C   1 
ATOM   557  O  O   . VAL A 1 77  ? -7.524  6.591   4.881   1.00 5.07  ? 77  VAL A O   1 
ATOM   558  C  CB  . VAL A 1 77  ? -5.181  5.215   3.412   1.00 5.22  ? 77  VAL A CB  1 
ATOM   559  C  CG1 . VAL A 1 77  ? -4.071  6.276   3.356   1.00 6.56  ? 77  VAL A CG1 1 
ATOM   560  C  CG2 . VAL A 1 77  ? -4.670  3.874   2.865   1.00 5.08  ? 77  VAL A CG2 1 
ATOM   561  N  N   . ASP A 1 78  ? -5.777  7.017   6.274   1.00 5.72  ? 78  ASP A N   1 
ATOM   562  C  CA  . ASP A 1 78  ? -6.326  8.287   6.802   1.00 6.75  ? 78  ASP A CA  1 
ATOM   563  C  C   . ASP A 1 78  ? -5.470  9.461   6.323   1.00 6.96  ? 78  ASP A C   1 
ATOM   564  O  O   . ASP A 1 78  ? -4.249  9.320   6.212   1.00 7.16  ? 78  ASP A O   1 
ATOM   565  C  CB  . ASP A 1 78  ? -6.373  8.259   8.338   1.00 6.85  ? 78  ASP A CB  1 
ATOM   566  C  CG  . ASP A 1 78  ? -7.362  7.248   8.873   1.00 8.58  ? 78  ASP A CG  1 
ATOM   567  O  OD1 . ASP A 1 78  ? -8.566  7.582   8.938   1.00 10.43 ? 78  ASP A OD1 1 
ATOM   568  O  OD2 . ASP A 1 78  ? -6.944  6.121   9.224   1.00 9.17  ? 78  ASP A OD2 1 
ATOM   569  N  N   . PHE A 1 79  ? -6.110  10.610  6.052   1.00 7.10  ? 79  PHE A N   1 
ATOM   570  C  CA  . PHE A 1 79  ? -5.446  11.793  5.459   1.00 7.62  ? 79  PHE A CA  1 
ATOM   571  C  C   . PHE A 1 79  ? -5.734  13.088  6.244   1.00 8.25  ? 79  PHE A C   1 
ATOM   572  O  O   . PHE A 1 79  ? -6.891  13.445  6.427   1.00 9.00  ? 79  PHE A O   1 
ATOM   573  C  CB  . PHE A 1 79  ? -5.938  12.064  4.019   1.00 6.89  ? 79  PHE A CB  1 
ATOM   574  C  CG  . PHE A 1 79  ? -5.731  10.931  3.034   1.00 6.31  ? 79  PHE A CG  1 
ATOM   575  C  CD1 . PHE A 1 79  ? -4.739  11.031  2.052   1.00 4.66  ? 79  PHE A CD1 1 
ATOM   576  C  CD2 . PHE A 1 79  ? -6.574  9.820   3.031   1.00 5.93  ? 79  PHE A CD2 1 
ATOM   577  C  CE1 . PHE A 1 79  ? -4.555  10.008  1.109   1.00 5.88  ? 79  PHE A CE1 1 
ATOM   578  C  CE2 . PHE A 1 79  ? -6.400  8.789   2.098   1.00 5.64  ? 79  PHE A CE2 1 
ATOM   579  C  CZ  . PHE A 1 79  ? -5.385  8.889   1.126   1.00 5.01  ? 79  PHE A CZ  1 
ATOM   580  N  N   . ALA A 1 80  ? -4.681  13.803  6.654   1.00 9.30  ? 80  ALA A N   1 
ATOM   581  C  CA  . ALA A 1 80  ? -4.799  15.216  7.077   1.00 10.17 ? 80  ALA A CA  1 
ATOM   582  C  C   . ALA A 1 80  ? -5.191  16.085  5.869   1.00 10.87 ? 80  ALA A C   1 
ATOM   583  O  O   . ALA A 1 80  ? -4.948  15.690  4.731   1.00 10.57 ? 80  ALA A O   1 
ATOM   584  C  CB  . ALA A 1 80  ? -3.460  15.690  7.649   1.00 9.62  ? 80  ALA A CB  1 
ATOM   585  N  N   . PRO A 1 81  ? -5.813  17.269  6.097   1.00 11.51 ? 81  PRO A N   1 
ATOM   586  C  CA  . PRO A 1 81  ? -6.017  18.201  4.981   1.00 12.07 ? 81  PRO A CA  1 
ATOM   587  C  C   . PRO A 1 81  ? -4.721  18.518  4.227   1.00 11.72 ? 81  PRO A C   1 
ATOM   588  O  O   . PRO A 1 81  ? -3.707  18.857  4.846   1.00 12.44 ? 81  PRO A O   1 
ATOM   589  C  CB  . PRO A 1 81  ? -6.576  19.453  5.672   1.00 12.33 ? 81  PRO A CB  1 
ATOM   590  C  CG  . PRO A 1 81  ? -7.273  18.907  6.879   1.00 12.32 ? 81  PRO A CG  1 
ATOM   591  C  CD  . PRO A 1 81  ? -6.392  17.784  7.354   1.00 12.12 ? 81  PRO A CD  1 
ATOM   592  N  N   . GLY A 1 82  ? -4.758  18.369  2.904   1.00 11.13 ? 82  GLY A N   1 
ATOM   593  C  CA  . GLY A 1 82  ? -3.584  18.569  2.054   1.00 10.50 ? 82  GLY A CA  1 
ATOM   594  C  C   . GLY A 1 82  ? -2.579  17.424  2.062   1.00 9.70  ? 82  GLY A C   1 
ATOM   595  O  O   . GLY A 1 82  ? -1.503  17.528  1.458   1.00 9.67  ? 82  GLY A O   1 
ATOM   596  N  N   . GLY A 1 83  ? -2.929  16.334  2.745   1.00 8.64  ? 83  GLY A N   1 
ATOM   597  C  CA  . GLY A 1 83  ? -2.053  15.161  2.824   1.00 8.18  ? 83  GLY A CA  1 
ATOM   598  C  C   . GLY A 1 83  ? -2.123  14.318  1.565   1.00 8.13  ? 83  GLY A C   1 
ATOM   599  O  O   . GLY A 1 83  ? -3.122  14.365  0.819   1.00 7.80  ? 83  GLY A O   1 
ATOM   600  N  N   . THR A 1 84  ? -1.069  13.534  1.337   1.00 7.89  ? 84  THR A N   1 
ATOM   601  C  CA  . THR A 1 84  ? -1.002  12.669  0.157   1.00 7.66  ? 84  THR A CA  1 
ATOM   602  C  C   . THR A 1 84  ? -0.632  11.243  0.558   1.00 7.35  ? 84  THR A C   1 
ATOM   603  O  O   . THR A 1 84  ? 0.117   11.035  1.510   1.00 7.45  ? 84  THR A O   1 
ATOM   604  C  CB  . THR A 1 84  ? 0.006   13.194  -0.921  1.00 7.73  ? 84  THR A CB  1 
ATOM   605  O  OG1 . THR A 1 84  ? -0.089  12.410  -2.119  1.00 10.38 ? 84  THR A OG1 1 
ATOM   606  C  CG2 . THR A 1 84  ? 1.447   13.140  -0.426  1.00 7.83  ? 84  THR A CG2 1 
ATOM   607  N  N   . ASN A 1 85  ? -1.208  10.271  -0.146  1.00 7.11  ? 85  ASN A N   1 
ATOM   608  C  CA  . ASN A 1 85  ? -0.649  8.930   -0.242  1.00 6.61  ? 85  ASN A CA  1 
ATOM   609  C  C   . ASN A 1 85  ? 0.090   8.939   -1.588  1.00 5.94  ? 85  ASN A C   1 
ATOM   610  O  O   . ASN A 1 85  ? -0.549  8.921   -2.649  1.00 6.14  ? 85  ASN A O   1 
ATOM   611  C  CB  . ASN A 1 85  ? -1.776  7.887   -0.196  1.00 6.80  ? 85  ASN A CB  1 
ATOM   612  C  CG  . ASN A 1 85  ? -1.280  6.467   0.060   1.00 7.10  ? 85  ASN A CG  1 
ATOM   613  O  OD1 . ASN A 1 85  ? -0.180  6.256   0.580   1.00 9.59  ? 85  ASN A OD1 1 
ATOM   614  N  ND2 . ASN A 1 85  ? -2.112  5.480   -0.291  1.00 8.60  ? 85  ASN A ND2 1 
ATOM   615  N  N   . PRO A 1 86  ? 1.438   9.048   -1.554  1.00 5.35  ? 86  PRO A N   1 
ATOM   616  C  CA  . PRO A 1 86  ? 2.213   9.412   -2.751  1.00 5.48  ? 86  PRO A CA  1 
ATOM   617  C  C   . PRO A 1 86  ? 2.229   8.342   -3.845  1.00 5.37  ? 86  PRO A C   1 
ATOM   618  O  O   . PRO A 1 86  ? 1.932   7.182   -3.572  1.00 5.72  ? 86  PRO A O   1 
ATOM   619  C  CB  . PRO A 1 86  ? 3.635   9.631   -2.196  1.00 5.73  ? 86  PRO A CB  1 
ATOM   620  C  CG  . PRO A 1 86  ? 3.704   8.778   -0.980  1.00 5.96  ? 86  PRO A CG  1 
ATOM   621  C  CD  . PRO A 1 86  ? 2.311   8.836   -0.377  1.00 5.27  ? 86  PRO A CD  1 
ATOM   622  N  N   . PRO A 1 87  ? 2.570   8.733   -5.090  1.00 5.05  ? 87  PRO A N   1 
ATOM   623  C  CA  . PRO A 1 87  ? 2.692   7.774   -6.201  1.00 5.08  ? 87  PRO A CA  1 
ATOM   624  C  C   . PRO A 1 87  ? 3.351   6.459   -5.778  1.00 5.28  ? 87  PRO A C   1 
ATOM   625  O  O   . PRO A 1 87  ? 4.521   6.452   -5.349  1.00 7.33  ? 87  PRO A O   1 
ATOM   626  C  CB  . PRO A 1 87  ? 3.568   8.524   -7.191  1.00 5.04  ? 87  PRO A CB  1 
ATOM   627  C  CG  . PRO A 1 87  ? 3.108   9.954   -7.020  1.00 4.52  ? 87  PRO A CG  1 
ATOM   628  C  CD  . PRO A 1 87  ? 2.872   10.111  -5.532  1.00 5.33  ? 87  PRO A CD  1 
ATOM   629  N  N   . HIS A 1 88  ? 2.594   5.364   -5.875  1.00 4.49  ? 88  HIS A N   1 
ATOM   630  C  CA  . HIS A 1 88  ? 3.061   4.040   -5.451  1.00 3.76  ? 88  HIS A CA  1 
ATOM   631  C  C   . HIS A 1 88  ? 2.523   2.939   -6.369  1.00 3.57  ? 88  HIS A C   1 
ATOM   632  O  O   . HIS A 1 88  ? 1.637   3.195   -7.191  1.00 2.68  ? 88  HIS A O   1 
ATOM   633  C  CB  . HIS A 1 88  ? 2.711   3.766   -3.960  1.00 3.79  ? 88  HIS A CB  1 
ATOM   634  C  CG  . HIS A 1 88  ? 1.238   3.657   -3.657  1.00 3.79  ? 88  HIS A CG  1 
ATOM   635  N  ND1 . HIS A 1 88  ? 0.412   4.759   -3.542  1.00 4.39  ? 88  HIS A ND1 1 
ATOM   636  C  CD2 . HIS A 1 88  ? 0.456   2.575   -3.406  1.00 4.20  ? 88  HIS A CD2 1 
ATOM   637  C  CE1 . HIS A 1 88  ? -0.817  4.355   -3.258  1.00 4.26  ? 88  HIS A CE1 1 
ATOM   638  N  NE2 . HIS A 1 88  ? -0.814  3.038   -3.151  1.00 4.42  ? 88  HIS A NE2 1 
ATOM   639  N  N   . ILE A 1 89  ? 3.044   1.717   -6.189  1.00 3.29  ? 89  ILE A N   1 
ATOM   640  C  CA  . ILE A 1 89  ? 2.726   0.518   -6.995  1.00 3.48  ? 89  ILE A CA  1 
ATOM   641  C  C   . ILE A 1 89  ? 2.560   -0.697  -6.076  1.00 3.02  ? 89  ILE A C   1 
ATOM   642  O  O   . ILE A 1 89  ? 3.264   -0.815  -5.069  1.00 3.58  ? 89  ILE A O   1 
ATOM   643  C  CB  . ILE A 1 89  ? 3.859   0.255   -8.015  1.00 4.10  ? 89  ILE A CB  1 
ATOM   644  C  CG1 . ILE A 1 89  ? 3.813   1.357   -9.082  1.00 4.40  ? 89  ILE A CG1 1 
ATOM   645  C  CG2 . ILE A 1 89  ? 3.765   -1.161  -8.629  1.00 5.62  ? 89  ILE A CG2 1 
ATOM   646  C  CD1 . ILE A 1 89  ? 4.860   1.313   -10.121 1.00 12.61 ? 89  ILE A CD1 1 
ATOM   647  N  N   . HIS A 1 90  ? 1.612   -1.576  -6.414  1.00 2.38  ? 90  HIS A N   1 
ATOM   648  C  CA  . HIS A 1 90  ? 1.492   -2.892  -5.759  1.00 2.62  ? 90  HIS A CA  1 
ATOM   649  C  C   . HIS A 1 90  ? 1.970   -3.955  -6.739  1.00 3.06  ? 90  HIS A C   1 
ATOM   650  O  O   . HIS A 1 90  ? 1.315   -4.198  -7.762  1.00 3.49  ? 90  HIS A O   1 
ATOM   651  C  CB  . HIS A 1 90  ? 0.032   -3.144  -5.326  1.00 2.37  ? 90  HIS A CB  1 
ATOM   652  C  CG  . HIS A 1 90  ? -0.507  -2.058  -4.450  1.00 2.00  ? 90  HIS A CG  1 
ATOM   653  N  ND1 . HIS A 1 90  ? -0.033  -1.843  -3.170  1.00 2.28  ? 90  HIS A ND1 1 
ATOM   654  C  CD2 . HIS A 1 90  ? -1.426  -1.087  -4.683  1.00 2.51  ? 90  HIS A CD2 1 
ATOM   655  C  CE1 . HIS A 1 90  ? -0.640  -0.783  -2.651  1.00 4.37  ? 90  HIS A CE1 1 
ATOM   656  N  NE2 . HIS A 1 90  ? -1.491  -0.307  -3.548  1.00 3.59  ? 90  HIS A NE2 1 
ATOM   657  N  N   . PRO A 1 91  ? 3.141   -4.573  -6.467  1.00 3.41  ? 91  PRO A N   1 
ATOM   658  C  CA  . PRO A 1 91  ? 3.714   -5.531  -7.417  1.00 3.61  ? 91  PRO A CA  1 
ATOM   659  C  C   . PRO A 1 91  ? 2.886   -6.792  -7.683  1.00 3.33  ? 91  PRO A C   1 
ATOM   660  O  O   . PRO A 1 91  ? 3.052   -7.411  -8.747  1.00 4.39  ? 91  PRO A O   1 
ATOM   661  C  CB  . PRO A 1 91  ? 5.070   -5.905  -6.787  1.00 4.21  ? 91  PRO A CB  1 
ATOM   662  C  CG  . PRO A 1 91  ? 4.991   -5.483  -5.359  1.00 4.89  ? 91  PRO A CG  1 
ATOM   663  C  CD  . PRO A 1 91  ? 4.013   -4.344  -5.297  1.00 2.80  ? 91  PRO A CD  1 
ATOM   664  N  N   . ARG A 1 92  ? 2.001   -7.161  -6.743  1.00 3.29  ? 92  ARG A N   1 
ATOM   665  C  CA  . ARG A 1 92  ? 1.355   -8.481  -6.777  1.00 3.63  ? 92  ARG A CA  1 
ATOM   666  C  C   . ARG A 1 92  ? -0.184  -8.457  -6.639  1.00 3.36  ? 92  ARG A C   1 
ATOM   667  O  O   . ARG A 1 92  ? -0.793  -9.491  -6.310  1.00 3.25  ? 92  ARG A O   1 
ATOM   668  C  CB  . ARG A 1 92  ? 2.002   -9.436  -5.738  1.00 4.31  ? 92  ARG A CB  1 
ATOM   669  C  CG  . ARG A 1 92  ? 3.495   -9.698  -5.997  1.00 5.27  ? 92  ARG A CG  1 
ATOM   670  C  CD  . ARG A 1 92  ? 4.097   -10.619 -4.951  1.00 5.47  ? 92  ARG A CD  1 
ATOM   671  N  NE  . ARG A 1 92  ? 4.041   -10.033 -3.618  1.00 5.98  ? 92  ARG A NE  1 
ATOM   672  C  CZ  . ARG A 1 92  ? 4.971   -9.249  -3.078  1.00 4.80  ? 92  ARG A CZ  1 
ATOM   673  N  NH1 . ARG A 1 92  ? 6.076   -8.914  -3.748  1.00 4.21  ? 92  ARG A NH1 1 
ATOM   674  N  NH2 . ARG A 1 92  ? 4.793   -8.787  -1.851  1.00 6.33  ? 92  ARG A NH2 1 
ATOM   675  N  N   . ALA A 1 93  ? -0.828  -7.313  -6.916  1.00 2.31  ? 93  ALA A N   1 
ATOM   676  C  CA  . ALA A 1 93  ? -2.303  -7.257  -6.793  1.00 2.45  ? 93  ALA A CA  1 
ATOM   677  C  C   . ALA A 1 93  ? -2.970  -6.088  -7.504  1.00 2.34  ? 93  ALA A C   1 
ATOM   678  O  O   . ALA A 1 93  ? -2.370  -5.007  -7.646  1.00 3.06  ? 93  ALA A O   1 
ATOM   679  C  CB  . ALA A 1 93  ? -2.704  -7.224  -5.312  1.00 3.20  ? 93  ALA A CB  1 
ATOM   680  N  N   . THR A 1 94  ? -4.223  -6.322  -7.904  1.00 2.01  ? 94  THR A N   1 
ATOM   681  C  CA  . THR A 1 94  ? -5.210  -5.256  -8.181  1.00 2.41  ? 94  THR A CA  1 
ATOM   682  C  C   . THR A 1 94  ? -5.794  -4.751  -6.856  1.00 2.30  ? 94  THR A C   1 
ATOM   683  O  O   . THR A 1 94  ? -5.953  -5.526  -5.908  1.00 2.96  ? 94  THR A O   1 
ATOM   684  C  CB  . THR A 1 94  ? -6.368  -5.803  -9.064  1.00 2.20  ? 94  THR A CB  1 
ATOM   685  O  OG1 . THR A 1 94  ? -5.862  -6.226  -10.344 1.00 2.55  ? 94  THR A OG1 1 
ATOM   686  C  CG2 . THR A 1 94  ? -7.464  -4.731  -9.323  1.00 2.95  ? 94  THR A CG2 1 
ATOM   687  N  N   . GLU A 1 95  ? -6.133  -3.456  -6.813  1.00 2.55  ? 95  GLU A N   1 
ATOM   688  C  CA  . GLU A 1 95  ? -6.773  -2.802  -5.655  1.00 3.45  ? 95  GLU A CA  1 
ATOM   689  C  C   . GLU A 1 95  ? -8.179  -2.314  -6.020  1.00 3.13  ? 95  GLU A C   1 
ATOM   690  O  O   . GLU A 1 95  ? -8.410  -1.834  -7.141  1.00 3.62  ? 95  GLU A O   1 
ATOM   691  C  CB  . GLU A 1 95  ? -5.917  -1.600  -5.224  1.00 4.02  ? 95  GLU A CB  1 
ATOM   692  C  CG  . GLU A 1 95  ? -6.491  -0.753  -4.075  1.00 4.34  ? 95  GLU A CG  1 
ATOM   693  C  CD  . GLU A 1 95  ? -5.602  0.436   -3.733  1.00 4.85  ? 95  GLU A CD  1 
ATOM   694  O  OE1 . GLU A 1 95  ? -4.368  0.329   -3.905  1.00 4.05  ? 95  GLU A OE1 1 
ATOM   695  O  OE2 . GLU A 1 95  ? -6.145  1.488   -3.302  1.00 4.75  ? 95  GLU A OE2 1 
ATOM   696  N  N   . ILE A 1 96  ? -9.111  -2.445  -5.073  1.00 2.79  ? 96  ILE A N   1 
ATOM   697  C  CA  . ILE A 1 96  ? -10.469 -1.906  -5.227  1.00 3.48  ? 96  ILE A CA  1 
ATOM   698  C  C   . ILE A 1 96  ? -10.819 -1.141  -3.948  1.00 3.70  ? 96  ILE A C   1 
ATOM   699  O  O   . ILE A 1 96  ? -10.748 -1.692  -2.843  1.00 3.65  ? 96  ILE A O   1 
ATOM   700  C  CB  . ILE A 1 96  ? -11.492 -3.028  -5.604  1.00 3.10  ? 96  ILE A CB  1 
ATOM   701  C  CG1 . ILE A 1 96  ? -12.850 -2.447  -5.993  1.00 3.40  ? 96  ILE A CG1 1 
ATOM   702  C  CG2 . ILE A 1 96  ? -11.615 -4.113  -4.498  1.00 4.26  ? 96  ILE A CG2 1 
ATOM   703  C  CD1 . ILE A 1 96  ? -13.724 -3.448  -6.803  1.00 4.48  ? 96  ILE A CD1 1 
ATOM   704  N  N   . GLY A 1 97  ? -11.164 0.140   -4.092  1.00 3.35  ? 97  GLY A N   1 
ATOM   705  C  CA  . GLY A 1 97  ? -11.313 0.998   -2.905  1.00 4.89  ? 97  GLY A CA  1 
ATOM   706  C  C   . GLY A 1 97  ? -12.613 1.777   -2.802  1.00 5.26  ? 97  GLY A C   1 
ATOM   707  O  O   . GLY A 1 97  ? -13.297 2.014   -3.804  1.00 4.98  ? 97  GLY A O   1 
ATOM   708  N  N   . MET A 1 98  ? -12.967 2.147   -1.568  1.00 5.18  ? 98  MET A N   1 
ATOM   709  C  CA  . MET A 1 98  ? -14.124 3.019   -1.313  1.00 7.12  ? 98  MET A CA  1 
ATOM   710  C  C   . MET A 1 98  ? -13.736 4.136   -0.356  1.00 5.97  ? 98  MET A C   1 
ATOM   711  O  O   . MET A 1 98  ? -13.130 3.882   0.677   1.00 5.48  ? 98  MET A O   1 
ATOM   712  C  CB  . MET A 1 98  ? -15.317 2.234   -0.752  1.00 6.45  ? 98  MET A CB  1 
ATOM   713  C  CG  . MET A 1 98  ? -16.552 3.131   -0.538  1.00 7.40  ? 98  MET A CG  1 
ATOM   714  S  SD  . MET A 1 98  ? -17.919 2.296   0.288   1.00 15.29 ? 98  MET A SD  1 
ATOM   715  C  CE  . MET A 1 98  ? -18.770 1.626   -1.109  1.00 14.54 ? 98  MET A CE  1 
ATOM   716  N  N   . VAL A 1 99  ? -14.114 5.370   -0.699  1.00 5.66  ? 99  VAL A N   1 
ATOM   717  C  CA  . VAL A 1 99  ? -13.895 6.512   0.192   1.00 6.52  ? 99  VAL A CA  1 
ATOM   718  C  C   . VAL A 1 99  ? -14.998 6.519   1.259   1.00 7.23  ? 99  VAL A C   1 
ATOM   719  O  O   . VAL A 1 99  ? -16.185 6.398   0.933   1.00 7.31  ? 99  VAL A O   1 
ATOM   720  C  CB  . VAL A 1 99  ? -13.840 7.843   -0.618  1.00 6.30  ? 99  VAL A CB  1 
ATOM   721  C  CG1 . VAL A 1 99  ? -13.944 9.076   0.314   1.00 7.32  ? 99  VAL A CG1 1 
ATOM   722  C  CG2 . VAL A 1 99  ? -12.543 7.903   -1.435  1.00 6.86  ? 99  VAL A CG2 1 
ATOM   723  N  N   . MET A 1 100 ? -14.603 6.647   2.525   1.00 8.31  ? 100 MET A N   1 
ATOM   724  C  CA  . MET A 1 100 ? -15.568 6.623   3.630   1.00 9.87  ? 100 MET A CA  1 
ATOM   725  C  C   . MET A 1 100 ? -15.977 8.015   4.123   1.00 10.02 ? 100 MET A C   1 
ATOM   726  O  O   . MET A 1 100 ? -17.122 8.225   4.544   1.00 10.60 ? 100 MET A O   1 
ATOM   727  C  CB  . MET A 1 100 ? -15.044 5.761   4.778   1.00 10.98 ? 100 MET A CB  1 
ATOM   728  C  CG  . MET A 1 100 ? -14.916 4.271   4.440   1.00 13.61 ? 100 MET A CG  1 
ATOM   729  S  SD  . MET A 1 100 ? -16.409 3.461   3.800   1.00 21.63 ? 100 MET A SD  1 
ATOM   730  C  CE  . MET A 1 100 ? -17.740 4.320   4.628   1.00 21.24 ? 100 MET A CE  1 
ATOM   731  N  N   . LYS A 1 101 ? -15.034 8.954   4.080   1.00 10.23 ? 101 LYS A N   1 
ATOM   732  C  CA  . LYS A 1 101 ? -15.303 10.339  4.461   1.00 11.19 ? 101 LYS A CA  1 
ATOM   733  C  C   . LYS A 1 101 ? -14.320 11.283  3.767   1.00 9.87  ? 101 LYS A C   1 
ATOM   734  O  O   . LYS A 1 101 ? -13.169 10.916  3.502   1.00 8.66  ? 101 LYS A O   1 
ATOM   735  C  CB  . LYS A 1 101 ? -15.267 10.483  5.991   1.00 11.82 ? 101 LYS A CB  1 
ATOM   736  C  CG  . LYS A 1 101 ? -13.951 10.953  6.588   1.00 14.26 ? 101 LYS A CG  1 
ATOM   737  C  CD  . LYS A 1 101 ? -13.907 10.917  8.139   1.00 15.10 ? 101 LYS A CD  1 
ATOM   738  C  CE  . LYS A 1 101 ? -15.175 11.421  8.811   1.00 20.15 ? 101 LYS A CE  1 
ATOM   739  N  NZ  . LYS A 1 101 ? -15.391 12.893  8.662   1.00 23.47 ? 101 LYS A NZ  1 
ATOM   740  N  N   . GLY A 1 102 ? -14.782 12.491  3.462   1.00 9.26  ? 102 GLY A N   1 
ATOM   741  C  CA  . GLY A 1 102 ? -13.929 13.518  2.875   1.00 8.90  ? 102 GLY A CA  1 
ATOM   742  C  C   . GLY A 1 102 ? -13.917 13.498  1.359   1.00 8.66  ? 102 GLY A C   1 
ATOM   743  O  O   . GLY A 1 102 ? -14.783 12.875  0.731   1.00 8.95  ? 102 GLY A O   1 
ATOM   744  N  N   . GLU A 1 103 ? -12.939 14.206  0.786   1.00 8.82  ? 103 GLU A N   1 
ATOM   745  C  CA  . GLU A 1 103 ? -12.818 14.387  -0.664  1.00 9.10  ? 103 GLU A CA  1 
ATOM   746  C  C   . GLU A 1 103 ? -11.382 14.098  -1.102  1.00 7.96  ? 103 GLU A C   1 
ATOM   747  O  O   . GLU A 1 103 ? -10.454 14.826  -0.724  1.00 7.46  ? 103 GLU A O   1 
ATOM   748  C  CB  . GLU A 1 103 ? -13.177 15.820  -1.079  1.00 9.45  ? 103 GLU A CB  1 
ATOM   749  C  CG  . GLU A 1 103 ? -14.481 16.371  -0.505  1.00 11.40 ? 103 GLU A CG  1 
ATOM   750  C  CD  . GLU A 1 103 ? -14.727 17.804  -0.945  1.00 12.80 ? 103 GLU A CD  1 
ATOM   751  O  OE1 . GLU A 1 103 ? -15.316 17.993  -2.028  1.00 18.15 ? 103 GLU A OE1 1 
ATOM   752  O  OE2 . GLU A 1 103 ? -14.333 18.734  -0.205  1.00 18.02 ? 103 GLU A OE2 1 
ATOM   753  N  N   . LEU A 1 104 ? -11.198 13.040  -1.897  1.00 6.82  ? 104 LEU A N   1 
ATOM   754  C  CA  . LEU A 1 104 ? -9.860  12.640  -2.348  1.00 6.33  ? 104 LEU A CA  1 
ATOM   755  C  C   . LEU A 1 104 ? -9.700  12.702  -3.872  1.00 5.52  ? 104 LEU A C   1 
ATOM   756  O  O   . LEU A 1 104 ? -10.457 12.058  -4.605  1.00 6.19  ? 104 LEU A O   1 
ATOM   757  C  CB  . LEU A 1 104 ? -9.536  11.210  -1.865  1.00 6.25  ? 104 LEU A CB  1 
ATOM   758  C  CG  . LEU A 1 104 ? -9.397  10.910  -0.370  1.00 8.16  ? 104 LEU A CG  1 
ATOM   759  C  CD1 . LEU A 1 104 ? -9.253  9.401   -0.153  1.00 9.46  ? 104 LEU A CD1 1 
ATOM   760  C  CD2 . LEU A 1 104 ? -8.180  11.626  0.196   1.00 9.65  ? 104 LEU A CD2 1 
ATOM   761  N  N   . LEU A 1 105 ? -8.723  13.473  -4.346  1.00 4.83  ? 105 LEU A N   1 
ATOM   762  C  CA  . LEU A 1 105 ? -8.288  13.356  -5.740  1.00 4.87  ? 105 LEU A CA  1 
ATOM   763  C  C   . LEU A 1 105 ? -7.555  12.007  -5.878  1.00 4.63  ? 105 LEU A C   1 
ATOM   764  O  O   . LEU A 1 105 ? -6.528  11.788  -5.219  1.00 5.94  ? 105 LEU A O   1 
ATOM   765  C  CB  . LEU A 1 105 ? -7.363  14.518  -6.138  1.00 4.98  ? 105 LEU A CB  1 
ATOM   766  C  CG  . LEU A 1 105 ? -6.831  14.426  -7.581  1.00 4.41  ? 105 LEU A CG  1 
ATOM   767  C  CD1 . LEU A 1 105 ? -7.952  14.667  -8.609  1.00 7.10  ? 105 LEU A CD1 1 
ATOM   768  C  CD2 . LEU A 1 105 ? -5.644  15.378  -7.814  1.00 6.29  ? 105 LEU A CD2 1 
ATOM   769  N  N   . VAL A 1 106 ? -8.091  11.117  -6.708  1.00 4.18  ? 106 VAL A N   1 
ATOM   770  C  CA  . VAL A 1 106 ? -7.488  9.785   -6.938  1.00 4.11  ? 106 VAL A CA  1 
ATOM   771  C  C   . VAL A 1 106 ? -6.965  9.740   -8.372  1.00 4.35  ? 106 VAL A C   1 
ATOM   772  O  O   . VAL A 1 106 ? -7.726  10.005  -9.316  1.00 4.46  ? 106 VAL A O   1 
ATOM   773  C  CB  . VAL A 1 106 ? -8.524  8.649   -6.718  1.00 3.65  ? 106 VAL A CB  1 
ATOM   774  C  CG1 . VAL A 1 106 ? -7.901  7.269   -7.026  1.00 4.92  ? 106 VAL A CG1 1 
ATOM   775  C  CG2 . VAL A 1 106 ? -9.063  8.678   -5.281  1.00 5.16  ? 106 VAL A CG2 1 
ATOM   776  N  N   . GLY A 1 107 ? -5.677  9.423   -8.545  1.00 3.85  ? 107 GLY A N   1 
ATOM   777  C  CA  . GLY A 1 107 ? -5.079  9.345   -9.890  1.00 4.19  ? 107 GLY A CA  1 
ATOM   778  C  C   . GLY A 1 107 ? -4.494  7.972   -10.201 1.00 4.09  ? 107 GLY A C   1 
ATOM   779  O  O   . GLY A 1 107 ? -3.843  7.362   -9.340  1.00 4.86  ? 107 GLY A O   1 
ATOM   780  N  N   . ILE A 1 108 ? -4.719  7.511   -11.438 1.00 4.05  ? 108 ILE A N   1 
ATOM   781  C  CA  . ILE A 1 108 ? -4.231  6.213   -11.931 1.00 4.09  ? 108 ILE A CA  1 
ATOM   782  C  C   . ILE A 1 108 ? -3.518  6.435   -13.256 1.00 4.11  ? 108 ILE A C   1 
ATOM   783  O  O   . ILE A 1 108 ? -4.055  7.112   -14.141 1.00 4.00  ? 108 ILE A O   1 
ATOM   784  C  CB  . ILE A 1 108 ? -5.392  5.196   -12.140 1.00 4.43  ? 108 ILE A CB  1 
ATOM   785  C  CG1 . ILE A 1 108 ? -6.197  5.043   -10.849 1.00 6.26  ? 108 ILE A CG1 1 
ATOM   786  C  CG2 . ILE A 1 108 ? -4.851  3.839   -12.591 1.00 4.67  ? 108 ILE A CG2 1 
ATOM   787  C  CD1 . ILE A 1 108 ? -7.593  5.557   -10.933 1.00 9.21  ? 108 ILE A CD1 1 
ATOM   788  N  N   . LEU A 1 109 ? -2.320  5.864   -13.392 1.00 3.84  ? 109 LEU A N   1 
ATOM   789  C  CA  . LEU A 1 109 ? -1.475  6.082   -14.566 1.00 4.59  ? 109 LEU A CA  1 
ATOM   790  C  C   . LEU A 1 109 ? -1.304  4.833   -15.434 1.00 4.13  ? 109 LEU A C   1 
ATOM   791  O  O   . LEU A 1 109 ? -0.905  3.768   -14.940 1.00 4.51  ? 109 LEU A O   1 
ATOM   792  C  CB  . LEU A 1 109 ? -0.102  6.589   -14.099 1.00 4.53  ? 109 LEU A CB  1 
ATOM   793  C  CG  . LEU A 1 109 ? -0.188  7.991   -13.460 1.00 5.27  ? 109 LEU A CG  1 
ATOM   794  C  CD1 . LEU A 1 109 ? 0.537   8.062   -12.130 1.00 7.73  ? 109 LEU A CD1 1 
ATOM   795  C  CD2 . LEU A 1 109 ? 0.289   9.077   -14.424 1.00 4.42  ? 109 LEU A CD2 1 
ATOM   796  N  N   . GLY A 1 110 ? -1.607  4.955   -16.728 1.00 4.30  ? 110 GLY A N   1 
ATOM   797  C  CA  . GLY A 1 110 ? -1.354  3.864   -17.673 1.00 4.23  ? 110 GLY A CA  1 
ATOM   798  C  C   . GLY A 1 110 ? 0.132   3.640   -17.878 1.00 3.94  ? 110 GLY A C   1 
ATOM   799  O  O   . GLY A 1 110 ? 0.941   4.529   -17.578 1.00 3.66  ? 110 GLY A O   1 
ATOM   800  N  N   . SER A 1 111 ? 0.496   2.455   -18.386 1.00 4.63  ? 111 SER A N   1 
ATOM   801  C  CA  . SER A 1 111 ? 1.886   2.138   -18.749 1.00 4.78  ? 111 SER A CA  1 
ATOM   802  C  C   . SER A 1 111 ? 2.289   2.791   -20.092 1.00 5.51  ? 111 SER A C   1 
ATOM   803  O  O   . SER A 1 111 ? 1.494   3.542   -20.696 1.00 5.36  ? 111 SER A O   1 
ATOM   804  C  CB  . SER A 1 111 ? 2.096   0.613   -18.800 1.00 5.05  ? 111 SER A CB  1 
ATOM   805  O  OG  . SER A 1 111 ? 1.452   0.062   -19.924 1.00 6.86  ? 111 SER A OG  1 
ATOM   806  N  N   . LEU A 1 112 ? 3.499   2.503   -20.560 1.00 6.02  ? 112 LEU A N   1 
ATOM   807  C  CA  . LEU A 1 112 ? 4.005   3.104   -21.814 1.00 7.93  ? 112 LEU A CA  1 
ATOM   808  C  C   . LEU A 1 112 ? 3.119   2.870   -23.040 1.00 8.62  ? 112 LEU A C   1 
ATOM   809  O  O   . LEU A 1 112 ? 2.895   3.801   -23.825 1.00 9.55  ? 112 LEU A O   1 
ATOM   810  C  CB  . LEU A 1 112 ? 5.440   2.633   -22.109 1.00 8.18  ? 112 LEU A CB  1 
ATOM   811  C  CG  . LEU A 1 112 ? 6.131   3.282   -23.322 1.00 10.11 ? 112 LEU A CG  1 
ATOM   812  C  CD1 . LEU A 1 112 ? 6.555   4.709   -23.006 1.00 12.39 ? 112 LEU A CD1 1 
ATOM   813  C  CD2 . LEU A 1 112 ? 7.325   2.457   -23.758 1.00 13.83 ? 112 LEU A CD2 1 
ATOM   814  N  N   . ASP A 1 113 ? 2.601   1.653   -23.199 1.00 9.96  ? 113 ASP A N   1 
ATOM   815  C  CA  . ASP A 1 113 ? 1.770   1.340   -24.378 1.00 11.76 ? 113 ASP A CA  1 
ATOM   816  C  C   . ASP A 1 113 ? 0.363   1.938   -24.277 1.00 12.35 ? 113 ASP A C   1 
ATOM   817  O  O   . ASP A 1 113 ? -0.384  1.951   -25.266 1.00 13.67 ? 113 ASP A O   1 
ATOM   818  C  CB  . ASP A 1 113 ? 1.727   -0.167  -24.662 1.00 12.47 ? 113 ASP A CB  1 
ATOM   819  C  CG  . ASP A 1 113 ? 2.993   -0.672  -25.333 1.00 15.30 ? 113 ASP A CG  1 
ATOM   820  O  OD1 . ASP A 1 113 ? 3.885   0.147   -25.661 1.00 20.16 ? 113 ASP A OD1 1 
ATOM   821  O  OD2 . ASP A 1 113 ? 3.103   -1.898  -25.545 1.00 19.41 ? 113 ASP A OD2 1 
ATOM   822  N  N   . SER A 1 114 ? 0.020   2.439   -23.088 1.00 12.17 ? 114 SER A N   1 
ATOM   823  C  CA  . SER A 1 114 ? -1.193  3.243   -22.885 1.00 12.03 ? 114 SER A CA  1 
ATOM   824  C  C   . SER A 1 114 ? -0.888  4.745   -22.955 1.00 11.46 ? 114 SER A C   1 
ATOM   825  O  O   . SER A 1 114 ? -1.686  5.581   -22.503 1.00 11.87 ? 114 SER A O   1 
ATOM   826  C  CB  . SER A 1 114 ? -1.855  2.890   -21.542 1.00 12.29 ? 114 SER A CB  1 
ATOM   827  O  OG  . SER A 1 114 ? -2.434  1.595   -21.597 1.00 12.87 ? 114 SER A OG  1 
ATOM   828  N  N   . GLY A 1 115 ? 0.268   5.096   -23.511 1.00 10.87 ? 115 GLY A N   1 
ATOM   829  C  CA  . GLY A 1 115 ? 0.668   6.498   -23.621 1.00 10.33 ? 115 GLY A CA  1 
ATOM   830  C  C   . GLY A 1 115 ? 0.826   7.210   -22.288 1.00 9.71  ? 115 GLY A C   1 
ATOM   831  O  O   . GLY A 1 115 ? 0.722   8.434   -22.228 1.00 10.22 ? 115 GLY A O   1 
ATOM   832  N  N   . ASN A 1 116 ? 1.104   6.451   -21.220 1.00 8.70  ? 116 ASN A N   1 
ATOM   833  C  CA  . ASN A 1 116 ? 1.242   7.012   -19.875 1.00 7.71  ? 116 ASN A CA  1 
ATOM   834  C  C   . ASN A 1 116 ? 0.078   7.964   -19.517 1.00 7.57  ? 116 ASN A C   1 
ATOM   835  O  O   . ASN A 1 116 ? 0.285   9.039   -18.945 1.00 7.73  ? 116 ASN A O   1 
ATOM   836  C  CB  . ASN A 1 116 ? 2.605   7.725   -19.716 1.00 8.53  ? 116 ASN A CB  1 
ATOM   837  C  CG  . ASN A 1 116 ? 3.789   6.757   -19.704 1.00 8.13  ? 116 ASN A CG  1 
ATOM   838  O  OD1 . ASN A 1 116 ? 3.705   5.640   -19.189 1.00 8.50  ? 116 ASN A OD1 1 
ATOM   839  N  ND2 . ASN A 1 116 ? 4.903   7.193   -20.276 1.00 10.01 ? 116 ASN A ND2 1 
ATOM   840  N  N   . LYS A 1 117 ? -1.147  7.579   -19.863 1.00 6.35  ? 117 LYS A N   1 
ATOM   841  C  CA  . LYS A 1 117 ? -2.303  8.444   -19.597 1.00 6.32  ? 117 LYS A CA  1 
ATOM   842  C  C   . LYS A 1 117 ? -2.598  8.559   -18.104 1.00 6.17  ? 117 LYS A C   1 
ATOM   843  O  O   . LYS A 1 117 ? -2.556  7.562   -17.383 1.00 6.30  ? 117 LYS A O   1 
ATOM   844  C  CB  . LYS A 1 117 ? -3.546  7.916   -20.325 1.00 7.41  ? 117 LYS A CB  1 
ATOM   845  C  CG  . LYS A 1 117 ? -3.547  8.198   -21.818 1.00 11.48 ? 117 LYS A CG  1 
ATOM   846  C  CD  . LYS A 1 117 ? -4.812  7.686   -22.481 1.00 17.32 ? 117 LYS A CD  1 
ATOM   847  C  CE  . LYS A 1 117 ? -4.552  7.377   -23.949 1.00 20.63 ? 117 LYS A CE  1 
ATOM   848  N  NZ  . LYS A 1 117 ? -5.147  6.061   -24.325 1.00 24.06 ? 117 LYS A NZ  1 
ATOM   849  N  N   . LEU A 1 118 ? -2.939  9.763   -17.651 1.00 5.25  ? 118 LEU A N   1 
ATOM   850  C  CA  . LEU A 1 118 ? -3.364  9.974   -16.271 1.00 5.39  ? 118 LEU A CA  1 
ATOM   851  C  C   . LEU A 1 118 ? -4.877  10.143  -16.209 1.00 6.06  ? 118 LEU A C   1 
ATOM   852  O  O   . LEU A 1 118 ? -5.423  11.088  -16.799 1.00 6.28  ? 118 LEU A O   1 
ATOM   853  C  CB  . LEU A 1 118 ? -2.678  11.219  -15.675 1.00 5.07  ? 118 LEU A CB  1 
ATOM   854  C  CG  . LEU A 1 118 ? -3.202  11.746  -14.325 1.00 4.79  ? 118 LEU A CG  1 
ATOM   855  C  CD1 . LEU A 1 118 ? -3.032  10.711  -13.195 1.00 5.13  ? 118 LEU A CD1 1 
ATOM   856  C  CD2 . LEU A 1 118 ? -2.536  13.068  -13.945 1.00 5.81  ? 118 LEU A CD2 1 
ATOM   857  N  N   . TYR A 1 119 ? -5.534  9.243   -15.484 1.00 6.17  ? 119 TYR A N   1 
ATOM   858  C  CA  . TYR A 1 119 ? -6.968  9.353   -15.160 1.00 7.01  ? 119 TYR A CA  1 
ATOM   859  C  C   . TYR A 1 119 ? -7.083  9.815   -13.731 1.00 6.86  ? 119 TYR A C   1 
ATOM   860  O  O   . TYR A 1 119 ? -6.527  9.192   -12.823 1.00 6.55  ? 119 TYR A O   1 
ATOM   861  C  CB  . TYR A 1 119 ? -7.703  8.005   -15.280 1.00 8.72  ? 119 TYR A CB  1 
ATOM   862  C  CG  . TYR A 1 119 ? -7.275  7.214   -16.462 1.00 12.66 ? 119 TYR A CG  1 
ATOM   863  C  CD1 . TYR A 1 119 ? -6.113  6.464   -16.378 1.00 16.13 ? 119 TYR A CD1 1 
ATOM   864  C  CD2 . TYR A 1 119 ? -7.988  7.225   -17.655 1.00 16.10 ? 119 TYR A CD2 1 
ATOM   865  C  CE1 . TYR A 1 119 ? -5.644  5.753   -17.399 1.00 19.09 ? 119 TYR A CE1 1 
ATOM   866  C  CE2 . TYR A 1 119 ? -7.503  6.457   -18.749 1.00 18.66 ? 119 TYR A CE2 1 
ATOM   867  C  CZ  . TYR A 1 119 ? -6.311  5.728   -18.570 1.00 15.11 ? 119 TYR A CZ  1 
ATOM   868  O  OH  . TYR A 1 119 ? -5.697  4.943   -19.525 1.00 19.28 ? 119 TYR A OH  1 
ATOM   869  N  N   . SER A 1 120 ? -7.818  10.895  -13.517 1.00 5.42  ? 120 SER A N   1 
ATOM   870  C  CA  . SER A 1 120 ? -7.992  11.402  -12.154 1.00 5.95  ? 120 SER A CA  1 
ATOM   871  C  C   . SER A 1 120 ? -9.358  12.025  -11.924 1.00 6.18  ? 120 SER A C   1 
ATOM   872  O  O   . SER A 1 120 ? -9.909  12.682  -12.812 1.00 6.46  ? 120 SER A O   1 
ATOM   873  C  CB  . SER A 1 120 ? -6.860  12.354  -11.754 1.00 6.02  ? 120 SER A CB  1 
ATOM   874  O  OG  . SER A 1 120 ? -6.870  13.549  -12.536 1.00 7.45  ? 120 SER A OG  1 
ATOM   875  N  N   . ARG A 1 121 ? -9.884  11.820  -10.715 1.00 5.95  ? 121 ARG A N   1 
ATOM   876  C  CA  . ARG A 1 121 ? -11.238 12.246  -10.348 1.00 6.96  ? 121 ARG A CA  1 
ATOM   877  C  C   . ARG A 1 121 ? -11.300 12.553  -8.844  1.00 6.50  ? 121 ARG A C   1 
ATOM   878  O  O   . ARG A 1 121 ? -10.651 11.868  -8.047  1.00 5.76  ? 121 ARG A O   1 
ATOM   879  C  CB  . ARG A 1 121 ? -12.219 11.102  -10.684 1.00 7.79  ? 121 ARG A CB  1 
ATOM   880  C  CG  . ARG A 1 121 ? -13.677 11.392  -10.468 1.00 9.88  ? 121 ARG A CG  1 
ATOM   881  C  CD  . ARG A 1 121 ? -14.555 10.181  -10.744 1.00 10.39 ? 121 ARG A CD  1 
ATOM   882  N  NE  . ARG A 1 121 ? -15.963 10.548  -10.668 1.00 17.53 ? 121 ARG A NE  1 
ATOM   883  C  CZ  . ARG A 1 121 ? -16.983 9.786   -11.048 1.00 22.00 ? 121 ARG A CZ  1 
ATOM   884  N  NH1 . ARG A 1 121 ? -16.779 8.564   -11.531 1.00 24.51 ? 121 ARG A NH1 1 
ATOM   885  N  NH2 . ARG A 1 121 ? -18.223 10.250  -10.945 1.00 23.44 ? 121 ARG A NH2 1 
ATOM   886  N  N   . VAL A 1 122 ? -12.088 13.553  -8.443  1.00 5.65  ? 122 VAL A N   1 
ATOM   887  C  CA  . VAL A 1 122 ? -12.374 13.730  -7.007  1.00 6.44  ? 122 VAL A CA  1 
ATOM   888  C  C   . VAL A 1 122 ? -13.433 12.703  -6.592  1.00 6.37  ? 122 VAL A C   1 
ATOM   889  O  O   . VAL A 1 122 ? -14.527 12.668  -7.165  1.00 7.44  ? 122 VAL A O   1 
ATOM   890  C  CB  . VAL A 1 122 ? -12.837 15.173  -6.672  1.00 6.90  ? 122 VAL A CB  1 
ATOM   891  C  CG1 . VAL A 1 122 ? -13.113 15.312  -5.174  1.00 6.83  ? 122 VAL A CG1 1 
ATOM   892  C  CG2 . VAL A 1 122 ? -11.763 16.180  -7.111  1.00 8.44  ? 122 VAL A CG2 1 
ATOM   893  N  N   . VAL A 1 123 ? -13.076 11.854  -5.619  1.00 6.27  ? 123 VAL A N   1 
ATOM   894  C  CA  . VAL A 1 123 ? -13.912 10.745  -5.131  1.00 6.90  ? 123 VAL A CA  1 
ATOM   895  C  C   . VAL A 1 123 ? -14.412 11.044  -3.703  1.00 6.76  ? 123 VAL A C   1 
ATOM   896  O  O   . VAL A 1 123 ? -13.614 11.374  -2.810  1.00 7.92  ? 123 VAL A O   1 
ATOM   897  C  CB  . VAL A 1 123 ? -13.099 9.404   -5.155  1.00 6.89  ? 123 VAL A CB  1 
ATOM   898  C  CG1 . VAL A 1 123 ? -13.942 8.221   -4.705  1.00 7.02  ? 123 VAL A CG1 1 
ATOM   899  C  CG2 . VAL A 1 123 ? -12.539 9.132   -6.564  1.00 7.83  ? 123 VAL A CG2 1 
ATOM   900  N  N   . ARG A 1 124 ? -15.726 10.936  -3.495  1.00 7.02  ? 124 ARG A N   1 
ATOM   901  C  CA  . ARG A 1 124 ? -16.356 11.339  -2.215  1.00 8.27  ? 124 ARG A CA  1 
ATOM   902  C  C   . ARG A 1 124 ? -17.008 10.136  -1.510  1.00 7.84  ? 124 ARG A C   1 
ATOM   903  O  O   . ARG A 1 124 ? -16.912 9.004   -2.010  1.00 8.12  ? 124 ARG A O   1 
ATOM   904  C  CB  . ARG A 1 124 ? -17.345 12.509  -2.434  1.00 8.36  ? 124 ARG A CB  1 
ATOM   905  C  CG  . ARG A 1 124 ? -16.680 13.729  -3.097  1.00 9.61  ? 124 ARG A CG  1 
ATOM   906  C  CD  . ARG A 1 124 ? -17.579 14.951  -3.218  1.00 10.72 ? 124 ARG A CD  1 
ATOM   907  N  NE  . ARG A 1 124 ? -16.866 16.096  -3.798  1.00 13.30 ? 124 ARG A NE  1 
ATOM   908  C  CZ  . ARG A 1 124 ? -16.725 16.334  -5.104  1.00 14.43 ? 124 ARG A CZ  1 
ATOM   909  N  NH1 . ARG A 1 124 ? -17.231 15.504  -6.008  1.00 14.68 ? 124 ARG A NH1 1 
ATOM   910  N  NH2 . ARG A 1 124 ? -16.048 17.409  -5.509  1.00 17.74 ? 124 ARG A NH2 1 
ATOM   911  N  N   . ALA A 1 125 ? -17.623 10.359  -0.344  1.00 7.77  ? 125 ALA A N   1 
ATOM   912  C  CA  . ALA A 1 125 ? -18.145 9.243   0.480   1.00 7.08  ? 125 ALA A CA  1 
ATOM   913  C  C   . ALA A 1 125 ? -19.040 8.270   -0.287  1.00 7.30  ? 125 ALA A C   1 
ATOM   914  O  O   . ALA A 1 125 ? -20.010 8.680   -0.932  1.00 7.44  ? 125 ALA A O   1 
ATOM   915  C  CB  . ALA A 1 125 ? -18.890 9.773   1.723   1.00 8.27  ? 125 ALA A CB  1 
ATOM   916  N  N   . GLY A 1 126 ? -18.711 6.974   -0.196  1.00 6.87  ? 126 GLY A N   1 
ATOM   917  C  CA  . GLY A 1 126 ? -19.488 5.921   -0.836  1.00 6.81  ? 126 GLY A CA  1 
ATOM   918  C  C   . GLY A 1 126 ? -19.123 5.640   -2.287  1.00 5.90  ? 126 GLY A C   1 
ATOM   919  O  O   . GLY A 1 126 ? -19.619 4.679   -2.876  1.00 6.05  ? 126 GLY A O   1 
ATOM   920  N  N   . GLU A 1 127 ? -18.272 6.492   -2.859  1.00 5.31  ? 127 GLU A N   1 
ATOM   921  C  CA  . GLU A 1 127 ? -17.804 6.321   -4.234  1.00 5.36  ? 127 GLU A CA  1 
ATOM   922  C  C   . GLU A 1 127 ? -16.557 5.428   -4.265  1.00 4.40  ? 127 GLU A C   1 
ATOM   923  O  O   . GLU A 1 127 ? -15.788 5.374   -3.293  1.00 3.88  ? 127 GLU A O   1 
ATOM   924  C  CB  . GLU A 1 127 ? -17.540 7.689   -4.877  1.00 5.29  ? 127 GLU A CB  1 
ATOM   925  C  CG  . GLU A 1 127 ? -18.794 8.554   -4.923  1.00 7.42  ? 127 GLU A CG  1 
ATOM   926  C  CD  . GLU A 1 127 ? -18.603 9.833   -5.740  1.00 8.38  ? 127 GLU A CD  1 
ATOM   927  O  OE1 . GLU A 1 127 ? -17.553 10.499  -5.612  1.00 9.25  ? 127 GLU A OE1 1 
ATOM   928  O  OE2 . GLU A 1 127 ? -19.525 10.189  -6.512  1.00 15.82 ? 127 GLU A OE2 1 
ATOM   929  N  N   . THR A 1 128 ? -16.355 4.759   -5.401  1.00 4.02  ? 128 THR A N   1 
ATOM   930  C  CA  . THR A 1 128 ? -15.339 3.679   -5.518  1.00 4.20  ? 128 THR A CA  1 
ATOM   931  C  C   . THR A 1 128 ? -14.376 3.890   -6.688  1.00 4.36  ? 128 THR A C   1 
ATOM   932  O  O   . THR A 1 128 ? -14.685 4.632   -7.623  1.00 4.24  ? 128 THR A O   1 
ATOM   933  C  CB  . THR A 1 128 ? -16.018 2.277   -5.628  1.00 4.27  ? 128 THR A CB  1 
ATOM   934  O  OG1 . THR A 1 128 ? -16.967 2.273   -6.710  1.00 4.38  ? 128 THR A OG1 1 
ATOM   935  C  CG2 . THR A 1 128 ? -16.768 1.918   -4.321  1.00 5.62  ? 128 THR A CG2 1 
ATOM   936  N  N   . PHE A 1 129 ? -13.216 3.219   -6.621  1.00 3.81  ? 129 PHE A N   1 
ATOM   937  C  CA  . PHE A 1 129 ? -12.195 3.267   -7.679  1.00 3.71  ? 129 PHE A CA  1 
ATOM   938  C  C   . PHE A 1 129 ? -11.480 1.920   -7.793  1.00 4.17  ? 129 PHE A C   1 
ATOM   939  O  O   . PHE A 1 129 ? -11.508 1.101   -6.862  1.00 4.47  ? 129 PHE A O   1 
ATOM   940  C  CB  . PHE A 1 129 ? -11.176 4.401   -7.422  1.00 4.00  ? 129 PHE A CB  1 
ATOM   941  C  CG  . PHE A 1 129 ? -10.416 4.272   -6.111  1.00 3.68  ? 129 PHE A CG  1 
ATOM   942  C  CD1 . PHE A 1 129 ? -9.241  3.501   -6.030  1.00 4.86  ? 129 PHE A CD1 1 
ATOM   943  C  CD2 . PHE A 1 129 ? -10.862 4.932   -4.965  1.00 3.77  ? 129 PHE A CD2 1 
ATOM   944  C  CE1 . PHE A 1 129 ? -8.539  3.394   -4.820  1.00 4.79  ? 129 PHE A CE1 1 
ATOM   945  C  CE2 . PHE A 1 129 ? -10.161 4.839   -3.752  1.00 4.23  ? 129 PHE A CE2 1 
ATOM   946  C  CZ  . PHE A 1 129 ? -9.004  4.045   -3.681  1.00 4.00  ? 129 PHE A CZ  1 
ATOM   947  N  N   . VAL A 1 130 ? -10.840 1.690   -8.940  1.00 4.14  ? 130 VAL A N   1 
ATOM   948  C  CA  . VAL A 1 130 ? -10.089 0.450   -9.166  1.00 5.55  ? 130 VAL A CA  1 
ATOM   949  C  C   . VAL A 1 130 ? -8.696  0.764   -9.710  1.00 4.98  ? 130 VAL A C   1 
ATOM   950  O  O   . VAL A 1 130 ? -8.543  1.622   -10.591 1.00 5.68  ? 130 VAL A O   1 
ATOM   951  C  CB  . VAL A 1 130 ? -10.873 -0.571  -10.056 1.00 7.61  ? 130 VAL A CB  1 
ATOM   952  C  CG1 . VAL A 1 130 ? -10.949 -0.134  -11.463 1.00 9.34  ? 130 VAL A CG1 1 
ATOM   953  C  CG2 . VAL A 1 130 ? -10.247 -1.990  -9.934  1.00 10.04 ? 130 VAL A CG2 1 
ATOM   954  N  N   . ILE A 1 131 ? -7.684  0.074   -9.170  1.00 3.63  ? 131 ILE A N   1 
ATOM   955  C  CA  . ILE A 1 131 ? -6.296  0.241   -9.630  1.00 3.72  ? 131 ILE A CA  1 
ATOM   956  C  C   . ILE A 1 131 ? -5.780  -1.087  -10.207 1.00 3.22  ? 131 ILE A C   1 
ATOM   957  O  O   . ILE A 1 131 ? -5.481  -2.019  -9.452  1.00 3.24  ? 131 ILE A O   1 
ATOM   958  C  CB  . ILE A 1 131 ? -5.319  0.633   -8.473  1.00 3.69  ? 131 ILE A CB  1 
ATOM   959  C  CG1 . ILE A 1 131 ? -5.932  1.614   -7.439  1.00 5.25  ? 131 ILE A CG1 1 
ATOM   960  C  CG2 . ILE A 1 131 ? -3.977  1.083   -9.034  1.00 4.93  ? 131 ILE A CG2 1 
ATOM   961  C  CD1 . ILE A 1 131 ? -6.126  3.058   -7.920  1.00 7.44  ? 131 ILE A CD1 1 
ATOM   962  N  N   . PRO A 1 132 ? -5.643  -1.189  -11.541 1.00 3.55  ? 132 PRO A N   1 
ATOM   963  C  CA  . PRO A 1 132 ? -5.150  -2.447  -12.129 1.00 3.86  ? 132 PRO A CA  1 
ATOM   964  C  C   . PRO A 1 132 ? -3.772  -2.843  -11.588 1.00 4.07  ? 132 PRO A C   1 
ATOM   965  O  O   . PRO A 1 132 ? -2.969  -1.974  -11.252 1.00 4.06  ? 132 PRO A O   1 
ATOM   966  C  CB  . PRO A 1 132 ? -5.078  -2.130  -13.637 1.00 3.86  ? 132 PRO A CB  1 
ATOM   967  C  CG  . PRO A 1 132 ? -6.043  -0.978  -13.832 1.00 4.24  ? 132 PRO A CG  1 
ATOM   968  C  CD  . PRO A 1 132 ? -5.963  -0.174  -12.565 1.00 3.89  ? 132 PRO A CD  1 
ATOM   969  N  N   . ARG A 1 133 ? -3.511  -4.148  -11.492 1.00 3.90  ? 133 ARG A N   1 
ATOM   970  C  CA  . ARG A 1 133 ? -2.251  -4.645  -10.935 1.00 4.80  ? 133 ARG A CA  1 
ATOM   971  C  C   . ARG A 1 133 ? -0.990  -3.966  -11.475 1.00 3.75  ? 133 ARG A C   1 
ATOM   972  O  O   . ARG A 1 133 ? -0.811  -3.817  -12.680 1.00 2.71  ? 133 ARG A O   1 
ATOM   973  C  CB  . ARG A 1 133 ? -2.164  -6.185  -10.996 1.00 7.21  ? 133 ARG A CB  1 
ATOM   974  C  CG  . ARG A 1 133 ? -1.869  -6.836  -12.317 1.00 8.42  ? 133 ARG A CG  1 
ATOM   975  C  CD  . ARG A 1 133 ? -1.392  -8.341  -12.167 1.00 5.28  ? 133 ARG A CD  1 
ATOM   976  N  NE  . ARG A 1 133 ? -2.247  -9.153  -11.272 1.00 5.81  ? 133 ARG A NE  1 
ATOM   977  C  CZ  . ARG A 1 133 ? -1.830  -9.833  -10.201 1.00 6.53  ? 133 ARG A CZ  1 
ATOM   978  N  NH1 . ARG A 1 133 ? -0.542  -9.859  -9.850  1.00 5.51  ? 133 ARG A NH1 1 
ATOM   979  N  NH2 . ARG A 1 133 ? -2.716  -10.524 -9.485  1.00 5.78  ? 133 ARG A NH2 1 
ATOM   980  N  N   . GLY A 1 134 ? -0.148  -3.517  -10.546 1.00 3.40  ? 134 GLY A N   1 
ATOM   981  C  CA  . GLY A 1 134 ? 1.166   -2.991  -10.887 1.00 3.43  ? 134 GLY A CA  1 
ATOM   982  C  C   . GLY A 1 134 ? 1.268   -1.579  -11.439 1.00 3.10  ? 134 GLY A C   1 
ATOM   983  O  O   . GLY A 1 134 ? 2.375   -1.118  -11.727 1.00 4.51  ? 134 GLY A O   1 
ATOM   984  N  N   . LEU A 1 135 ? 0.138   -0.877  -11.588 1.00 3.09  ? 135 LEU A N   1 
ATOM   985  C  CA  . LEU A 1 135 ? 0.185   0.487   -12.132 1.00 3.09  ? 135 LEU A CA  1 
ATOM   986  C  C   . LEU A 1 135 ? 0.420   1.549   -11.047 1.00 2.86  ? 135 LEU A C   1 
ATOM   987  O  O   . LEU A 1 135 ? -0.034  1.408   -9.906  1.00 2.04  ? 135 LEU A O   1 
ATOM   988  C  CB  . LEU A 1 135 ? -1.096  0.809   -12.933 1.00 2.65  ? 135 LEU A CB  1 
ATOM   989  C  CG  . LEU A 1 135 ? -1.395  -0.069  -14.161 1.00 2.81  ? 135 LEU A CG  1 
ATOM   990  C  CD1 . LEU A 1 135 ? -2.607  0.451   -14.924 1.00 5.14  ? 135 LEU A CD1 1 
ATOM   991  C  CD2 . LEU A 1 135 ? -0.196  -0.180  -15.108 1.00 4.93  ? 135 LEU A CD2 1 
ATOM   992  N  N   . MET A 1 136 ? 1.159   2.600   -11.413 1.00 3.54  ? 136 MET A N   1 
ATOM   993  C  CA  . MET A 1 136 ? 1.404   3.726   -10.494 1.00 3.18  ? 136 MET A CA  1 
ATOM   994  C  C   . MET A 1 136 ? 0.099   4.517   -10.218 1.00 3.65  ? 136 MET A C   1 
ATOM   995  O  O   . MET A 1 136 ? -0.714  4.727   -11.129 1.00 2.83  ? 136 MET A O   1 
ATOM   996  C  CB  . MET A 1 136 ? 2.479   4.674   -11.060 1.00 4.53  ? 136 MET A CB  1 
ATOM   997  C  CG  . MET A 1 136 ? 3.078   5.626   -10.004 1.00 3.53  ? 136 MET A CG  1 
ATOM   998  S  SD  . MET A 1 136 ? 4.304   6.794   -10.660 1.00 5.76  ? 136 MET A SD  1 
ATOM   999  C  CE  . MET A 1 136 ? 5.493   5.680   -11.423 1.00 6.42  ? 136 MET A CE  1 
ATOM   1000 N  N   . HIS A 1 137 ? -0.110  4.914   -8.957  1.00 2.72  ? 137 HIS A N   1 
ATOM   1001 C  CA  . HIS A 1 137 ? -1.333  5.650   -8.552  1.00 2.83  ? 137 HIS A CA  1 
ATOM   1002 C  C   . HIS A 1 137 ? -1.088  6.456   -7.269  1.00 3.34  ? 137 HIS A C   1 
ATOM   1003 O  O   . HIS A 1 137 ? -0.096  6.225   -6.568  1.00 3.41  ? 137 HIS A O   1 
ATOM   1004 C  CB  . HIS A 1 137 ? -2.520  4.673   -8.386  1.00 3.13  ? 137 HIS A CB  1 
ATOM   1005 C  CG  . HIS A 1 137 ? -2.294  3.606   -7.351  1.00 2.54  ? 137 HIS A CG  1 
ATOM   1006 N  ND1 . HIS A 1 137 ? -1.378  2.588   -7.519  1.00 2.69  ? 137 HIS A ND1 1 
ATOM   1007 C  CD2 . HIS A 1 137 ? -2.892  3.378   -6.153  1.00 2.84  ? 137 HIS A CD2 1 
ATOM   1008 C  CE1 . HIS A 1 137 ? -1.408  1.789   -6.468  1.00 2.68  ? 137 HIS A CE1 1 
ATOM   1009 N  NE2 . HIS A 1 137 ? -2.321  2.238   -5.626  1.00 3.10  ? 137 HIS A NE2 1 
ATOM   1010 N  N   . PHE A 1 138 ? -1.978  7.402   -6.976  1.00 3.38  ? 138 PHE A N   1 
ATOM   1011 C  CA  . PHE A 1 138 ? -1.831  8.277   -5.799  1.00 3.16  ? 138 PHE A CA  1 
ATOM   1012 C  C   . PHE A 1 138 ? -3.201  8.798   -5.323  1.00 3.80  ? 138 PHE A C   1 
ATOM   1013 O  O   . PHE A 1 138 ? -4.200  8.712   -6.055  1.00 3.49  ? 138 PHE A O   1 
ATOM   1014 C  CB  . PHE A 1 138 ? -0.915  9.483   -6.119  1.00 3.23  ? 138 PHE A CB  1 
ATOM   1015 C  CG  . PHE A 1 138 ? -1.469  10.414  -7.182  1.00 3.45  ? 138 PHE A CG  1 
ATOM   1016 C  CD1 . PHE A 1 138 ? -2.352  11.446  -6.837  1.00 3.99  ? 138 PHE A CD1 1 
ATOM   1017 C  CD2 . PHE A 1 138 ? -1.097  10.254  -8.523  1.00 3.71  ? 138 PHE A CD2 1 
ATOM   1018 C  CE1 . PHE A 1 138 ? -2.876  12.313  -7.825  1.00 5.30  ? 138 PHE A CE1 1 
ATOM   1019 C  CE2 . PHE A 1 138 ? -1.615  11.116  -9.519  1.00 4.68  ? 138 PHE A CE2 1 
ATOM   1020 C  CZ  . PHE A 1 138 ? -2.515  12.131  -9.159  1.00 4.50  ? 138 PHE A CZ  1 
ATOM   1021 N  N   . GLN A 1 139 ? -3.233  9.332   -4.100  1.00 3.96  ? 139 GLN A N   1 
ATOM   1022 C  CA  . GLN A 1 139 ? -4.410  10.062  -3.581  1.00 5.08  ? 139 GLN A CA  1 
ATOM   1023 C  C   . GLN A 1 139 ? -3.959  11.350  -2.891  1.00 5.18  ? 139 GLN A C   1 
ATOM   1024 O  O   . GLN A 1 139 ? -2.862  11.409  -2.325  1.00 5.86  ? 139 GLN A O   1 
ATOM   1025 C  CB  . GLN A 1 139 ? -5.253  9.217   -2.600  1.00 5.04  ? 139 GLN A CB  1 
ATOM   1026 C  CG  . GLN A 1 139 ? -5.851  7.941   -3.200  1.00 5.92  ? 139 GLN A CG  1 
ATOM   1027 C  CD  . GLN A 1 139 ? -4.926  6.739   -3.086  1.00 7.03  ? 139 GLN A CD  1 
ATOM   1028 O  OE1 . GLN A 1 139 ? -4.029  6.702   -2.232  1.00 7.57  ? 139 GLN A OE1 1 
ATOM   1029 N  NE2 . GLN A 1 139 ? -5.165  5.730   -3.916  1.00 7.60  ? 139 GLN A NE2 1 
ATOM   1030 N  N   . PHE A 1 140 ? -4.798  12.381  -2.956  1.00 6.11  ? 140 PHE A N   1 
ATOM   1031 C  CA  . PHE A 1 140 ? -4.465  13.703  -2.402  1.00 6.59  ? 140 PHE A CA  1 
ATOM   1032 C  C   . PHE A 1 140 ? -5.736  14.310  -1.793  1.00 6.59  ? 140 PHE A C   1 
ATOM   1033 O  O   . PHE A 1 140 ? -6.771  14.397  -2.473  1.00 6.49  ? 140 PHE A O   1 
ATOM   1034 C  CB  . PHE A 1 140 ? -3.903  14.581  -3.535  1.00 6.97  ? 140 PHE A CB  1 
ATOM   1035 C  CG  . PHE A 1 140 ? -3.454  15.968  -3.105  1.00 8.64  ? 140 PHE A CG  1 
ATOM   1036 C  CD1 . PHE A 1 140 ? -2.244  16.160  -2.450  1.00 10.33 ? 140 PHE A CD1 1 
ATOM   1037 C  CD2 . PHE A 1 140 ? -4.215  17.080  -3.427  1.00 12.16 ? 140 PHE A CD2 1 
ATOM   1038 C  CE1 . PHE A 1 140 ? -1.818  17.438  -2.078  1.00 11.14 ? 140 PHE A CE1 1 
ATOM   1039 C  CE2 . PHE A 1 140 ? -3.796  18.376  -3.053  1.00 12.73 ? 140 PHE A CE2 1 
ATOM   1040 C  CZ  . PHE A 1 140 ? -2.599  18.545  -2.381  1.00 11.33 ? 140 PHE A CZ  1 
ATOM   1041 N  N   . ASN A 1 141 ? -5.674  14.684  -0.509  1.00 7.15  ? 141 ASN A N   1 
ATOM   1042 C  CA  . ASN A 1 141 ? -6.850  15.211  0.207   1.00 7.81  ? 141 ASN A CA  1 
ATOM   1043 C  C   . ASN A 1 141 ? -7.106  16.674  -0.171  1.00 8.32  ? 141 ASN A C   1 
ATOM   1044 O  O   . ASN A 1 141 ? -6.378  17.577  0.279   1.00 9.13  ? 141 ASN A O   1 
ATOM   1045 C  CB  . ASN A 1 141 ? -6.683  15.048  1.740   1.00 7.62  ? 141 ASN A CB  1 
ATOM   1046 C  CG  . ASN A 1 141 ? -7.928  15.457  2.522   1.00 7.91  ? 141 ASN A CG  1 
ATOM   1047 O  OD1 . ASN A 1 141 ? -8.921  15.891  1.937   1.00 9.09  ? 141 ASN A OD1 1 
ATOM   1048 N  ND2 . ASN A 1 141 ? -7.876  15.316  3.857   1.00 8.42  ? 141 ASN A ND2 1 
ATOM   1049 N  N   . VAL A 1 142 ? -8.150  16.890  -0.976  1.00 8.69  ? 142 VAL A N   1 
ATOM   1050 C  CA  . VAL A 1 142 ? -8.487  18.235  -1.475  1.00 10.12 ? 142 VAL A CA  1 
ATOM   1051 C  C   . VAL A 1 142 ? -9.553  18.939  -0.631  1.00 11.22 ? 142 VAL A C   1 
ATOM   1052 O  O   . VAL A 1 142 ? -9.890  20.100  -0.911  1.00 11.96 ? 142 VAL A O   1 
ATOM   1053 C  CB  . VAL A 1 142 ? -8.930  18.224  -2.968  1.00 9.91  ? 142 VAL A CB  1 
ATOM   1054 C  CG1 . VAL A 1 142 ? -7.807  17.699  -3.864  1.00 10.46 ? 142 VAL A CG1 1 
ATOM   1055 C  CG2 . VAL A 1 142 ? -10.241 17.449  -3.160  1.00 10.42 ? 142 VAL A CG2 1 
ATOM   1056 N  N   . GLY A 1 143 ? -10.065 18.248  0.388   1.00 11.81 ? 143 GLY A N   1 
ATOM   1057 C  CA  . GLY A 1 143 ? -11.058 18.810  1.317   1.00 13.77 ? 143 GLY A CA  1 
ATOM   1058 C  C   . GLY A 1 143 ? -10.437 19.572  2.479   1.00 14.47 ? 143 GLY A C   1 
ATOM   1059 O  O   . GLY A 1 143 ? -9.219  19.623  2.620   1.00 14.70 ? 143 GLY A O   1 
ATOM   1060 N  N   . LYS A 1 144 ? -11.285 20.159  3.323   1.00 15.86 ? 144 LYS A N   1 
ATOM   1061 C  CA  . LYS A 1 144 ? -10.803 20.922  4.474   1.00 16.79 ? 144 LYS A CA  1 
ATOM   1062 C  C   . LYS A 1 144 ? -10.786 20.090  5.757   1.00 17.01 ? 144 LYS A C   1 
ATOM   1063 O  O   . LYS A 1 144 ? -10.296 20.546  6.801   1.00 17.77 ? 144 LYS A O   1 
ATOM   1064 C  CB  . LYS A 1 144 ? -11.648 22.187  4.686   1.00 17.47 ? 144 LYS A CB  1 
ATOM   1065 C  CG  . LYS A 1 144 ? -11.501 23.242  3.608   1.00 19.09 ? 144 LYS A CG  1 
ATOM   1066 C  CD  . LYS A 1 144 ? -11.906 24.623  4.139   1.00 21.31 ? 144 LYS A CD  1 
ATOM   1067 C  CE  . LYS A 1 144 ? -11.968 25.634  2.998   1.00 22.08 ? 144 LYS A CE  1 
ATOM   1068 N  NZ  . LYS A 1 144 ? -12.475 27.004  3.348   1.00 21.20 ? 144 LYS A NZ  1 
ATOM   1069 N  N   . THR A 1 145 ? -11.321 18.873  5.665   1.00 16.49 ? 145 THR A N   1 
ATOM   1070 C  CA  . THR A 1 145 ? -11.475 17.972  6.800   1.00 16.46 ? 145 THR A CA  1 
ATOM   1071 C  C   . THR A 1 145 ? -10.578 16.753  6.612   1.00 15.54 ? 145 THR A C   1 
ATOM   1072 O  O   . THR A 1 145 ? -10.058 16.525  5.515   1.00 14.93 ? 145 THR A O   1 
ATOM   1073 C  CB  . THR A 1 145 ? -12.933 17.446  6.903   1.00 16.91 ? 145 THR A CB  1 
ATOM   1074 O  OG1 . THR A 1 145 ? -13.255 16.676  5.731   1.00 19.21 ? 145 THR A OG1 1 
ATOM   1075 C  CG2 . THR A 1 145 ? -13.928 18.590  7.046   1.00 18.46 ? 145 THR A CG2 1 
ATOM   1076 N  N   . GLU A 1 146 ? -10.399 15.984  7.681   1.00 14.69 ? 146 GLU A N   1 
ATOM   1077 C  CA  . GLU A 1 146 ? -9.752  14.678  7.599   1.00 14.74 ? 146 GLU A CA  1 
ATOM   1078 C  C   . GLU A 1 146 ? -10.548 13.735  6.680   1.00 13.28 ? 146 GLU A C   1 
ATOM   1079 O  O   . GLU A 1 146 ? -11.780 13.660  6.769   1.00 13.98 ? 146 GLU A O   1 
ATOM   1080 C  CB  . GLU A 1 146 ? -9.652  14.082  8.999   1.00 15.19 ? 146 GLU A CB  1 
ATOM   1081 C  CG  . GLU A 1 146 ? -8.890  12.780  9.097   1.00 18.35 ? 146 GLU A CG  1 
ATOM   1082 C  CD  . GLU A 1 146 ? -8.823  12.270  10.523  1.00 21.05 ? 146 GLU A CD  1 
ATOM   1083 O  OE1 . GLU A 1 146 ? -9.768  12.545  11.303  1.00 25.65 ? 146 GLU A OE1 1 
ATOM   1084 O  OE2 . GLU A 1 146 ? -7.824  11.606  10.868  1.00 23.32 ? 146 GLU A OE2 1 
ATOM   1085 N  N   . ALA A 1 147 ? -9.837  13.017  5.804   1.00 11.72 ? 147 ALA A N   1 
ATOM   1086 C  CA  . ALA A 1 147 ? -10.458 12.039  4.904   1.00 10.07 ? 147 ALA A CA  1 
ATOM   1087 C  C   . ALA A 1 147 ? -10.001 10.622  5.247   1.00 9.50  ? 147 ALA A C   1 
ATOM   1088 O  O   . ALA A 1 147 ? -8.927  10.433  5.818   1.00 9.21  ? 147 ALA A O   1 
ATOM   1089 C  CB  . ALA A 1 147 ? -10.124 12.357  3.440   1.00 10.09 ? 147 ALA A CB  1 
ATOM   1090 N  N   . TYR A 1 148 ? -10.816 9.633   4.901   1.00 9.23  ? 148 TYR A N   1 
ATOM   1091 C  CA  . TYR A 1 148 ? -10.336 8.249   4.969   1.00 9.56  ? 148 TYR A CA  1 
ATOM   1092 C  C   . TYR A 1 148 ? -10.993 7.321   3.955   1.00 8.44  ? 148 TYR A C   1 
ATOM   1093 O  O   . TYR A 1 148 ? -12.099 7.570   3.482   1.00 8.09  ? 148 TYR A O   1 
ATOM   1094 C  CB  . TYR A 1 148 ? -10.338 7.700   6.407   1.00 12.32 ? 148 TYR A CB  1 
ATOM   1095 C  CG  . TYR A 1 148 ? -11.577 7.002   6.894   1.00 14.97 ? 148 TYR A CG  1 
ATOM   1096 C  CD1 . TYR A 1 148 ? -11.697 5.611   6.806   1.00 17.87 ? 148 TYR A CD1 1 
ATOM   1097 C  CD2 . TYR A 1 148 ? -12.605 7.718   7.509   1.00 17.93 ? 148 TYR A CD2 1 
ATOM   1098 C  CE1 . TYR A 1 148 ? -12.837 4.955   7.289   1.00 17.97 ? 148 TYR A CE1 1 
ATOM   1099 C  CE2 . TYR A 1 148 ? -13.748 7.078   7.994   1.00 17.54 ? 148 TYR A CE2 1 
ATOM   1100 C  CZ  . TYR A 1 148 ? -13.856 5.706   7.879   1.00 17.59 ? 148 TYR A CZ  1 
ATOM   1101 O  OH  . TYR A 1 148 ? -14.989 5.086   8.346   1.00 18.17 ? 148 TYR A OH  1 
ATOM   1102 N  N   . MET A 1 149 ? -10.265 6.262   3.617   1.00 6.86  ? 149 MET A N   1 
ATOM   1103 C  CA  . MET A 1 149 ? -10.734 5.244   2.680   1.00 5.88  ? 149 MET A CA  1 
ATOM   1104 C  C   . MET A 1 149 ? -10.355 3.857   3.205   1.00 5.49  ? 149 MET A C   1 
ATOM   1105 O  O   . MET A 1 149 ? -9.435  3.718   4.030   1.00 5.73  ? 149 MET A O   1 
ATOM   1106 C  CB  . MET A 1 149 ? -10.117 5.455   1.289   1.00 5.07  ? 149 MET A CB  1 
ATOM   1107 C  CG  . MET A 1 149 ? -8.608  5.339   1.246   1.00 4.94  ? 149 MET A CG  1 
ATOM   1108 S  SD  . MET A 1 149 ? -7.952  5.664   -0.400  1.00 5.94  ? 149 MET A SD  1 
ATOM   1109 C  CE  . MET A 1 149 ? -6.322  4.995   -0.257  1.00 6.18  ? 149 MET A CE  1 
ATOM   1110 N  N   . VAL A 1 150 ? -11.068 2.843   2.719   1.00 5.66  ? 150 VAL A N   1 
ATOM   1111 C  CA  . VAL A 1 150 ? -10.730 1.434   2.988   1.00 5.86  ? 150 VAL A CA  1 
ATOM   1112 C  C   . VAL A 1 150 ? -10.589 0.746   1.625   1.00 5.57  ? 150 VAL A C   1 
ATOM   1113 O  O   . VAL A 1 150 ? -11.471 0.891   0.772   1.00 5.38  ? 150 VAL A O   1 
ATOM   1114 C  CB  . VAL A 1 150 ? -11.818 0.744   3.861   1.00 6.75  ? 150 VAL A CB  1 
ATOM   1115 C  CG1 . VAL A 1 150 ? -11.547 -0.748  3.981   1.00 8.40  ? 150 VAL A CG1 1 
ATOM   1116 C  CG2 . VAL A 1 150 ? -11.889 1.377   5.258   1.00 8.11  ? 150 VAL A CG2 1 
ATOM   1117 N  N   . VAL A 1 151 ? -9.492  0.007   1.428   1.00 4.56  ? 151 VAL A N   1 
ATOM   1118 C  CA  . VAL A 1 151 ? -9.172  -0.603  0.126   1.00 4.71  ? 151 VAL A CA  1 
ATOM   1119 C  C   . VAL A 1 151 ? -8.908  -2.093  0.304   1.00 4.78  ? 151 VAL A C   1 
ATOM   1120 O  O   . VAL A 1 151 ? -8.385  -2.505  1.340   1.00 6.06  ? 151 VAL A O   1 
ATOM   1121 C  CB  . VAL A 1 151 ? -7.960  0.086   -0.562  1.00 4.96  ? 151 VAL A CB  1 
ATOM   1122 C  CG1 . VAL A 1 151 ? -8.250  1.570   -0.753  1.00 5.59  ? 151 VAL A CG1 1 
ATOM   1123 C  CG2 . VAL A 1 151 ? -6.685  -0.066  0.241   1.00 6.90  ? 151 VAL A CG2 1 
ATOM   1124 N  N   . SER A 1 152 ? -9.293  -2.886  -0.699  1.00 4.07  ? 152 SER A N   1 
ATOM   1125 C  CA  . SER A 1 152 ? -9.117  -4.342  -0.660  1.00 3.56  ? 152 SER A CA  1 
ATOM   1126 C  C   . SER A 1 152 ? -8.230  -4.772  -1.834  1.00 3.74  ? 152 SER A C   1 
ATOM   1127 O  O   . SER A 1 152 ? -8.153  -4.062  -2.849  1.00 3.58  ? 152 SER A O   1 
ATOM   1128 C  CB  . SER A 1 152 ? -10.480 -5.043  -0.754  1.00 4.61  ? 152 SER A CB  1 
ATOM   1129 O  OG  . SER A 1 152 ? -11.320 -4.693  0.346   1.00 5.92  ? 152 SER A OG  1 
ATOM   1130 N  N   . PHE A 1 153 ? -7.590  -5.933  -1.701  1.00 2.58  ? 153 PHE A N   1 
ATOM   1131 C  CA  . PHE A 1 153 ? -6.654  -6.437  -2.721  1.00 3.01  ? 153 PHE A CA  1 
ATOM   1132 C  C   . PHE A 1 153 ? -6.935  -7.895  -3.038  1.00 2.22  ? 153 PHE A C   1 
ATOM   1133 O  O   . PHE A 1 153 ? -7.353  -8.646  -2.148  1.00 3.27  ? 153 PHE A O   1 
ATOM   1134 C  CB  . PHE A 1 153 ? -5.197  -6.351  -2.226  1.00 3.35  ? 153 PHE A CB  1 
ATOM   1135 C  CG  . PHE A 1 153 ? -4.766  -4.966  -1.799  1.00 3.42  ? 153 PHE A CG  1 
ATOM   1136 C  CD1 . PHE A 1 153 ? -4.886  -4.570  -0.463  1.00 3.58  ? 153 PHE A CD1 1 
ATOM   1137 C  CD2 . PHE A 1 153 ? -4.213  -4.076  -2.724  1.00 3.71  ? 153 PHE A CD2 1 
ATOM   1138 C  CE1 . PHE A 1 153 ? -4.499  -3.282  -0.060  1.00 2.58  ? 153 PHE A CE1 1 
ATOM   1139 C  CE2 . PHE A 1 153 ? -3.828  -2.776  -2.344  1.00 2.58  ? 153 PHE A CE2 1 
ATOM   1140 C  CZ  . PHE A 1 153 ? -3.964  -2.386  -0.998  1.00 2.47  ? 153 PHE A CZ  1 
ATOM   1141 N  N   . ASN A 1 154 ? -6.667  -8.319  -4.277  1.00 2.04  ? 154 ASN A N   1 
ATOM   1142 C  CA  . ASN A 1 154 ? -6.670  -9.770  -4.580  1.00 2.00  ? 154 ASN A CA  1 
ATOM   1143 C  C   . ASN A 1 154 ? -5.336  -10.477 -4.288  1.00 2.11  ? 154 ASN A C   1 
ATOM   1144 O  O   . ASN A 1 154 ? -4.900  -11.337 -5.051  1.00 2.35  ? 154 ASN A O   1 
ATOM   1145 C  CB  . ASN A 1 154 ? -7.209  -10.102 -5.996  1.00 2.25  ? 154 ASN A CB  1 
ATOM   1146 C  CG  . ASN A 1 154 ? -6.303  -9.633  -7.129  1.00 2.04  ? 154 ASN A CG  1 
ATOM   1147 O  OD1 . ASN A 1 154 ? -6.440  -10.128 -8.272  1.00 6.66  ? 154 ASN A OD1 1 
ATOM   1148 N  ND2 . ASN A 1 154 ? -5.406  -8.707  -6.855  1.00 2.00  ? 154 ASN A ND2 1 
ATOM   1149 N  N   . SER A 1 155 ? -4.703  -10.096 -3.170  1.00 2.52  ? 155 SER A N   1 
ATOM   1150 C  CA  . SER A 1 155 ? -3.544  -10.820 -2.625  1.00 2.76  ? 155 SER A CA  1 
ATOM   1151 C  C   . SER A 1 155 ? -3.528  -10.705 -1.097  1.00 2.09  ? 155 SER A C   1 
ATOM   1152 O  O   . SER A 1 155 ? -3.963  -9.688  -0.538  1.00 2.45  ? 155 SER A O   1 
ATOM   1153 C  CB  . SER A 1 155 ? -2.221  -10.265 -3.166  1.00 3.23  ? 155 SER A CB  1 
ATOM   1154 O  OG  . SER A 1 155 ? -1.107  -10.958 -2.570  1.00 3.20  ? 155 SER A OG  1 
ATOM   1155 N  N   . GLN A 1 156 ? -3.013  -11.744 -0.433  1.00 2.00  ? 156 GLN A N   1 
ATOM   1156 C  CA  . GLN A 1 156 ? -2.747  -11.679 1.023   1.00 2.00  ? 156 GLN A CA  1 
ATOM   1157 C  C   . GLN A 1 156 ? -1.553  -10.775 1.364   1.00 2.25  ? 156 GLN A C   1 
ATOM   1158 O  O   . GLN A 1 156 ? -1.344  -10.446 2.536   1.00 2.85  ? 156 GLN A O   1 
ATOM   1159 C  CB  . GLN A 1 156 ? -2.481  -13.085 1.586   1.00 2.00  ? 156 GLN A CB  1 
ATOM   1160 C  CG  . GLN A 1 156 ? -1.118  -13.695 1.177   1.00 2.32  ? 156 GLN A CG  1 
ATOM   1161 C  CD  . GLN A 1 156 ? -0.923  -15.105 1.711   1.00 2.47  ? 156 GLN A CD  1 
ATOM   1162 O  OE1 . GLN A 1 156 ? -1.825  -15.936 1.632   1.00 2.98  ? 156 GLN A OE1 1 
ATOM   1163 N  NE2 . GLN A 1 156 ? 0.260   -15.374 2.282   1.00 3.55  ? 156 GLN A NE2 1 
ATOM   1164 N  N   . ASN A 1 157 ? -0.745  -10.421 0.361   1.00 2.00  ? 157 ASN A N   1 
ATOM   1165 C  CA  . ASN A 1 157 ? 0.477   -9.628  0.578   1.00 2.21  ? 157 ASN A CA  1 
ATOM   1166 C  C   . ASN A 1 157 ? 0.813   -8.876  -0.719  1.00 2.38  ? 157 ASN A C   1 
ATOM   1167 O  O   . ASN A 1 157 ? 1.745   -9.259  -1.439  1.00 2.42  ? 157 ASN A O   1 
ATOM   1168 C  CB  . ASN A 1 157 ? 1.631   -10.571 0.998   1.00 2.71  ? 157 ASN A CB  1 
ATOM   1169 C  CG  . ASN A 1 157 ? 2.877   -9.834  1.489   1.00 4.40  ? 157 ASN A CG  1 
ATOM   1170 O  OD1 . ASN A 1 157 ? 4.016   -10.292 1.266   1.00 8.01  ? 157 ASN A OD1 1 
ATOM   1171 N  ND2 . ASN A 1 157 ? 2.679   -8.734  2.202   1.00 4.71  ? 157 ASN A ND2 1 
ATOM   1172 N  N   . PRO A 1 158 ? 0.047   -7.800  -1.024  1.00 2.69  ? 158 PRO A N   1 
ATOM   1173 C  CA  . PRO A 1 158 ? 0.225   -7.112  -2.317  1.00 3.09  ? 158 PRO A CA  1 
ATOM   1174 C  C   . PRO A 1 158 ? 1.599   -6.480  -2.523  1.00 3.18  ? 158 PRO A C   1 
ATOM   1175 O  O   . PRO A 1 158 ? 2.051   -6.365  -3.688  1.00 3.03  ? 158 PRO A O   1 
ATOM   1176 C  CB  . PRO A 1 158 ? -0.868  -6.024  -2.300  1.00 3.27  ? 158 PRO A CB  1 
ATOM   1177 C  CG  . PRO A 1 158 ? -1.199  -5.809  -0.875  1.00 4.46  ? 158 PRO A CG  1 
ATOM   1178 C  CD  . PRO A 1 158 ? -1.011  -7.167  -0.207  1.00 2.90  ? 158 PRO A CD  1 
ATOM   1179 N  N   . GLY A 1 159 ? 2.239   -6.061  -1.421  1.00 3.17  ? 159 GLY A N   1 
ATOM   1180 C  CA  . GLY A 1 159 ? 3.504   -5.302  -1.470  1.00 3.14  ? 159 GLY A CA  1 
ATOM   1181 C  C   . GLY A 1 159 ? 3.240   -3.826  -1.729  1.00 3.22  ? 159 GLY A C   1 
ATOM   1182 O  O   . GLY A 1 159 ? 2.234   -3.476  -2.332  1.00 3.20  ? 159 GLY A O   1 
ATOM   1183 N  N   . ILE A 1 160 ? 4.109   -2.956  -1.218  1.00 3.36  ? 160 ILE A N   1 
ATOM   1184 C  CA  . ILE A 1 160 ? 3.995   -1.522  -1.533  1.00 4.26  ? 160 ILE A CA  1 
ATOM   1185 C  C   . ILE A 1 160 ? 5.351   -0.977  -1.978  1.00 3.48  ? 160 ILE A C   1 
ATOM   1186 O  O   . ILE A 1 160 ? 6.319   -1.021  -1.218  1.00 3.21  ? 160 ILE A O   1 
ATOM   1187 C  CB  . ILE A 1 160 ? 3.461   -0.681  -0.336  1.00 4.53  ? 160 ILE A CB  1 
ATOM   1188 C  CG1 . ILE A 1 160 ? 2.167   -1.263  0.252   1.00 6.06  ? 160 ILE A CG1 1 
ATOM   1189 C  CG2 . ILE A 1 160 ? 3.234   0.779   -0.795  1.00 5.43  ? 160 ILE A CG2 1 
ATOM   1190 C  CD1 . ILE A 1 160 ? 1.757   -0.623  1.586   1.00 6.43  ? 160 ILE A CD1 1 
ATOM   1191 N  N   . VAL A 1 161 ? 5.408   -0.467  -3.212  1.00 2.71  ? 161 VAL A N   1 
ATOM   1192 C  CA  . VAL A 1 161 ? 6.579   0.244   -3.738  1.00 2.91  ? 161 VAL A CA  1 
ATOM   1193 C  C   . VAL A 1 161 ? 6.236   1.746   -3.722  1.00 3.65  ? 161 VAL A C   1 
ATOM   1194 O  O   . VAL A 1 161 ? 5.513   2.226   -4.593  1.00 4.35  ? 161 VAL A O   1 
ATOM   1195 C  CB  . VAL A 1 161 ? 6.908   -0.264  -5.183  1.00 3.26  ? 161 VAL A CB  1 
ATOM   1196 C  CG1 . VAL A 1 161 ? 8.002   0.568   -5.844  1.00 3.95  ? 161 VAL A CG1 1 
ATOM   1197 C  CG2 . VAL A 1 161 ? 7.321   -1.718  -5.159  1.00 2.87  ? 161 VAL A CG2 1 
ATOM   1198 N  N   . PHE A 1 162 ? 6.688   2.458   -2.688  1.00 3.41  ? 162 PHE A N   1 
ATOM   1199 C  CA  . PHE A 1 162 ? 6.487   3.916   -2.621  1.00 4.59  ? 162 PHE A CA  1 
ATOM   1200 C  C   . PHE A 1 162 ? 7.522   4.566   -3.539  1.00 4.42  ? 162 PHE A C   1 
ATOM   1201 O  O   . PHE A 1 162 ? 8.729   4.430   -3.311  1.00 5.54  ? 162 PHE A O   1 
ATOM   1202 C  CB  . PHE A 1 162 ? 6.663   4.442   -1.188  1.00 5.28  ? 162 PHE A CB  1 
ATOM   1203 C  CG  . PHE A 1 162 ? 5.482   4.186   -0.279  1.00 6.74  ? 162 PHE A CG  1 
ATOM   1204 C  CD1 . PHE A 1 162 ? 5.600   3.308   0.799   1.00 8.67  ? 162 PHE A CD1 1 
ATOM   1205 C  CD2 . PHE A 1 162 ? 4.263   4.839   -0.483  1.00 8.67  ? 162 PHE A CD2 1 
ATOM   1206 C  CE1 . PHE A 1 162 ? 4.525   3.083   1.673   1.00 9.37  ? 162 PHE A CE1 1 
ATOM   1207 C  CE2 . PHE A 1 162 ? 3.164   4.611   0.378   1.00 9.02  ? 162 PHE A CE2 1 
ATOM   1208 C  CZ  . PHE A 1 162 ? 3.304   3.738   1.460   1.00 8.32  ? 162 PHE A CZ  1 
ATOM   1209 N  N   . VAL A 1 163 ? 7.070   5.286   -4.561  1.00 5.08  ? 163 VAL A N   1 
ATOM   1210 C  CA  . VAL A 1 163 ? 8.013   5.759   -5.593  1.00 5.18  ? 163 VAL A CA  1 
ATOM   1211 C  C   . VAL A 1 163 ? 9.057   6.796   -5.091  1.00 5.27  ? 163 VAL A C   1 
ATOM   1212 O  O   . VAL A 1 163 ? 10.257  6.600   -5.317  1.00 5.34  ? 163 VAL A O   1 
ATOM   1213 C  CB  . VAL A 1 163 ? 7.302   6.178   -6.911  1.00 5.73  ? 163 VAL A CB  1 
ATOM   1214 C  CG1 . VAL A 1 163 ? 8.306   6.781   -7.867  1.00 8.62  ? 163 VAL A CG1 1 
ATOM   1215 C  CG2 . VAL A 1 163 ? 6.639   4.963   -7.557  1.00 5.72  ? 163 VAL A CG2 1 
ATOM   1216 N  N   . PRO A 1 164 ? 8.621   7.881   -4.413  1.00 5.11  ? 164 PRO A N   1 
ATOM   1217 C  CA  . PRO A 1 164 ? 9.634   8.849   -3.924  1.00 5.53  ? 164 PRO A CA  1 
ATOM   1218 C  C   . PRO A 1 164 ? 10.634  8.244   -2.929  1.00 5.11  ? 164 PRO A C   1 
ATOM   1219 O  O   . PRO A 1 164 ? 11.849  8.423   -3.085  1.00 5.57  ? 164 PRO A O   1 
ATOM   1220 C  CB  . PRO A 1 164 ? 8.783   9.955   -3.266  1.00 5.80  ? 164 PRO A CB  1 
ATOM   1221 C  CG  . PRO A 1 164 ? 7.420   9.827   -3.933  1.00 5.98  ? 164 PRO A CG  1 
ATOM   1222 C  CD  . PRO A 1 164 ? 7.249   8.332   -4.086  1.00 5.32  ? 164 PRO A CD  1 
ATOM   1223 N  N   . LEU A 1 165 ? 10.132  7.500   -1.940  1.00 5.41  ? 165 LEU A N   1 
ATOM   1224 C  CA  . LEU A 1 165 ? 11.010  6.907   -0.927  1.00 5.12  ? 165 LEU A CA  1 
ATOM   1225 C  C   . LEU A 1 165 ? 11.976  5.880   -1.527  1.00 5.44  ? 165 LEU A C   1 
ATOM   1226 O  O   . LEU A 1 165 ? 13.138  5.804   -1.130  1.00 6.08  ? 165 LEU A O   1 
ATOM   1227 C  CB  . LEU A 1 165 ? 10.183  6.309   0.218   1.00 5.55  ? 165 LEU A CB  1 
ATOM   1228 C  CG  . LEU A 1 165 ? 10.930  5.552   1.315   1.00 5.71  ? 165 LEU A CG  1 
ATOM   1229 C  CD1 . LEU A 1 165 ? 11.916  6.458   2.050   1.00 7.06  ? 165 LEU A CD1 1 
ATOM   1230 C  CD2 . LEU A 1 165 ? 9.938   4.936   2.300   1.00 6.41  ? 165 LEU A CD2 1 
ATOM   1231 N  N   . THR A 1 166 ? 11.511  5.111   -2.509  1.00 5.07  ? 166 THR A N   1 
ATOM   1232 C  CA  . THR A 1 166 ? 12.385  4.126   -3.156  1.00 4.90  ? 166 THR A CA  1 
ATOM   1233 C  C   . THR A 1 166 ? 13.445  4.790   -4.060  1.00 5.39  ? 166 THR A C   1 
ATOM   1234 O  O   . THR A 1 166 ? 14.618  4.402   -4.045  1.00 5.61  ? 166 THR A O   1 
ATOM   1235 C  CB  . THR A 1 166 ? 11.549  3.102   -3.969  1.00 4.46  ? 166 THR A CB  1 
ATOM   1236 O  OG1 . THR A 1 166 ? 10.618  2.443   -3.096  1.00 4.19  ? 166 THR A OG1 1 
ATOM   1237 C  CG2 . THR A 1 166 ? 12.445  2.056   -4.646  1.00 5.42  ? 166 THR A CG2 1 
ATOM   1238 N  N   . LEU A 1 167 ? 13.041  5.792   -4.838  1.00 6.43  ? 167 LEU A N   1 
ATOM   1239 C  CA  . LEU A 1 167 ? 13.993  6.516   -5.701  1.00 7.05  ? 167 LEU A CA  1 
ATOM   1240 C  C   . LEU A 1 167 ? 15.101  7.243   -4.938  1.00 7.43  ? 167 LEU A C   1 
ATOM   1241 O  O   . LEU A 1 167 ? 16.257  7.269   -5.400  1.00 7.92  ? 167 LEU A O   1 
ATOM   1242 C  CB  . LEU A 1 167 ? 13.261  7.574   -6.526  1.00 8.20  ? 167 LEU A CB  1 
ATOM   1243 C  CG  . LEU A 1 167 ? 12.722  7.314   -7.918  1.00 10.17 ? 167 LEU A CG  1 
ATOM   1244 C  CD1 . LEU A 1 167 ? 12.216  8.661   -8.469  1.00 9.61  ? 167 LEU A CD1 1 
ATOM   1245 C  CD2 . LEU A 1 167 ? 13.762  6.710   -8.874  1.00 8.89  ? 167 LEU A CD2 1 
ATOM   1246 N  N   . PHE A 1 168 ? 14.742  7.854   -3.805  1.00 7.31  ? 168 PHE A N   1 
ATOM   1247 C  CA  . PHE A 1 168 ? 15.649  8.787   -3.110  1.00 7.88  ? 168 PHE A CA  1 
ATOM   1248 C  C   . PHE A 1 168 ? 16.165  8.337   -1.749  1.00 8.33  ? 168 PHE A C   1 
ATOM   1249 O  O   . PHE A 1 168 ? 17.132  8.929   -1.238  1.00 9.70  ? 168 PHE A O   1 
ATOM   1250 C  CB  . PHE A 1 168 ? 15.005  10.188  -2.996  1.00 7.89  ? 168 PHE A CB  1 
ATOM   1251 C  CG  . PHE A 1 168 ? 14.672  10.806  -4.335  1.00 7.87  ? 168 PHE A CG  1 
ATOM   1252 C  CD1 . PHE A 1 168 ? 13.336  11.057  -4.686  1.00 8.08  ? 168 PHE A CD1 1 
ATOM   1253 C  CD2 . PHE A 1 168 ? 15.674  11.106  -5.255  1.00 7.70  ? 168 PHE A CD2 1 
ATOM   1254 C  CE1 . PHE A 1 168 ? 13.010  11.607  -5.928  1.00 7.92  ? 168 PHE A CE1 1 
ATOM   1255 C  CE2 . PHE A 1 168 ? 15.362  11.661  -6.499  1.00 9.00  ? 168 PHE A CE2 1 
ATOM   1256 C  CZ  . PHE A 1 168 ? 14.009  11.904  -6.838  1.00 7.69  ? 168 PHE A CZ  1 
ATOM   1257 N  N   . GLY A 1 169 ? 15.540  7.310   -1.166  1.00 7.61  ? 169 GLY A N   1 
ATOM   1258 C  CA  . GLY A 1 169 ? 15.864  6.864   0.190   1.00 7.56  ? 169 GLY A CA  1 
ATOM   1259 C  C   . GLY A 1 169 ? 15.924  5.355   0.378   1.00 7.06  ? 169 GLY A C   1 
ATOM   1260 O  O   . GLY A 1 169 ? 15.626  4.857   1.467   1.00 7.36  ? 169 GLY A O   1 
ATOM   1261 N  N   . SER A 1 170 ? 16.323  4.628   -0.669  1.00 6.90  ? 170 SER A N   1 
ATOM   1262 C  CA  . SER A 1 170 ? 16.514  3.171   -0.545  1.00 6.73  ? 170 SER A CA  1 
ATOM   1263 C  C   . SER A 1 170 ? 17.734  2.873   0.349   1.00 7.17  ? 170 SER A C   1 
ATOM   1264 O  O   . SER A 1 170 ? 18.501  3.790   0.698   1.00 7.24  ? 170 SER A O   1 
ATOM   1265 C  CB  . SER A 1 170 ? 16.665  2.508   -1.922  1.00 6.63  ? 170 SER A CB  1 
ATOM   1266 O  OG  . SER A 1 170 ? 17.780  3.031   -2.652  1.00 7.26  ? 170 SER A OG  1 
ATOM   1267 N  N   . ASP A 1 171 ? 17.906  1.600   0.707   1.00 7.30  ? 171 ASP A N   1 
ATOM   1268 C  CA  . ASP A 1 171 ? 18.985  1.173   1.608   1.00 8.37  ? 171 ASP A CA  1 
ATOM   1269 C  C   . ASP A 1 171 ? 19.965  0.198   0.938   1.00 8.42  ? 171 ASP A C   1 
ATOM   1270 O  O   . ASP A 1 171 ? 19.673  -0.991  0.833   1.00 7.63  ? 171 ASP A O   1 
ATOM   1271 C  CB  . ASP A 1 171 ? 18.384  0.566   2.879   1.00 8.68  ? 171 ASP A CB  1 
ATOM   1272 C  CG  . ASP A 1 171 ? 17.548  1.571   3.667   1.00 12.49 ? 171 ASP A CG  1 
ATOM   1273 O  OD1 . ASP A 1 171 ? 18.108  2.583   4.144   1.00 15.62 ? 171 ASP A OD1 1 
ATOM   1274 O  OD2 . ASP A 1 171 ? 16.326  1.347   3.817   1.00 17.23 ? 171 ASP A OD2 1 
ATOM   1275 N  N   . PRO A 1 172 ? 21.133  0.696   0.477   1.00 8.16  ? 172 PRO A N   1 
ATOM   1276 C  CA  . PRO A 1 172 ? 21.590  2.088   0.483   1.00 8.47  ? 172 PRO A CA  1 
ATOM   1277 C  C   . PRO A 1 172 ? 20.952  2.859   -0.692  1.00 8.29  ? 172 PRO A C   1 
ATOM   1278 O  O   . PRO A 1 172 ? 20.261  2.256   -1.508  1.00 7.73  ? 172 PRO A O   1 
ATOM   1279 C  CB  . PRO A 1 172 ? 23.103  1.949   0.280   1.00 8.57  ? 172 PRO A CB  1 
ATOM   1280 C  CG  . PRO A 1 172 ? 23.253  0.732   -0.557  1.00 9.15  ? 172 PRO A CG  1 
ATOM   1281 C  CD  . PRO A 1 172 ? 22.129  -0.201  -0.148  1.00 8.87  ? 172 PRO A CD  1 
ATOM   1282 N  N   . PRO A 1 173 ? 21.152  4.187   -0.764  1.00 8.86  ? 173 PRO A N   1 
ATOM   1283 C  CA  . PRO A 1 173 ? 20.551  4.961   -1.848  1.00 8.95  ? 173 PRO A CA  1 
ATOM   1284 C  C   . PRO A 1 173 ? 21.103  4.630   -3.244  1.00 8.63  ? 173 PRO A C   1 
ATOM   1285 O  O   . PRO A 1 173 ? 22.255  4.192   -3.383  1.00 9.29  ? 173 PRO A O   1 
ATOM   1286 C  CB  . PRO A 1 173 ? 20.881  6.414   -1.466  1.00 9.42  ? 173 PRO A CB  1 
ATOM   1287 C  CG  . PRO A 1 173 ? 21.111  6.371   0.020   1.00 9.68  ? 173 PRO A CG  1 
ATOM   1288 C  CD  . PRO A 1 173 ? 21.844  5.065   0.201   1.00 9.30  ? 173 PRO A CD  1 
ATOM   1289 N  N   . ILE A 1 174 ? 20.263  4.811   -4.262  1.00 8.65  ? 174 ILE A N   1 
ATOM   1290 C  CA  . ILE A 1 174 ? 20.702  4.747   -5.663  1.00 8.59  ? 174 ILE A CA  1 
ATOM   1291 C  C   . ILE A 1 174 ? 21.823  5.786   -5.893  1.00 9.06  ? 174 ILE A C   1 
ATOM   1292 O  O   . ILE A 1 174 ? 21.680  6.932   -5.461  1.00 8.70  ? 174 ILE A O   1 
ATOM   1293 C  CB  . ILE A 1 174 ? 19.508  5.009   -6.631  1.00 8.56  ? 174 ILE A CB  1 
ATOM   1294 C  CG1 . ILE A 1 174 ? 18.419  3.941   -6.422  1.00 7.90  ? 174 ILE A CG1 1 
ATOM   1295 C  CG2 . ILE A 1 174 ? 19.962  5.018   -8.092  1.00 8.66  ? 174 ILE A CG2 1 
ATOM   1296 C  CD1 . ILE A 1 174 ? 17.084  4.224   -7.133  1.00 8.36  ? 174 ILE A CD1 1 
ATOM   1297 N  N   . PRO A 1 175 ? 22.928  5.392   -6.565  1.00 9.44  ? 175 PRO A N   1 
ATOM   1298 C  CA  . PRO A 1 175 ? 24.016  6.372   -6.756  1.00 9.55  ? 175 PRO A CA  1 
ATOM   1299 C  C   . PRO A 1 175 ? 23.570  7.662   -7.446  1.00 8.86  ? 175 PRO A C   1 
ATOM   1300 O  O   . PRO A 1 175 ? 22.796  7.631   -8.403  1.00 8.75  ? 175 PRO A O   1 
ATOM   1301 C  CB  . PRO A 1 175 ? 25.016  5.627   -7.645  1.00 9.83  ? 175 PRO A CB  1 
ATOM   1302 C  CG  . PRO A 1 175 ? 24.783  4.162   -7.337  1.00 10.54 ? 175 PRO A CG  1 
ATOM   1303 C  CD  . PRO A 1 175 ? 23.271  4.079   -7.149  1.00 9.51  ? 175 PRO A CD  1 
ATOM   1304 N  N   . THR A 1 176 ? 24.088  8.791   -6.973  1.00 9.11  ? 176 THR A N   1 
ATOM   1305 C  CA  . THR A 1 176 ? 23.760  10.089  -7.582  1.00 9.91  ? 176 THR A CA  1 
ATOM   1306 C  C   . THR A 1 176 ? 23.939  10.165  -9.125  1.00 10.20 ? 176 THR A C   1 
ATOM   1307 O  O   . THR A 1 176 ? 23.036  10.656  -9.823  1.00 9.46  ? 176 THR A O   1 
ATOM   1308 C  CB  . THR A 1 176 ? 24.430  11.262  -6.814  1.00 9.96  ? 176 THR A CB  1 
ATOM   1309 O  OG1 . THR A 1 176 ? 23.863  11.340  -5.501  1.00 10.79 ? 176 THR A OG1 1 
ATOM   1310 C  CG2 . THR A 1 176 ? 24.246  12.612  -7.543  1.00 10.48 ? 176 THR A CG2 1 
ATOM   1311 N  N   . PRO A 1 177 ? 25.088  9.700   -9.675  1.00 9.91  ? 177 PRO A N   1 
ATOM   1312 C  CA  . PRO A 1 177 ? 25.241  9.686   -11.143 1.00 10.27 ? 177 PRO A CA  1 
ATOM   1313 C  C   . PRO A 1 177 ? 24.196  8.879   -11.934 1.00 10.03 ? 177 PRO A C   1 
ATOM   1314 O  O   . PRO A 1 177 ? 23.926  9.197   -13.099 1.00 10.35 ? 177 PRO A O   1 
ATOM   1315 C  CB  . PRO A 1 177 ? 26.649  9.095   -11.348 1.00 10.74 ? 177 PRO A CB  1 
ATOM   1316 C  CG  . PRO A 1 177 ? 27.364  9.400   -10.090 1.00 10.83 ? 177 PRO A CG  1 
ATOM   1317 C  CD  . PRO A 1 177 ? 26.328  9.256   -9.003  1.00 10.91 ? 177 PRO A CD  1 
ATOM   1318 N  N   . VAL A 1 178 ? 23.636  7.830   -11.323 1.00 9.36  ? 178 VAL A N   1 
ATOM   1319 C  CA  . VAL A 1 178 ? 22.543  7.095   -11.961 1.00 9.22  ? 178 VAL A CA  1 
ATOM   1320 C  C   . VAL A 1 178 ? 21.319  8.009   -12.016 1.00 8.84  ? 178 VAL A C   1 
ATOM   1321 O  O   . VAL A 1 178 ? 20.655  8.102   -13.054 1.00 9.25  ? 178 VAL A O   1 
ATOM   1322 C  CB  . VAL A 1 178 ? 22.198  5.760   -11.234 1.00 9.38  ? 178 VAL A CB  1 
ATOM   1323 C  CG1 . VAL A 1 178 ? 20.966  5.088   -11.870 1.00 10.20 ? 178 VAL A CG1 1 
ATOM   1324 C  CG2 . VAL A 1 178 ? 23.394  4.799   -11.264 1.00 9.96  ? 178 VAL A CG2 1 
ATOM   1325 N  N   . LEU A 1 179 ? 21.030  8.678   -10.897 1.00 8.52  ? 179 LEU A N   1 
ATOM   1326 C  CA  . LEU A 1 179 ? 19.870  9.579   -10.830 1.00 8.51  ? 179 LEU A CA  1 
ATOM   1327 C  C   . LEU A 1 179 ? 20.003  10.859  -11.679 1.00 9.06  ? 179 LEU A C   1 
ATOM   1328 O  O   . LEU A 1 179 ? 19.006  11.342  -12.235 1.00 9.63  ? 179 LEU A O   1 
ATOM   1329 C  CB  . LEU A 1 179 ? 19.484  9.880   -9.372  1.00 8.11  ? 179 LEU A CB  1 
ATOM   1330 C  CG  . LEU A 1 179 ? 18.918  8.694   -8.567  1.00 7.53  ? 179 LEU A CG  1 
ATOM   1331 C  CD1 . LEU A 1 179 ? 18.779  9.031   -7.088  1.00 8.22  ? 179 LEU A CD1 1 
ATOM   1332 C  CD2 . LEU A 1 179 ? 17.587  8.205   -9.148  1.00 7.71  ? 179 LEU A CD2 1 
ATOM   1333 N  N   . THR A 1 180 ? 21.216  11.405  -11.811 1.00 9.08  ? 180 THR A N   1 
ATOM   1334 C  CA  . THR A 1 180 ? 21.388  12.582  -12.686 1.00 9.47  ? 180 THR A CA  1 
ATOM   1335 C  C   . THR A 1 180 ? 21.129  12.235  -14.147 1.00 9.58  ? 180 THR A C   1 
ATOM   1336 O  O   . THR A 1 180 ? 20.527  13.021  -14.868 1.00 10.22 ? 180 THR A O   1 
ATOM   1337 C  CB  . THR A 1 180 ? 22.777  13.279  -12.551 1.00 9.56  ? 180 THR A CB  1 
ATOM   1338 O  OG1 . THR A 1 180 ? 23.830  12.364  -12.892 1.00 11.16 ? 180 THR A OG1 1 
ATOM   1339 C  CG2 . THR A 1 180 ? 22.974  13.835  -11.140 1.00 10.68 ? 180 THR A CG2 1 
ATOM   1340 N  N   . LYS A 1 181 ? 21.562  11.053  -14.583 1.00 9.09  ? 181 LYS A N   1 
ATOM   1341 C  CA  . LYS A 1 181 ? 21.296  10.626  -15.951 1.00 9.20  ? 181 LYS A CA  1 
ATOM   1342 C  C   . LYS A 1 181 ? 19.803  10.342  -16.165 1.00 8.97  ? 181 LYS A C   1 
ATOM   1343 O  O   . LYS A 1 181 ? 19.235  10.729  -17.184 1.00 9.36  ? 181 LYS A O   1 
ATOM   1344 C  CB  . LYS A 1 181 ? 22.145  9.399   -16.320 1.00 9.42  ? 181 LYS A CB  1 
ATOM   1345 C  CG  . LYS A 1 181 ? 22.123  9.029   -17.800 1.00 10.96 ? 181 LYS A CG  1 
ATOM   1346 C  CD  . LYS A 1 181 ? 22.821  10.079  -18.682 1.00 14.08 ? 181 LYS A CD  1 
ATOM   1347 C  CE  . LYS A 1 181 ? 22.950  9.571   -20.103 1.00 16.71 ? 181 LYS A CE  1 
ATOM   1348 N  NZ  . LYS A 1 181 ? 21.614  9.472   -20.718 1.00 20.25 ? 181 LYS A NZ  1 
ATOM   1349 N  N   . ALA A 1 182 ? 19.180  9.670   -15.195 1.00 8.58  ? 182 ALA A N   1 
ATOM   1350 C  CA  . ALA A 1 182 ? 17.770  9.277   -15.301 1.00 8.47  ? 182 ALA A CA  1 
ATOM   1351 C  C   . ALA A 1 182 ? 16.801  10.453  -15.204 1.00 8.72  ? 182 ALA A C   1 
ATOM   1352 O  O   . ALA A 1 182 ? 15.759  10.451  -15.868 1.00 8.51  ? 182 ALA A O   1 
ATOM   1353 C  CB  . ALA A 1 182 ? 17.430  8.236   -14.237 1.00 8.89  ? 182 ALA A CB  1 
ATOM   1354 N  N   . LEU A 1 183 ? 17.138  11.434  -14.363 1.00 8.40  ? 183 LEU A N   1 
ATOM   1355 C  CA  . LEU A 1 183 ? 16.247  12.574  -14.075 1.00 8.86  ? 183 LEU A CA  1 
ATOM   1356 C  C   . LEU A 1 183 ? 16.534  13.842  -14.891 1.00 9.50  ? 183 LEU A C   1 
ATOM   1357 O  O   . LEU A 1 183 ? 15.731  14.789  -14.881 1.00 9.50  ? 183 LEU A O   1 
ATOM   1358 C  CB  . LEU A 1 183 ? 16.234  12.889  -12.565 1.00 8.82  ? 183 LEU A CB  1 
ATOM   1359 C  CG  . LEU A 1 183 ? 15.749  11.766  -11.633 1.00 9.07  ? 183 LEU A CG  1 
ATOM   1360 C  CD1 . LEU A 1 183 ? 15.851  12.169  -10.158 1.00 8.98  ? 183 LEU A CD1 1 
ATOM   1361 C  CD2 . LEU A 1 183 ? 14.318  11.343  -11.977 1.00 10.34 ? 183 LEU A CD2 1 
ATOM   1362 N  N   . ARG A 1 184 ? 17.674  13.845  -15.589 1.00 9.50  ? 184 ARG A N   1 
ATOM   1363 C  CA  . ARG A 1 184 ? 18.068  14.924  -16.521 1.00 10.31 ? 184 ARG A CA  1 
ATOM   1364 C  C   . ARG A 1 184 ? 18.311  16.273  -15.816 1.00 10.75 ? 184 ARG A C   1 
ATOM   1365 O  O   . ARG A 1 184 ? 18.106  17.343  -16.409 1.00 10.87 ? 184 ARG A O   1 
ATOM   1366 C  CB  . ARG A 1 184 ? 17.060  15.043  -17.692 1.00 10.38 ? 184 ARG A CB  1 
ATOM   1367 C  CG  . ARG A 1 184 ? 16.874  13.725  -18.474 1.00 10.73 ? 184 ARG A CG  1 
ATOM   1368 C  CD  . ARG A 1 184 ? 15.638  13.724  -19.368 1.00 10.10 ? 184 ARG A CD  1 
ATOM   1369 N  NE  . ARG A 1 184 ? 15.407  12.380  -19.900 1.00 10.16 ? 184 ARG A NE  1 
ATOM   1370 C  CZ  . ARG A 1 184 ? 14.403  12.038  -20.698 1.00 9.37  ? 184 ARG A CZ  1 
ATOM   1371 N  NH1 . ARG A 1 184 ? 13.522  12.949  -21.118 1.00 9.48  ? 184 ARG A NH1 1 
ATOM   1372 N  NH2 . ARG A 1 184 ? 14.291  10.780  -21.106 1.00 9.41  ? 184 ARG A NH2 1 
ATOM   1373 N  N   . VAL A 1 185 ? 18.754  16.207  -14.556 1.00 11.36 ? 185 VAL A N   1 
ATOM   1374 C  CA  . VAL A 1 185 ? 19.096  17.387  -13.734 1.00 11.98 ? 185 VAL A CA  1 
ATOM   1375 C  C   . VAL A 1 185 ? 20.480  17.251  -13.086 1.00 12.65 ? 185 VAL A C   1 
ATOM   1376 O  O   . VAL A 1 185 ? 21.017  16.148  -12.997 1.00 13.13 ? 185 VAL A O   1 
ATOM   1377 C  CB  . VAL A 1 185 ? 18.031  17.687  -12.636 1.00 11.76 ? 185 VAL A CB  1 
ATOM   1378 C  CG1 . VAL A 1 185 ? 16.672  18.038  -13.270 1.00 12.35 ? 185 VAL A CG1 1 
ATOM   1379 C  CG2 . VAL A 1 185 ? 17.886  16.527  -11.641 1.00 11.09 ? 185 VAL A CG2 1 
ATOM   1380 N  N   . GLU A 1 186 ? 21.035  18.367  -12.611 1.00 13.25 ? 186 GLU A N   1 
ATOM   1381 C  CA  . GLU A 1 186 ? 22.379  18.375  -12.004 1.00 14.57 ? 186 GLU A CA  1 
ATOM   1382 C  C   . GLU A 1 186 ? 22.443  17.704  -10.615 1.00 13.22 ? 186 GLU A C   1 
ATOM   1383 O  O   . GLU A 1 186 ? 21.425  17.562  -9.933  1.00 12.96 ? 186 GLU A O   1 
ATOM   1384 C  CB  . GLU A 1 186 ? 22.929  19.809  -11.941 1.00 14.94 ? 186 GLU A CB  1 
ATOM   1385 C  CG  . GLU A 1 186 ? 22.124  20.754  -11.062 1.00 17.81 ? 186 GLU A CG  1 
ATOM   1386 C  CD  . GLU A 1 186 ? 22.598  22.199  -11.118 1.00 18.68 ? 186 GLU A CD  1 
ATOM   1387 O  OE1 . GLU A 1 186 ? 21.731  23.096  -11.016 1.00 24.75 ? 186 GLU A OE1 1 
ATOM   1388 O  OE2 . GLU A 1 186 ? 23.822  22.443  -11.254 1.00 24.12 ? 186 GLU A OE2 1 
ATOM   1389 N  N   . ALA A 1 187 ? 23.652  17.303  -10.209 1.00 12.77 ? 187 ALA A N   1 
ATOM   1390 C  CA  . ALA A 1 187 ? 23.881  16.620  -8.929  1.00 12.07 ? 187 ALA A CA  1 
ATOM   1391 C  C   . ALA A 1 187 ? 23.259  17.321  -7.717  1.00 11.83 ? 187 ALA A C   1 
ATOM   1392 O  O   . ALA A 1 187 ? 22.693  16.669  -6.835  1.00 11.09 ? 187 ALA A O   1 
ATOM   1393 C  CB  . ALA A 1 187 ? 25.378  16.412  -8.706  1.00 12.28 ? 187 ALA A CB  1 
ATOM   1394 N  N   . GLY A 1 188 ? 23.380  18.648  -7.668  1.00 11.59 ? 188 GLY A N   1 
ATOM   1395 C  CA  . GLY A 1 188 ? 22.800  19.433  -6.577  1.00 11.58 ? 188 GLY A CA  1 
ATOM   1396 C  C   . GLY A 1 188 ? 21.305  19.223  -6.350  1.00 10.78 ? 188 GLY A C   1 
ATOM   1397 O  O   . GLY A 1 188 ? 20.851  19.166  -5.213  1.00 11.34 ? 188 GLY A O   1 
ATOM   1398 N  N   . VAL A 1 189 ? 20.553  19.108  -7.441  1.00 10.80 ? 189 VAL A N   1 
ATOM   1399 C  CA  . VAL A 1 189 ? 19.106  18.842  -7.384  1.00 10.84 ? 189 VAL A CA  1 
ATOM   1400 C  C   . VAL A 1 189 ? 18.842  17.433  -6.834  1.00 10.47 ? 189 VAL A C   1 
ATOM   1401 O  O   . VAL A 1 189 ? 17.992  17.255  -5.957  1.00 10.18 ? 189 VAL A O   1 
ATOM   1402 C  CB  . VAL A 1 189 ? 18.426  19.020  -8.770  1.00 10.96 ? 189 VAL A CB  1 
ATOM   1403 C  CG1 . VAL A 1 189 ? 16.915  18.761  -8.684  1.00 11.50 ? 189 VAL A CG1 1 
ATOM   1404 C  CG2 . VAL A 1 189 ? 18.699  20.422  -9.337  1.00 12.33 ? 189 VAL A CG2 1 
ATOM   1405 N  N   . VAL A 1 190 ? 19.594  16.449  -7.330  1.00 10.39 ? 190 VAL A N   1 
ATOM   1406 C  CA  . VAL A 1 190 ? 19.488  15.075  -6.814  1.00 10.55 ? 190 VAL A CA  1 
ATOM   1407 C  C   . VAL A 1 190 ? 19.809  15.009  -5.312  1.00 10.57 ? 190 VAL A C   1 
ATOM   1408 O  O   . VAL A 1 190 ? 19.055  14.409  -4.532  1.00 10.54 ? 190 VAL A O   1 
ATOM   1409 C  CB  . VAL A 1 190 ? 20.346  14.069  -7.651  1.00 10.33 ? 190 VAL A CB  1 
ATOM   1410 C  CG1 . VAL A 1 190 ? 20.397  12.688  -6.993  1.00 10.24 ? 190 VAL A CG1 1 
ATOM   1411 C  CG2 . VAL A 1 190 ? 19.813  13.963  -9.092  1.00 10.97 ? 190 VAL A CG2 1 
ATOM   1412 N  N   . GLU A 1 191 ? 20.904  15.654  -4.893  1.00 10.55 ? 191 GLU A N   1 
ATOM   1413 C  CA  . GLU A 1 191 ? 21.264  15.669  -3.475  1.00 10.80 ? 191 GLU A CA  1 
ATOM   1414 C  C   . GLU A 1 191 ? 20.223  16.354  -2.578  1.00 10.06 ? 191 GLU A C   1 
ATOM   1415 O  O   . GLU A 1 191 ? 19.989  15.919  -1.452  1.00 10.05 ? 191 GLU A O   1 
ATOM   1416 C  CB  . GLU A 1 191 ? 22.674  16.252  -3.255  1.00 10.94 ? 191 GLU A CB  1 
ATOM   1417 C  CG  . GLU A 1 191 ? 23.807  15.463  -3.942  1.00 12.86 ? 191 GLU A CG  1 
ATOM   1418 C  CD  . GLU A 1 191 ? 24.076  14.065  -3.350  1.00 15.78 ? 191 GLU A CD  1 
ATOM   1419 O  OE1 . GLU A 1 191 ? 23.479  13.695  -2.314  1.00 16.51 ? 191 GLU A OE1 1 
ATOM   1420 O  OE2 . GLU A 1 191 ? 24.909  13.331  -3.938  1.00 17.99 ? 191 GLU A OE2 1 
ATOM   1421 N  N   . LEU A 1 192 ? 19.607  17.431  -3.068  1.00 10.13 ? 192 LEU A N   1 
ATOM   1422 C  CA  . LEU A 1 192 ? 18.489  18.052  -2.347  1.00 10.58 ? 192 LEU A CA  1 
ATOM   1423 C  C   . LEU A 1 192 ? 17.335  17.066  -2.114  1.00 10.34 ? 192 LEU A C   1 
ATOM   1424 O  O   . LEU A 1 192 ? 16.814  16.965  -1.009  1.00 10.36 ? 192 LEU A O   1 
ATOM   1425 C  CB  . LEU A 1 192 ? 17.978  19.301  -3.082  1.00 10.50 ? 192 LEU A CB  1 
ATOM   1426 C  CG  . LEU A 1 192 ? 16.753  20.034  -2.511  1.00 11.23 ? 192 LEU A CG  1 
ATOM   1427 C  CD1 . LEU A 1 192 ? 17.080  20.696  -1.186  1.00 12.18 ? 192 LEU A CD1 1 
ATOM   1428 C  CD2 . LEU A 1 192 ? 16.225  21.074  -3.489  1.00 11.19 ? 192 LEU A CD2 1 
ATOM   1429 N  N   . LEU A 1 193 ? 16.945  16.355  -3.169  1.00 9.91  ? 193 LEU A N   1 
ATOM   1430 C  CA  . LEU A 1 193 ? 15.877  15.356  -3.065  1.00 9.98  ? 193 LEU A CA  1 
ATOM   1431 C  C   . LEU A 1 193 ? 16.232  14.229  -2.076  1.00 9.57  ? 193 LEU A C   1 
ATOM   1432 O  O   . LEU A 1 193 ? 15.413  13.868  -1.232  1.00 9.00  ? 193 LEU A O   1 
ATOM   1433 C  CB  . LEU A 1 193 ? 15.505  14.817  -4.460  1.00 9.56  ? 193 LEU A CB  1 
ATOM   1434 C  CG  . LEU A 1 193 ? 14.667  15.758  -5.349  1.00 10.35 ? 193 LEU A CG  1 
ATOM   1435 C  CD1 . LEU A 1 193 ? 14.933  15.550  -6.839  1.00 9.66  ? 193 LEU A CD1 1 
ATOM   1436 C  CD2 . LEU A 1 193 ? 13.171  15.651  -5.032  1.00 11.35 ? 193 LEU A CD2 1 
ATOM   1437 N  N   . LYS A 1 194 ? 17.454  13.700  -2.159  1.00 9.76  ? 194 LYS A N   1 
ATOM   1438 C  CA  . LYS A 1 194 ? 17.912  12.682  -1.198  1.00 10.25 ? 194 LYS A CA  1 
ATOM   1439 C  C   . LYS A 1 194 ? 17.849  13.156  0.261   1.00 10.31 ? 194 LYS A C   1 
ATOM   1440 O  O   . LYS A 1 194 ? 17.514  12.380  1.154   1.00 10.34 ? 194 LYS A O   1 
ATOM   1441 C  CB  . LYS A 1 194 ? 19.328  12.180  -1.528  1.00 10.34 ? 194 LYS A CB  1 
ATOM   1442 C  CG  . LYS A 1 194 ? 19.442  11.273  -2.770  1.00 11.24 ? 194 LYS A CG  1 
ATOM   1443 C  CD  . LYS A 1 194 ? 20.907  10.819  -2.953  1.00 10.63 ? 194 LYS A CD  1 
ATOM   1444 C  CE  . LYS A 1 194 ? 21.078  9.783   -4.052  1.00 11.47 ? 194 LYS A CE  1 
ATOM   1445 N  NZ  . LYS A 1 194 ? 22.470  9.207   -4.028  1.00 10.40 ? 194 LYS A NZ  1 
ATOM   1446 N  N   . SER A 1 195 ? 18.170  14.431  0.505   1.00 10.36 ? 195 SER A N   1 
ATOM   1447 C  CA  . SER A 1 195 ? 18.189  14.957  1.872   1.00 11.11 ? 195 SER A CA  1 
ATOM   1448 C  C   . SER A 1 195 ? 16.810  14.905  2.531   1.00 11.29 ? 195 SER A C   1 
ATOM   1449 O  O   . SER A 1 195 ? 16.700  14.876  3.758   1.00 12.07 ? 195 SER A O   1 
ATOM   1450 C  CB  . SER A 1 195 ? 18.749  16.392  1.901   1.00 10.90 ? 195 SER A CB  1 
ATOM   1451 O  OG  . SER A 1 195 ? 17.768  17.336  1.497   1.00 12.00 ? 195 SER A OG  1 
ATOM   1452 N  N   . LYS A 1 196 ? 15.757  14.881  1.714   1.00 10.91 ? 196 LYS A N   1 
ATOM   1453 C  CA  . LYS A 1 196 ? 14.383  14.847  2.233   1.00 11.23 ? 196 LYS A CA  1 
ATOM   1454 C  C   . LYS A 1 196 ? 13.911  13.440  2.636   1.00 11.04 ? 196 LYS A C   1 
ATOM   1455 O  O   . LYS A 1 196 ? 12.907  13.309  3.343   1.00 10.94 ? 196 LYS A O   1 
ATOM   1456 C  CB  . LYS A 1 196 ? 13.394  15.454  1.220   1.00 11.53 ? 196 LYS A CB  1 
ATOM   1457 C  CG  . LYS A 1 196 ? 13.767  16.839  0.672   1.00 12.67 ? 196 LYS A CG  1 
ATOM   1458 C  CD  . LYS A 1 196 ? 13.864  17.891  1.763   1.00 15.20 ? 196 LYS A CD  1 
ATOM   1459 C  CE  . LYS A 1 196 ? 14.309  19.222  1.168   1.00 17.14 ? 196 LYS A CE  1 
ATOM   1460 N  NZ  . LYS A 1 196 ? 14.291  20.315  2.182   1.00 18.56 ? 196 LYS A NZ  1 
ATOM   1461 N  N   . PHE A 1 197 ? 14.624  12.403  2.181   1.00 11.24 ? 197 PHE A N   1 
ATOM   1462 C  CA  . PHE A 1 197 ? 14.233  11.005  2.442   1.00 12.16 ? 197 PHE A CA  1 
ATOM   1463 C  C   . PHE A 1 197 ? 15.277  10.207  3.227   1.00 13.93 ? 197 PHE A C   1 
ATOM   1464 O  O   . PHE A 1 197 ? 15.150  8.986   3.390   1.00 13.99 ? 197 PHE A O   1 
ATOM   1465 C  CB  . PHE A 1 197 ? 13.871  10.297  1.129   1.00 10.62 ? 197 PHE A CB  1 
ATOM   1466 C  CG  . PHE A 1 197 ? 12.648  10.866  0.461   1.00 8.93  ? 197 PHE A CG  1 
ATOM   1467 C  CD1 . PHE A 1 197 ? 12.764  11.931  -0.433  1.00 7.72  ? 197 PHE A CD1 1 
ATOM   1468 C  CD2 . PHE A 1 197 ? 11.384  10.352  0.745   1.00 8.01  ? 197 PHE A CD2 1 
ATOM   1469 C  CE1 . PHE A 1 197 ? 11.633  12.482  -1.048  1.00 6.54  ? 197 PHE A CE1 1 
ATOM   1470 C  CE2 . PHE A 1 197 ? 10.243  10.893  0.136   1.00 7.25  ? 197 PHE A CE2 1 
ATOM   1471 C  CZ  . PHE A 1 197 ? 10.371  11.960  -0.757  1.00 7.84  ? 197 PHE A CZ  1 
ATOM   1472 N  N   . ALA A 1 198 ? 16.287  10.918  3.737   1.00 15.96 ? 198 ALA A N   1 
ATOM   1473 C  CA  . ALA A 1 198 ? 17.396  10.312  4.497   1.00 17.89 ? 198 ALA A CA  1 
ATOM   1474 C  C   . ALA A 1 198 ? 16.975  9.634   5.809   1.00 19.06 ? 198 ALA A C   1 
ATOM   1475 O  O   . ALA A 1 198 ? 17.632  8.685   6.263   1.00 19.79 ? 198 ALA A O   1 
ATOM   1476 C  CB  . ALA A 1 198 ? 18.474  11.354  4.760   1.00 18.10 ? 198 ALA A CB  1 
ATOM   1477 N  N   . GLY A 1 199 ? 15.887  10.119  6.407   1.00 20.18 ? 199 GLY A N   1 
ATOM   1478 C  CA  . GLY A 1 199 ? 15.373  9.593   7.677   1.00 21.81 ? 199 GLY A CA  1 
ATOM   1479 C  C   . GLY A 1 199 ? 14.679  8.243   7.599   1.00 22.76 ? 199 GLY A C   1 
ATOM   1480 O  O   . GLY A 1 199 ? 14.369  7.639   8.633   1.00 23.44 ? 199 GLY A O   1 
ATOM   1481 N  N   . GLY A 1 200 ? 14.411  7.772   6.383   1.00 23.42 ? 200 GLY A N   1 
ATOM   1482 C  CA  . GLY A 1 200 ? 13.867  6.425   6.175   1.00 24.00 ? 200 GLY A CA  1 
ATOM   1483 C  C   . GLY A 1 200 ? 12.360  6.301   6.003   1.00 24.35 ? 200 GLY A C   1 
ATOM   1484 O  O   . GLY A 1 200 ? 11.838  5.195   5.860   1.00 24.58 ? 200 GLY A O   1 
ATOM   1485 N  N   . SER A 1 201 ? 11.654  7.425   6.026   1.00 24.62 ? 201 SER A N   1 
ATOM   1486 C  CA  . SER A 1 201 ? 10.216  7.426   5.766   1.00 24.81 ? 201 SER A CA  1 
ATOM   1487 C  C   . SER A 1 201 ? 9.841   8.659   4.956   1.00 24.80 ? 201 SER A C   1 
ATOM   1488 O  O   . SER A 1 201 ? 8.725   8.769   4.441   1.00 24.75 ? 201 SER A O   1 
ATOM   1489 C  CB  . SER A 1 201 ? 9.421   7.366   7.078   1.00 25.02 ? 201 SER A CB  1 
ATOM   1490 O  OG  . SER A 1 201 ? 9.624   8.527   7.869   1.00 26.43 ? 201 SER A OG  1 
ATOM   1491 O  OXT . SER A 1 201 ? 10.661  9.565   4.795   1.00 24.56 ? 201 SER A OXT 1 
HETATM 1492 MN MN  . MN  B 2 .   ? -2.669  1.589   -3.433  1.00 3.33  ? 202 MN  A MN  1 
HETATM 1493 C  C1  . GLV C 3 .   ? -2.733  1.317   1.112   1.00 12.53 ? 203 GLV A C1  1 
HETATM 1494 O  O1  . GLV C 3 .   ? -1.903  0.158   1.012   1.00 15.20 ? 203 GLV A O1  1 
HETATM 1495 C  C2  . GLV C 3 .   ? -2.984  1.858   -0.261  1.00 10.41 ? 203 GLV A C2  1 
HETATM 1496 O  O2  . GLV C 3 .   ? -3.515  2.994   -0.391  1.00 11.49 ? 203 GLV A O2  1 
HETATM 1497 O  O3  . GLV C 3 .   ? -2.677  1.131   -1.225  1.00 6.02  ? 203 GLV A O3  1 
HETATM 1498 O  O   . HOH D 4 .   ? -5.101  -30.633 0.245   1.00 3.13  ? 204 HOH A O   1 
HETATM 1499 O  O   . HOH D 4 .   ? -0.423  -0.901  -8.324  1.00 3.12  ? 205 HOH A O   1 
HETATM 1500 O  O   . HOH D 4 .   ? 0.691   -19.404 2.263   1.00 3.97  ? 206 HOH A O   1 
HETATM 1501 O  O   . HOH D 4 .   ? -6.489  -14.204 12.135  1.00 6.38  ? 207 HOH A O   1 
HETATM 1502 O  O   . HOH D 4 .   ? -3.507  -15.957 -0.565  1.00 3.07  ? 208 HOH A O   1 
HETATM 1503 O  O   . HOH D 4 .   ? -7.012  -22.620 3.517   1.00 3.61  ? 209 HOH A O   1 
HETATM 1504 O  O   . HOH D 4 .   ? 3.454   4.190   -16.364 1.00 3.73  ? 210 HOH A O   1 
HETATM 1505 O  O   . HOH D 4 .   ? -2.843  -2.205  -7.907  1.00 5.01  ? 211 HOH A O   1 
HETATM 1506 O  O   . HOH D 4 .   ? 14.601  8.698   -17.709 1.00 6.09  ? 212 HOH A O   1 
HETATM 1507 O  O   . HOH D 4 .   ? 1.786   3.251   -14.208 1.00 5.11  ? 213 HOH A O   1 
HETATM 1508 O  O   . HOH D 4 .   ? -19.775 3.478   -5.494  1.00 6.05  ? 214 HOH A O   1 
HETATM 1509 O  O   . HOH D 4 .   ? 1.254   -22.289 2.832   1.00 5.65  ? 215 HOH A O   1 
HETATM 1510 O  O   . HOH D 4 .   ? -6.595  -19.286 6.456   1.00 4.03  ? 216 HOH A O   1 
HETATM 1511 O  O   . HOH D 4 .   ? -2.780  -5.520  2.565   1.00 7.54  ? 217 HOH A O   1 
HETATM 1512 O  O   . HOH D 4 .   ? 7.377   8.074   -0.693  1.00 6.38  ? 218 HOH A O   1 
HETATM 1513 O  O   . HOH D 4 .   ? -12.980 -17.822 12.759  1.00 6.22  ? 219 HOH A O   1 
HETATM 1514 O  O   . HOH D 4 .   ? -0.618  -18.712 -8.650  1.00 6.34  ? 220 HOH A O   1 
HETATM 1515 O  O   . HOH D 4 .   ? -4.173  3.208   -2.940  1.00 4.95  ? 221 HOH A O   1 
HETATM 1516 O  O   . HOH D 4 .   ? -2.568  -11.641 -6.599  1.00 5.25  ? 222 HOH A O   1 
HETATM 1517 O  O   . HOH D 4 .   ? -16.236 -16.643 16.006  1.00 11.87 ? 223 HOH A O   1 
HETATM 1518 O  O   . HOH D 4 .   ? -8.883  -24.710 18.477  1.00 7.99  ? 224 HOH A O   1 
HETATM 1519 O  O   . HOH D 4 .   ? 5.832   -17.390 8.912   1.00 9.93  ? 225 HOH A O   1 
HETATM 1520 O  O   . HOH D 4 .   ? -5.026  15.407  -11.791 1.00 9.95  ? 226 HOH A O   1 
HETATM 1521 O  O   . HOH D 4 .   ? -4.759  4.529   8.843   1.00 10.11 ? 227 HOH A O   1 
HETATM 1522 O  O   . HOH D 4 .   ? -2.067  -18.149 -1.669  1.00 3.45  ? 228 HOH A O   1 
HETATM 1523 O  O   . HOH D 4 .   ? 2.809   -22.363 0.521   1.00 6.52  ? 229 HOH A O   1 
HETATM 1524 O  O   . HOH D 4 .   ? -0.735  -19.964 -0.165  1.00 5.04  ? 230 HOH A O   1 
HETATM 1525 O  O   . HOH D 4 .   ? 6.876   -9.653  -6.448  1.00 9.72  ? 231 HOH A O   1 
HETATM 1526 O  O   . HOH D 4 .   ? -10.286 -22.053 1.549   1.00 5.78  ? 232 HOH A O   1 
HETATM 1527 O  O   . HOH D 4 .   ? -4.866  -26.349 7.410   1.00 6.73  ? 233 HOH A O   1 
HETATM 1528 O  O   . HOH D 4 .   ? -11.517 15.872  2.836   1.00 9.94  ? 234 HOH A O   1 
HETATM 1529 O  O   . HOH D 4 .   ? 6.032   4.149   -18.890 1.00 6.45  ? 235 HOH A O   1 
HETATM 1530 O  O   . HOH D 4 .   ? 7.201   -18.513 5.191   1.00 6.25  ? 236 HOH A O   1 
HETATM 1531 O  O   . HOH D 4 .   ? 8.639   -16.698 3.073   1.00 8.94  ? 237 HOH A O   1 
HETATM 1532 O  O   . HOH D 4 .   ? -9.870  -23.622 -6.572  1.00 9.05  ? 238 HOH A O   1 
HETATM 1533 O  O   . HOH D 4 .   ? -10.559 -28.455 4.601   1.00 9.70  ? 239 HOH A O   1 
HETATM 1534 O  O   . HOH D 4 .   ? 0.705   -13.140 -5.745  1.00 6.88  ? 240 HOH A O   1 
HETATM 1535 O  O   . HOH D 4 .   ? 17.341  10.420  -19.277 1.00 12.94 ? 241 HOH A O   1 
HETATM 1536 O  O   . HOH D 4 .   ? -15.108 -14.777 17.654  1.00 12.26 ? 242 HOH A O   1 
HETATM 1537 O  O   . HOH D 4 .   ? 3.084   -25.907 10.836  1.00 9.35  ? 243 HOH A O   1 
HETATM 1538 O  O   . HOH D 4 .   ? -5.306  4.254   -21.875 1.00 19.07 ? 244 HOH A O   1 
HETATM 1539 O  O   . HOH D 4 .   ? -4.388  -18.720 -8.590  1.00 11.99 ? 245 HOH A O   1 
HETATM 1540 O  O   . HOH D 4 .   ? 2.469   -9.620  4.999   1.00 9.84  ? 246 HOH A O   1 
HETATM 1541 O  O   . HOH D 4 .   ? 17.628  5.661   -3.430  1.00 8.68  ? 247 HOH A O   1 
HETATM 1542 O  O   . HOH D 4 .   ? 6.321   -14.798 2.981   1.00 8.28  ? 248 HOH A O   1 
HETATM 1543 O  O   . HOH D 4 .   ? -5.808  -18.320 15.441  1.00 9.56  ? 249 HOH A O   1 
HETATM 1544 O  O   . HOH D 4 .   ? -9.052  -26.644 6.887   1.00 10.91 ? 250 HOH A O   1 
HETATM 1545 O  O   . HOH D 4 .   ? 4.982   -23.881 11.165  1.00 11.50 ? 251 HOH A O   1 
HETATM 1546 O  O   . HOH D 4 .   ? 4.382   -22.275 -3.765  1.00 6.37  ? 252 HOH A O   1 
HETATM 1547 O  O   . HOH D 4 .   ? -5.147  -9.061  -11.026 1.00 7.98  ? 253 HOH A O   1 
HETATM 1548 O  O   . HOH D 4 .   ? -9.078  -17.788 18.160  1.00 11.30 ? 254 HOH A O   1 
HETATM 1549 O  O   . HOH D 4 .   ? 3.619   -12.111 4.322   1.00 10.78 ? 255 HOH A O   1 
HETATM 1550 O  O   . HOH D 4 .   ? 6.245   -7.131  -0.090  1.00 13.90 ? 256 HOH A O   1 
HETATM 1551 O  O   . HOH D 4 .   ? -2.409  -3.296  11.639  1.00 15.64 ? 257 HOH A O   1 
HETATM 1552 O  O   . HOH D 4 .   ? 2.257   -27.498 17.477  1.00 16.63 ? 258 HOH A O   1 
HETATM 1553 O  O   . HOH D 4 .   ? 18.282  9.715   1.166   1.00 14.58 ? 259 HOH A O   1 
HETATM 1554 O  O   . HOH D 4 .   ? -0.683  19.939  0.429   1.00 11.75 ? 260 HOH A O   1 
HETATM 1555 O  O   . HOH D 4 .   ? -3.253  -26.683 9.694   1.00 8.07  ? 261 HOH A O   1 
HETATM 1556 O  O   . HOH D 4 .   ? 6.525   -12.295 4.003   1.00 14.74 ? 262 HOH A O   1 
HETATM 1557 O  O   . HOH D 4 .   ? -7.606  -8.805  16.143  1.00 16.35 ? 263 HOH A O   1 
HETATM 1558 O  O   . HOH D 4 .   ? 25.640  10.225  -15.190 1.00 13.65 ? 264 HOH A O   1 
HETATM 1559 O  O   . HOH D 4 .   ? -4.580  -30.065 14.565  1.00 25.93 ? 265 HOH A O   1 
HETATM 1560 O  O   . HOH D 4 .   ? -6.582  -17.732 -2.828  1.00 13.74 ? 266 HOH A O   1 
HETATM 1561 O  O   . HOH D 4 .   ? 26.102  8.710   -4.730  1.00 18.73 ? 267 HOH A O   1 
HETATM 1562 O  O   . HOH D 4 .   ? -17.488 12.911  1.077   1.00 14.73 ? 268 HOH A O   1 
HETATM 1563 O  O   . HOH D 4 .   ? 2.400   -23.749 14.842  1.00 17.74 ? 269 HOH A O   1 
HETATM 1564 O  O   . HOH D 4 .   ? -1.616  -28.845 18.700  1.00 17.44 ? 270 HOH A O   1 
HETATM 1565 O  O   . HOH D 4 .   ? 22.071  14.729  -0.103  1.00 19.59 ? 271 HOH A O   1 
HETATM 1566 O  O   . HOH D 4 .   ? 1.073   7.126   2.972   1.00 13.45 ? 272 HOH A O   1 
HETATM 1567 O  O   . HOH D 4 .   ? 6.647   -9.696  2.779   1.00 19.57 ? 273 HOH A O   1 
HETATM 1568 O  O   . HOH D 4 .   ? 3.113   -27.556 12.934  1.00 17.22 ? 274 HOH A O   1 
HETATM 1569 O  O   . HOH D 4 .   ? 13.590  3.260   2.466   1.00 18.32 ? 275 HOH A O   1 
HETATM 1570 O  O   . HOH D 4 .   ? 1.651   -6.071  1.396   1.00 9.80  ? 276 HOH A O   1 
HETATM 1571 O  O   . HOH D 4 .   ? -0.199  -1.232  9.975   1.00 17.65 ? 277 HOH A O   1 
HETATM 1572 O  O   . HOH D 4 .   ? -7.177  20.819  1.154   1.00 27.26 ? 278 HOH A O   1 
HETATM 1573 O  O   . HOH D 4 .   ? -2.785  21.751  0.047   1.00 19.77 ? 279 HOH A O   1 
HETATM 1574 O  O   . HOH D 4 .   ? -5.917  -16.370 -5.207  1.00 16.85 ? 280 HOH A O   1 
HETATM 1575 O  O   . HOH D 4 .   ? 3.307   -26.167 15.359  1.00 16.74 ? 281 HOH A O   1 
HETATM 1576 O  O   . HOH D 4 .   ? 1.736   -17.266 15.059  1.00 26.03 ? 282 HOH A O   1 
HETATM 1577 O  O   . HOH D 4 .   ? -5.079  2.620   12.871  1.00 18.21 ? 283 HOH A O   1 
HETATM 1578 O  O   . HOH D 4 .   ? 17.110  4.437   5.751   1.00 24.68 ? 284 HOH A O   1 
HETATM 1579 O  O   . HOH D 4 .   ? 2.656   -24.376 18.717  1.00 26.25 ? 285 HOH A O   1 
HETATM 1580 O  O   . HOH D 4 .   ? -10.021 -25.859 16.123  1.00 17.29 ? 286 HOH A O   1 
HETATM 1581 O  O   . HOH D 4 .   ? 7.749   -24.527 11.330  1.00 13.80 ? 287 HOH A O   1 
HETATM 1582 O  O   . HOH D 4 .   ? -17.937 12.827  3.916   1.00 21.65 ? 288 HOH A O   1 
HETATM 1583 O  O   . HOH D 4 .   ? -4.855  1.711   -22.749 1.00 19.02 ? 289 HOH A O   1 
HETATM 1584 O  O   . HOH D 4 .   ? 16.077  6.342   3.780   1.00 23.07 ? 290 HOH A O   1 
HETATM 1585 O  O   . HOH D 4 .   ? -1.312  9.556   -24.174 1.00 22.05 ? 291 HOH A O   1 
HETATM 1586 O  O   . HOH D 4 .   ? 1.426   -26.438 21.217  1.00 22.92 ? 292 HOH A O   1 
HETATM 1587 O  O   . HOH D 4 .   ? 9.019   -16.242 6.167   1.00 25.64 ? 293 HOH A O   1 
HETATM 1588 O  O   . HOH D 4 .   ? 5.329   10.025  5.707   1.00 16.96 ? 294 HOH A O   1 
HETATM 1589 O  O   . HOH D 4 .   ? -0.231  -4.147  2.341   1.00 10.47 ? 295 HOH A O   1 
HETATM 1590 O  O   . HOH D 4 .   ? 20.373  13.026  -18.627 1.00 19.92 ? 296 HOH A O   1 
HETATM 1591 O  O   . HOH D 4 .   ? 1.720   -11.576 -3.031  1.00 11.10 ? 297 HOH A O   1 
HETATM 1592 O  O   . HOH D 4 .   ? 1.823   4.867   7.331   1.00 18.19 ? 298 HOH A O   1 
HETATM 1593 O  O   . HOH D 4 .   ? -11.453 26.563  0.620   1.00 23.53 ? 299 HOH A O   1 
HETATM 1594 O  O   . HOH D 4 .   ? 3.590   -10.275 12.158  1.00 18.74 ? 300 HOH A O   1 
HETATM 1595 O  O   . HOH D 4 .   ? -0.960  5.183   13.097  1.00 21.63 ? 301 HOH A O   1 
HETATM 1596 O  O   . HOH D 4 .   ? -6.037  -9.040  13.073  1.00 18.73 ? 302 HOH A O   1 
HETATM 1597 O  O   . HOH D 4 .   ? -8.797  -12.175 15.390  1.00 23.47 ? 303 HOH A O   1 
HETATM 1598 O  O   . HOH D 4 .   ? 6.240   7.170   1.813   1.00 16.89 ? 304 HOH A O   1 
HETATM 1599 O  O   . HOH D 4 .   ? 19.896  4.481   3.162   1.00 26.25 ? 305 HOH A O   1 
HETATM 1600 O  O   . HOH D 4 .   ? -6.864  -28.363 7.380   1.00 19.94 ? 306 HOH A O   1 
HETATM 1601 O  O   . HOH D 4 .   ? 7.767   -16.432 10.301  1.00 27.13 ? 307 HOH A O   1 
HETATM 1602 O  O   . HOH D 4 .   ? 2.898   -3.143  -23.174 1.00 20.72 ? 308 HOH A O   1 
HETATM 1603 O  O   . HOH D 4 .   ? 25.349  20.292  -9.115  1.00 23.96 ? 309 HOH A O   1 
HETATM 1604 O  O   . HOH D 4 .   ? -3.952  11.953  13.407  1.00 21.39 ? 310 HOH A O   1 
HETATM 1605 O  O   . HOH D 4 .   ? 17.047  19.583  2.967   1.00 23.84 ? 311 HOH A O   1 
HETATM 1606 O  O   . HOH D 4 .   ? -21.035 11.175  -2.005  1.00 18.68 ? 312 HOH A O   1 
HETATM 1607 O  O   . HOH D 4 .   ? -0.387  -10.124 13.728  1.00 21.45 ? 313 HOH A O   1 
HETATM 1608 O  O   . HOH D 4 .   ? -16.158 19.996  -6.897  1.00 23.76 ? 314 HOH A O   1 
HETATM 1609 O  O   . HOH D 4 .   ? -15.169 14.542  -9.240  1.00 24.14 ? 315 HOH A O   1 
HETATM 1610 O  O   . HOH D 4 .   ? 22.061  20.229  -2.857  1.00 23.64 ? 316 HOH A O   1 
HETATM 1611 O  O   . HOH D 4 .   ? -19.004 13.179  -5.682  1.00 22.96 ? 317 HOH A O   1 
HETATM 1612 O  O   . HOH D 4 .   ? 20.104  7.523   6.224   1.00 30.81 ? 318 HOH A O   1 
HETATM 1613 O  O   . HOH D 4 .   ? 22.050  15.762  -15.860 1.00 26.45 ? 319 HOH A O   1 
HETATM 1614 O  O   . HOH D 4 .   ? -5.734  22.205  3.151   1.00 31.57 ? 320 HOH A O   1 
HETATM 1615 O  O   . HOH D 4 .   ? 23.776  8.618   -1.669  1.00 26.36 ? 321 HOH A O   1 
HETATM 1616 O  O   . HOH D 4 .   ? -0.740  17.462  5.385   1.00 27.46 ? 322 HOH A O   1 
HETATM 1617 O  O   . HOH D 4 .   ? -4.005  -1.699  13.830  1.00 31.00 ? 323 HOH A O   1 
HETATM 1618 O  O   . HOH D 4 .   ? 7.969   -18.547 7.909   1.00 19.36 ? 324 HOH A O   1 
HETATM 1619 O  O   . HOH D 4 .   ? 3.854   -0.731  -21.675 1.00 9.62  ? 325 HOH A O   1 
HETATM 1620 O  O   . HOH D 4 .   ? -1.413  3.147   11.308  1.00 26.14 ? 326 HOH A O   1 
HETATM 1621 O  O   . HOH D 4 .   ? 12.024  15.411  5.005   1.00 25.10 ? 327 HOH A O   1 
HETATM 1622 O  O   . HOH D 4 .   ? 2.358   16.451  6.590   1.00 27.74 ? 328 HOH A O   1 
HETATM 1623 O  O   . HOH D 4 .   ? 3.794   -11.371 14.650  1.00 24.64 ? 329 HOH A O   1 
HETATM 1624 O  O   . HOH D 4 .   ? -18.438 15.439  0.160   1.00 24.83 ? 330 HOH A O   1 
HETATM 1625 O  O   . HOH D 4 .   ? 5.941   -25.487 15.171  1.00 38.31 ? 331 HOH A O   1 
HETATM 1626 O  O   . HOH D 4 .   ? -19.409 6.501   3.710   1.00 29.60 ? 332 HOH A O   1 
HETATM 1627 O  O   . HOH D 4 .   ? -0.951  -2.537  0.184   1.00 32.64 ? 333 HOH A O   1 
HETATM 1628 O  O   . HOH D 4 .   ? -0.182  16.676  8.541   1.00 27.73 ? 334 HOH A O   1 
HETATM 1629 O  O   . HOH D 4 .   ? 21.095  10.047  1.377   1.00 25.15 ? 335 HOH A O   1 
HETATM 1630 O  O   . HOH D 4 .   ? -10.457 6.620   15.485  1.00 26.85 ? 336 HOH A O   1 
HETATM 1631 O  O   . HOH D 4 .   ? -14.208 19.389  2.681   1.00 32.16 ? 337 HOH A O   1 
HETATM 1632 O  O   . HOH D 4 .   ? 4.159   -2.560  3.343   1.00 24.95 ? 338 HOH A O   1 
HETATM 1633 O  O   . HOH D 4 .   ? 18.835  14.967  5.489   1.00 30.39 ? 339 HOH A O   1 
HETATM 1634 O  O   . HOH D 4 .   ? -8.852  22.749  7.159   1.00 30.95 ? 340 HOH A O   1 
HETATM 1635 O  O   . HOH D 4 .   ? -6.204  16.338  10.760  1.00 31.67 ? 341 HOH A O   1 
HETATM 1636 O  O   . HOH D 4 .   ? -20.962 14.772  -7.100  1.00 31.65 ? 342 HOH A O   1 
HETATM 1637 O  O   . HOH D 4 .   ? -3.129  -18.900 15.808  1.00 31.35 ? 343 HOH A O   1 
HETATM 1638 O  O   . HOH D 4 .   ? 2.604   5.977   9.591   1.00 41.17 ? 344 HOH A O   1 
HETATM 1639 O  O   . HOH D 4 .   ? 12.872  -19.645 8.790   1.00 30.08 ? 345 HOH A O   1 
HETATM 1640 O  O   . HOH D 4 .   ? -22.527 7.885   0.649   1.00 28.84 ? 346 HOH A O   1 
HETATM 1641 O  O   . HOH D 4 .   ? 3.023   8.096   6.029   1.00 20.78 ? 347 HOH A O   1 
HETATM 1642 O  O   . HOH D 4 .   ? -6.339  10.539  12.782  1.00 25.37 ? 348 HOH A O   1 
HETATM 1643 O  O   . HOH D 4 .   ? -2.071  15.336  11.385  1.00 31.10 ? 349 HOH A O   1 
HETATM 1644 O  O   . HOH D 4 .   ? 21.167  6.756   3.470   1.00 30.17 ? 350 HOH A O   1 
HETATM 1645 O  O   . HOH D 4 .   ? 21.098  19.028  0.000   1.00 29.79 ? 351 HOH A O   1 
HETATM 1646 O  O   . HOH D 4 .   ? -3.460  19.937  7.323   1.00 32.41 ? 352 HOH A O   1 
HETATM 1647 O  O   . HOH D 4 .   ? -21.987 10.598  -5.307  1.00 33.89 ? 353 HOH A O   1 
HETATM 1648 O  O   . HOH D 4 .   ? 21.148  12.886  2.033   1.00 20.50 ? 354 HOH A O   1 
HETATM 1649 O  O   . HOH D 4 .   ? -6.730  -13.688 -5.454  1.00 8.85  ? 355 HOH A O   1 
HETATM 1650 O  O   . HOH D 4 .   ? 22.828  17.072  1.018   1.00 30.41 ? 356 HOH A O   1 
HETATM 1651 O  O   . HOH D 4 .   ? 24.293  2.620   -4.312  1.00 23.38 ? 357 HOH A O   1 
HETATM 1652 O  O   . HOH D 4 .   ? -3.497  -29.648 11.282  1.00 28.06 ? 358 HOH A O   1 
HETATM 1653 O  O   . HOH D 4 .   ? -2.442  -20.174 18.024  1.00 22.74 ? 359 HOH A O   1 
HETATM 1654 O  O   . HOH D 4 .   ? -0.585  -16.683 14.124  1.00 28.66 ? 360 HOH A O   1 
HETATM 1655 O  O   . HOH D 4 .   ? 1.272   7.084   11.525  1.00 24.49 ? 361 HOH A O   1 
HETATM 1656 O  O   . HOH D 4 .   ? -12.493 -1.910  0.496   1.00 25.79 ? 362 HOH A O   1 
HETATM 1657 O  O   . HOH D 4 .   ? -14.672 2.756   6.977   1.00 41.74 ? 363 HOH A O   1 
HETATM 1658 O  O   . HOH D 4 .   ? -15.627 8.915   -13.655 1.00 19.18 ? 364 HOH A O   1 
HETATM 1659 O  O   . HOH D 4 .   ? -18.388 13.243  -12.733 1.00 29.91 ? 365 HOH A O   1 
HETATM 1660 O  O   . HOH D 4 .   ? 19.511  20.908  -13.098 1.00 19.95 ? 366 HOH A O   1 
# 
